data_4HVR
# 
_entry.id   4HVR 
# 
_audit_conform.dict_name       mmcif_pdbx.dic 
_audit_conform.dict_version    5.387 
_audit_conform.dict_location   http://mmcif.pdb.org/dictionaries/ascii/mmcif_pdbx.dic 
# 
loop_
_database_2.database_id 
_database_2.database_code 
_database_2.pdbx_database_accession 
_database_2.pdbx_DOI 
PDB   4HVR         pdb_00004hvr 10.2210/pdb4hvr/pdb 
RCSB  RCSB075980   ?            ?                   
WWPDB D_1000075980 ?            ?                   
# 
loop_
_pdbx_audit_revision_history.ordinal 
_pdbx_audit_revision_history.data_content_type 
_pdbx_audit_revision_history.major_revision 
_pdbx_audit_revision_history.minor_revision 
_pdbx_audit_revision_history.revision_date 
1 'Structure model' 1 0 2013-11-27 
2 'Structure model' 1 1 2017-11-15 
3 'Structure model' 1 2 2024-02-28 
# 
_pdbx_audit_revision_details.ordinal             1 
_pdbx_audit_revision_details.revision_ordinal    1 
_pdbx_audit_revision_details.data_content_type   'Structure model' 
_pdbx_audit_revision_details.provider            repository 
_pdbx_audit_revision_details.type                'Initial release' 
_pdbx_audit_revision_details.description         ? 
_pdbx_audit_revision_details.details             ? 
# 
loop_
_pdbx_audit_revision_group.ordinal 
_pdbx_audit_revision_group.revision_ordinal 
_pdbx_audit_revision_group.data_content_type 
_pdbx_audit_revision_group.group 
1 2 'Structure model' 'Refinement description' 
2 3 'Structure model' 'Data collection'        
3 3 'Structure model' 'Database references'    
4 3 'Structure model' 'Derived calculations'   
# 
loop_
_pdbx_audit_revision_category.ordinal 
_pdbx_audit_revision_category.revision_ordinal 
_pdbx_audit_revision_category.data_content_type 
_pdbx_audit_revision_category.category 
1 2 'Structure model' software               
2 3 'Structure model' chem_comp_atom         
3 3 'Structure model' chem_comp_bond         
4 3 'Structure model' database_2             
5 3 'Structure model' pdbx_struct_conn_angle 
6 3 'Structure model' struct_conn            
7 3 'Structure model' struct_site            
# 
loop_
_pdbx_audit_revision_item.ordinal 
_pdbx_audit_revision_item.revision_ordinal 
_pdbx_audit_revision_item.data_content_type 
_pdbx_audit_revision_item.item 
1  3 'Structure model' '_database_2.pdbx_DOI'                        
2  3 'Structure model' '_database_2.pdbx_database_accession'         
3  3 'Structure model' '_pdbx_struct_conn_angle.ptnr1_auth_comp_id'  
4  3 'Structure model' '_pdbx_struct_conn_angle.ptnr1_auth_seq_id'   
5  3 'Structure model' '_pdbx_struct_conn_angle.ptnr1_label_asym_id' 
6  3 'Structure model' '_pdbx_struct_conn_angle.ptnr1_label_atom_id' 
7  3 'Structure model' '_pdbx_struct_conn_angle.ptnr1_label_comp_id' 
8  3 'Structure model' '_pdbx_struct_conn_angle.ptnr1_label_seq_id'  
9  3 'Structure model' '_pdbx_struct_conn_angle.ptnr3_auth_comp_id'  
10 3 'Structure model' '_pdbx_struct_conn_angle.ptnr3_auth_seq_id'   
11 3 'Structure model' '_pdbx_struct_conn_angle.ptnr3_label_asym_id' 
12 3 'Structure model' '_pdbx_struct_conn_angle.ptnr3_label_atom_id' 
13 3 'Structure model' '_pdbx_struct_conn_angle.ptnr3_label_comp_id' 
14 3 'Structure model' '_pdbx_struct_conn_angle.ptnr3_label_seq_id'  
15 3 'Structure model' '_pdbx_struct_conn_angle.value'               
16 3 'Structure model' '_struct_conn.pdbx_dist_value'                
17 3 'Structure model' '_struct_conn.ptnr1_auth_comp_id'             
18 3 'Structure model' '_struct_conn.ptnr1_auth_seq_id'              
19 3 'Structure model' '_struct_conn.ptnr1_label_asym_id'            
20 3 'Structure model' '_struct_conn.ptnr1_label_atom_id'            
21 3 'Structure model' '_struct_conn.ptnr1_label_comp_id'            
22 3 'Structure model' '_struct_conn.ptnr1_label_seq_id'             
23 3 'Structure model' '_struct_conn.ptnr2_auth_comp_id'             
24 3 'Structure model' '_struct_conn.ptnr2_auth_seq_id'              
25 3 'Structure model' '_struct_conn.ptnr2_label_asym_id'            
26 3 'Structure model' '_struct_conn.ptnr2_label_atom_id'            
27 3 'Structure model' '_struct_conn.ptnr2_label_comp_id'            
28 3 'Structure model' '_struct_site.pdbx_auth_asym_id'              
29 3 'Structure model' '_struct_site.pdbx_auth_comp_id'              
30 3 'Structure model' '_struct_site.pdbx_auth_seq_id'               
# 
_pdbx_database_status.entry_id                        4HVR 
_pdbx_database_status.deposit_site                    RCSB 
_pdbx_database_status.process_site                    RCSB 
_pdbx_database_status.recvd_initial_deposition_date   2012-11-06 
_pdbx_database_status.status_code                     REL 
_pdbx_database_status.status_code_sf                  REL 
_pdbx_database_status.status_code_mr                  ? 
_pdbx_database_status.SG_entry                        ? 
_pdbx_database_status.status_code_cs                  ? 
_pdbx_database_status.methods_development_category    ? 
_pdbx_database_status.pdb_format_compatible           Y 
_pdbx_database_status.status_code_nmr_data            ? 
# 
loop_
_pdbx_database_related.db_name 
_pdbx_database_related.db_id 
_pdbx_database_related.details 
_pdbx_database_related.content_type 
PDB 4HVO . unspecified 
PDB 4HVQ . unspecified 
# 
loop_
_audit_author.name 
_audit_author.pdbx_ordinal 
'Liu, F.'  1 
'Chen, L.' 2 
'Liu, A.'  3 
# 
_citation.id                        primary 
_citation.title                     
'X-ray crystal structure of salicylic acid bound 3-hydroxyanthranilate-3,4-dioxygenase from cupriavidus metallidurans' 
_citation.journal_abbrev            'To be Published' 
_citation.journal_volume            ? 
_citation.page_first                ? 
_citation.page_last                 ? 
_citation.year                      ? 
_citation.journal_id_ASTM           ? 
_citation.country                   ? 
_citation.journal_id_ISSN           ? 
_citation.journal_id_CSD            0353 
_citation.book_publisher            ? 
_citation.pdbx_database_id_PubMed   ? 
_citation.pdbx_database_id_DOI      ? 
# 
loop_
_citation_author.citation_id 
_citation_author.name 
_citation_author.ordinal 
_citation_author.identifier_ORCID 
primary 'Liu, F.'  1 ? 
primary 'Chen, L.' 2 ? 
primary 'Liu, A.'  3 ? 
# 
loop_
_entity.id 
_entity.type 
_entity.src_method 
_entity.pdbx_description 
_entity.formula_weight 
_entity.pdbx_number_of_molecules 
_entity.pdbx_ec 
_entity.pdbx_mutation 
_entity.pdbx_fragment 
_entity.details 
1 polymer     man '3-hydroxyanthranilate 3,4-dioxygenase' 20056.635 1 1.13.11.6 ? ? ? 
2 non-polymer syn 'FE (III) ION'                          55.845    2 ?         ? ? ? 
3 non-polymer syn '2-HYDROXYBENZOIC ACID'                 138.121   1 ?         ? ? ? 
4 water       nat water                                   18.015    5 ?         ? ? ? 
# 
_entity_name_com.entity_id   1 
_entity_name_com.name        '3-hydroxyanthranilate oxygenase, 3-HAO, 3-hydroxyanthranilic acid dioxygenase, HAD' 
# 
_entity_poly.entity_id                      1 
_entity_poly.type                           'polypeptide(L)' 
_entity_poly.nstd_linkage                   no 
_entity_poly.nstd_monomer                   no 
_entity_poly.pdbx_seq_one_letter_code       
;MLTYGAPFNFPRWIDEHAHLLKPPVGNRQVWQDSDFIVTVVGGPNHRTDYHDDPLEEFFYQLRGNAYLNLWVDGRRERAD
LKEGDIFLLPPHVRHSPQRPEAGSACLVIERQRPAGMLDGFEWYCDACGHLVHRVEVQLKSIVTDLPPLFESFYASEDKR
RCPHCGQVHPGRAA
;
_entity_poly.pdbx_seq_one_letter_code_can   
;MLTYGAPFNFPRWIDEHAHLLKPPVGNRQVWQDSDFIVTVVGGPNHRTDYHDDPLEEFFYQLRGNAYLNLWVDGRRERAD
LKEGDIFLLPPHVRHSPQRPEAGSACLVIERQRPAGMLDGFEWYCDACGHLVHRVEVQLKSIVTDLPPLFESFYASEDKR
RCPHCGQVHPGRAA
;
_entity_poly.pdbx_strand_id                 A 
_entity_poly.pdbx_target_identifier         ? 
# 
loop_
_pdbx_entity_nonpoly.entity_id 
_pdbx_entity_nonpoly.name 
_pdbx_entity_nonpoly.comp_id 
2 'FE (III) ION'          FE  
3 '2-HYDROXYBENZOIC ACID' SAL 
4 water                   HOH 
# 
loop_
_entity_poly_seq.entity_id 
_entity_poly_seq.num 
_entity_poly_seq.mon_id 
_entity_poly_seq.hetero 
1 1   MET n 
1 2   LEU n 
1 3   THR n 
1 4   TYR n 
1 5   GLY n 
1 6   ALA n 
1 7   PRO n 
1 8   PHE n 
1 9   ASN n 
1 10  PHE n 
1 11  PRO n 
1 12  ARG n 
1 13  TRP n 
1 14  ILE n 
1 15  ASP n 
1 16  GLU n 
1 17  HIS n 
1 18  ALA n 
1 19  HIS n 
1 20  LEU n 
1 21  LEU n 
1 22  LYS n 
1 23  PRO n 
1 24  PRO n 
1 25  VAL n 
1 26  GLY n 
1 27  ASN n 
1 28  ARG n 
1 29  GLN n 
1 30  VAL n 
1 31  TRP n 
1 32  GLN n 
1 33  ASP n 
1 34  SER n 
1 35  ASP n 
1 36  PHE n 
1 37  ILE n 
1 38  VAL n 
1 39  THR n 
1 40  VAL n 
1 41  VAL n 
1 42  GLY n 
1 43  GLY n 
1 44  PRO n 
1 45  ASN n 
1 46  HIS n 
1 47  ARG n 
1 48  THR n 
1 49  ASP n 
1 50  TYR n 
1 51  HIS n 
1 52  ASP n 
1 53  ASP n 
1 54  PRO n 
1 55  LEU n 
1 56  GLU n 
1 57  GLU n 
1 58  PHE n 
1 59  PHE n 
1 60  TYR n 
1 61  GLN n 
1 62  LEU n 
1 63  ARG n 
1 64  GLY n 
1 65  ASN n 
1 66  ALA n 
1 67  TYR n 
1 68  LEU n 
1 69  ASN n 
1 70  LEU n 
1 71  TRP n 
1 72  VAL n 
1 73  ASP n 
1 74  GLY n 
1 75  ARG n 
1 76  ARG n 
1 77  GLU n 
1 78  ARG n 
1 79  ALA n 
1 80  ASP n 
1 81  LEU n 
1 82  LYS n 
1 83  GLU n 
1 84  GLY n 
1 85  ASP n 
1 86  ILE n 
1 87  PHE n 
1 88  LEU n 
1 89  LEU n 
1 90  PRO n 
1 91  PRO n 
1 92  HIS n 
1 93  VAL n 
1 94  ARG n 
1 95  HIS n 
1 96  SER n 
1 97  PRO n 
1 98  GLN n 
1 99  ARG n 
1 100 PRO n 
1 101 GLU n 
1 102 ALA n 
1 103 GLY n 
1 104 SER n 
1 105 ALA n 
1 106 CYS n 
1 107 LEU n 
1 108 VAL n 
1 109 ILE n 
1 110 GLU n 
1 111 ARG n 
1 112 GLN n 
1 113 ARG n 
1 114 PRO n 
1 115 ALA n 
1 116 GLY n 
1 117 MET n 
1 118 LEU n 
1 119 ASP n 
1 120 GLY n 
1 121 PHE n 
1 122 GLU n 
1 123 TRP n 
1 124 TYR n 
1 125 CYS n 
1 126 ASP n 
1 127 ALA n 
1 128 CYS n 
1 129 GLY n 
1 130 HIS n 
1 131 LEU n 
1 132 VAL n 
1 133 HIS n 
1 134 ARG n 
1 135 VAL n 
1 136 GLU n 
1 137 VAL n 
1 138 GLN n 
1 139 LEU n 
1 140 LYS n 
1 141 SER n 
1 142 ILE n 
1 143 VAL n 
1 144 THR n 
1 145 ASP n 
1 146 LEU n 
1 147 PRO n 
1 148 PRO n 
1 149 LEU n 
1 150 PHE n 
1 151 GLU n 
1 152 SER n 
1 153 PHE n 
1 154 TYR n 
1 155 ALA n 
1 156 SER n 
1 157 GLU n 
1 158 ASP n 
1 159 LYS n 
1 160 ARG n 
1 161 ARG n 
1 162 CYS n 
1 163 PRO n 
1 164 HIS n 
1 165 CYS n 
1 166 GLY n 
1 167 GLN n 
1 168 VAL n 
1 169 HIS n 
1 170 PRO n 
1 171 GLY n 
1 172 ARG n 
1 173 ALA n 
1 174 ALA n 
# 
_entity_src_gen.entity_id                          1 
_entity_src_gen.pdbx_src_id                        1 
_entity_src_gen.pdbx_alt_source_flag               sample 
_entity_src_gen.pdbx_seq_type                      ? 
_entity_src_gen.pdbx_beg_seq_num                   ? 
_entity_src_gen.pdbx_end_seq_num                   ? 
_entity_src_gen.gene_src_common_name               ? 
_entity_src_gen.gene_src_genus                     ? 
_entity_src_gen.pdbx_gene_src_gene                 'Cupriavidus metallidurans, nbaC, Rmet_5193' 
_entity_src_gen.gene_src_species                   ? 
_entity_src_gen.gene_src_strain                    'CH34 / ATCC 43123 / DSM 2839' 
_entity_src_gen.gene_src_tissue                    ? 
_entity_src_gen.gene_src_tissue_fraction           ? 
_entity_src_gen.gene_src_details                   ? 
_entity_src_gen.pdbx_gene_src_fragment             ? 
_entity_src_gen.pdbx_gene_src_scientific_name      'Cupriavidus metallidurans' 
_entity_src_gen.pdbx_gene_src_ncbi_taxonomy_id     266264 
_entity_src_gen.pdbx_gene_src_variant              ? 
_entity_src_gen.pdbx_gene_src_cell_line            ? 
_entity_src_gen.pdbx_gene_src_atcc                 ? 
_entity_src_gen.pdbx_gene_src_organ                ? 
_entity_src_gen.pdbx_gene_src_organelle            ? 
_entity_src_gen.pdbx_gene_src_cell                 ? 
_entity_src_gen.pdbx_gene_src_cellular_location    ? 
_entity_src_gen.host_org_common_name               ? 
_entity_src_gen.pdbx_host_org_scientific_name      'Escherichia coli' 
_entity_src_gen.pdbx_host_org_ncbi_taxonomy_id     511693 
_entity_src_gen.host_org_genus                     ? 
_entity_src_gen.pdbx_host_org_gene                 ? 
_entity_src_gen.pdbx_host_org_organ                ? 
_entity_src_gen.host_org_species                   ? 
_entity_src_gen.pdbx_host_org_tissue               ? 
_entity_src_gen.pdbx_host_org_tissue_fraction      ? 
_entity_src_gen.pdbx_host_org_strain               'BL21 (DH5 alpha)' 
_entity_src_gen.pdbx_host_org_variant              ? 
_entity_src_gen.pdbx_host_org_cell_line            ? 
_entity_src_gen.pdbx_host_org_atcc                 ? 
_entity_src_gen.pdbx_host_org_culture_collection   ? 
_entity_src_gen.pdbx_host_org_cell                 ? 
_entity_src_gen.pdbx_host_org_organelle            ? 
_entity_src_gen.pdbx_host_org_cellular_location    ? 
_entity_src_gen.pdbx_host_org_vector_type          plasmid 
_entity_src_gen.pdbx_host_org_vector               ? 
_entity_src_gen.host_org_details                   ? 
_entity_src_gen.expression_system_id               ? 
_entity_src_gen.plasmid_name                       ? 
_entity_src_gen.plasmid_details                    ? 
_entity_src_gen.pdbx_description                   ? 
# 
loop_
_chem_comp.id 
_chem_comp.type 
_chem_comp.mon_nstd_flag 
_chem_comp.name 
_chem_comp.pdbx_synonyms 
_chem_comp.formula 
_chem_comp.formula_weight 
ALA 'L-peptide linking' y ALANINE                 ?                'C3 H7 N O2'     89.093  
ARG 'L-peptide linking' y ARGININE                ?                'C6 H15 N4 O2 1' 175.209 
ASN 'L-peptide linking' y ASPARAGINE              ?                'C4 H8 N2 O3'    132.118 
ASP 'L-peptide linking' y 'ASPARTIC ACID'         ?                'C4 H7 N O4'     133.103 
CYS 'L-peptide linking' y CYSTEINE                ?                'C3 H7 N O2 S'   121.158 
FE  non-polymer         . 'FE (III) ION'          ?                'Fe 3'           55.845  
GLN 'L-peptide linking' y GLUTAMINE               ?                'C5 H10 N2 O3'   146.144 
GLU 'L-peptide linking' y 'GLUTAMIC ACID'         ?                'C5 H9 N O4'     147.129 
GLY 'peptide linking'   y GLYCINE                 ?                'C2 H5 N O2'     75.067  
HIS 'L-peptide linking' y HISTIDINE               ?                'C6 H10 N3 O2 1' 156.162 
HOH non-polymer         . WATER                   ?                'H2 O'           18.015  
ILE 'L-peptide linking' y ISOLEUCINE              ?                'C6 H13 N O2'    131.173 
LEU 'L-peptide linking' y LEUCINE                 ?                'C6 H13 N O2'    131.173 
LYS 'L-peptide linking' y LYSINE                  ?                'C6 H15 N2 O2 1' 147.195 
MET 'L-peptide linking' y METHIONINE              ?                'C5 H11 N O2 S'  149.211 
PHE 'L-peptide linking' y PHENYLALANINE           ?                'C9 H11 N O2'    165.189 
PRO 'L-peptide linking' y PROLINE                 ?                'C5 H9 N O2'     115.130 
SAL non-polymer         . '2-HYDROXYBENZOIC ACID' 'SALICYLIC ACID' 'C7 H6 O3'       138.121 
SER 'L-peptide linking' y SERINE                  ?                'C3 H7 N O3'     105.093 
THR 'L-peptide linking' y THREONINE               ?                'C4 H9 N O3'     119.119 
TRP 'L-peptide linking' y TRYPTOPHAN              ?                'C11 H12 N2 O2'  204.225 
TYR 'L-peptide linking' y TYROSINE                ?                'C9 H11 N O3'    181.189 
VAL 'L-peptide linking' y VALINE                  ?                'C5 H11 N O2'    117.146 
# 
loop_
_pdbx_poly_seq_scheme.asym_id 
_pdbx_poly_seq_scheme.entity_id 
_pdbx_poly_seq_scheme.seq_id 
_pdbx_poly_seq_scheme.mon_id 
_pdbx_poly_seq_scheme.ndb_seq_num 
_pdbx_poly_seq_scheme.pdb_seq_num 
_pdbx_poly_seq_scheme.auth_seq_num 
_pdbx_poly_seq_scheme.pdb_mon_id 
_pdbx_poly_seq_scheme.auth_mon_id 
_pdbx_poly_seq_scheme.pdb_strand_id 
_pdbx_poly_seq_scheme.pdb_ins_code 
_pdbx_poly_seq_scheme.hetero 
A 1 1   MET 1   1   1   MET MET A . n 
A 1 2   LEU 2   2   2   LEU LEU A . n 
A 1 3   THR 3   3   3   THR THR A . n 
A 1 4   TYR 4   4   4   TYR TYR A . n 
A 1 5   GLY 5   5   5   GLY GLY A . n 
A 1 6   ALA 6   6   6   ALA ALA A . n 
A 1 7   PRO 7   7   7   PRO PRO A . n 
A 1 8   PHE 8   8   8   PHE PHE A . n 
A 1 9   ASN 9   9   9   ASN ASN A . n 
A 1 10  PHE 10  10  10  PHE PHE A . n 
A 1 11  PRO 11  11  11  PRO PRO A . n 
A 1 12  ARG 12  12  12  ARG ARG A . n 
A 1 13  TRP 13  13  13  TRP TRP A . n 
A 1 14  ILE 14  14  14  ILE ILE A . n 
A 1 15  ASP 15  15  15  ASP ASP A . n 
A 1 16  GLU 16  16  16  GLU GLU A . n 
A 1 17  HIS 17  17  17  HIS HIS A . n 
A 1 18  ALA 18  18  18  ALA ALA A . n 
A 1 19  HIS 19  19  19  HIS HIS A . n 
A 1 20  LEU 20  20  20  LEU LEU A . n 
A 1 21  LEU 21  21  21  LEU LEU A . n 
A 1 22  LYS 22  22  22  LYS LYS A . n 
A 1 23  PRO 23  23  23  PRO PRO A . n 
A 1 24  PRO 24  24  24  PRO PRO A . n 
A 1 25  VAL 25  25  25  VAL VAL A . n 
A 1 26  GLY 26  26  26  GLY GLY A . n 
A 1 27  ASN 27  27  27  ASN ASN A . n 
A 1 28  ARG 28  28  28  ARG ARG A . n 
A 1 29  GLN 29  29  29  GLN GLN A . n 
A 1 30  VAL 30  30  30  VAL VAL A . n 
A 1 31  TRP 31  31  31  TRP TRP A . n 
A 1 32  GLN 32  32  32  GLN GLN A . n 
A 1 33  ASP 33  33  33  ASP ASP A . n 
A 1 34  SER 34  34  34  SER SER A . n 
A 1 35  ASP 35  35  35  ASP ASP A . n 
A 1 36  PHE 36  36  36  PHE PHE A . n 
A 1 37  ILE 37  37  37  ILE ILE A . n 
A 1 38  VAL 38  38  38  VAL VAL A . n 
A 1 39  THR 39  39  39  THR THR A . n 
A 1 40  VAL 40  40  40  VAL VAL A . n 
A 1 41  VAL 41  41  41  VAL VAL A . n 
A 1 42  GLY 42  42  42  GLY GLY A . n 
A 1 43  GLY 43  43  43  GLY GLY A . n 
A 1 44  PRO 44  44  44  PRO PRO A . n 
A 1 45  ASN 45  45  45  ASN ASN A . n 
A 1 46  HIS 46  46  46  HIS HIS A . n 
A 1 47  ARG 47  47  47  ARG ARG A . n 
A 1 48  THR 48  48  48  THR THR A . n 
A 1 49  ASP 49  49  49  ASP ASP A . n 
A 1 50  TYR 50  50  50  TYR TYR A . n 
A 1 51  HIS 51  51  51  HIS HIS A . n 
A 1 52  ASP 52  52  52  ASP ASP A . n 
A 1 53  ASP 53  53  53  ASP ASP A . n 
A 1 54  PRO 54  54  54  PRO PRO A . n 
A 1 55  LEU 55  55  55  LEU LEU A . n 
A 1 56  GLU 56  56  56  GLU GLU A . n 
A 1 57  GLU 57  57  57  GLU GLU A . n 
A 1 58  PHE 58  58  58  PHE PHE A . n 
A 1 59  PHE 59  59  59  PHE PHE A . n 
A 1 60  TYR 60  60  60  TYR TYR A . n 
A 1 61  GLN 61  61  61  GLN GLN A . n 
A 1 62  LEU 62  62  62  LEU LEU A . n 
A 1 63  ARG 63  63  63  ARG ARG A . n 
A 1 64  GLY 64  64  64  GLY GLY A . n 
A 1 65  ASN 65  65  65  ASN ASN A . n 
A 1 66  ALA 66  66  66  ALA ALA A . n 
A 1 67  TYR 67  67  67  TYR TYR A . n 
A 1 68  LEU 68  68  68  LEU LEU A . n 
A 1 69  ASN 69  69  69  ASN ASN A . n 
A 1 70  LEU 70  70  70  LEU LEU A . n 
A 1 71  TRP 71  71  71  TRP TRP A . n 
A 1 72  VAL 72  72  72  VAL VAL A . n 
A 1 73  ASP 73  73  73  ASP ASP A . n 
A 1 74  GLY 74  74  74  GLY GLY A . n 
A 1 75  ARG 75  75  75  ARG ARG A . n 
A 1 76  ARG 76  76  76  ARG ARG A . n 
A 1 77  GLU 77  77  77  GLU GLU A . n 
A 1 78  ARG 78  78  78  ARG ARG A . n 
A 1 79  ALA 79  79  79  ALA ALA A . n 
A 1 80  ASP 80  80  80  ASP ASP A . n 
A 1 81  LEU 81  81  81  LEU LEU A . n 
A 1 82  LYS 82  82  82  LYS LYS A . n 
A 1 83  GLU 83  83  83  GLU GLU A . n 
A 1 84  GLY 84  84  84  GLY GLY A . n 
A 1 85  ASP 85  85  85  ASP ASP A . n 
A 1 86  ILE 86  86  86  ILE ILE A . n 
A 1 87  PHE 87  87  87  PHE PHE A . n 
A 1 88  LEU 88  88  88  LEU LEU A . n 
A 1 89  LEU 89  89  89  LEU LEU A . n 
A 1 90  PRO 90  90  90  PRO PRO A . n 
A 1 91  PRO 91  91  91  PRO PRO A . n 
A 1 92  HIS 92  92  92  HIS HIS A . n 
A 1 93  VAL 93  93  93  VAL VAL A . n 
A 1 94  ARG 94  94  94  ARG ARG A . n 
A 1 95  HIS 95  95  95  HIS HIS A . n 
A 1 96  SER 96  96  96  SER SER A . n 
A 1 97  PRO 97  97  97  PRO PRO A . n 
A 1 98  GLN 98  98  98  GLN GLN A . n 
A 1 99  ARG 99  99  99  ARG ARG A . n 
A 1 100 PRO 100 100 100 PRO PRO A . n 
A 1 101 GLU 101 101 101 GLU GLU A . n 
A 1 102 ALA 102 102 102 ALA ALA A . n 
A 1 103 GLY 103 103 103 GLY GLY A . n 
A 1 104 SER 104 104 104 SER SER A . n 
A 1 105 ALA 105 105 105 ALA ALA A . n 
A 1 106 CYS 106 106 106 CYS CYS A . n 
A 1 107 LEU 107 107 107 LEU LEU A . n 
A 1 108 VAL 108 108 108 VAL VAL A . n 
A 1 109 ILE 109 109 109 ILE ILE A . n 
A 1 110 GLU 110 110 110 GLU GLU A . n 
A 1 111 ARG 111 111 111 ARG ARG A . n 
A 1 112 GLN 112 112 112 GLN GLN A . n 
A 1 113 ARG 113 113 113 ARG ARG A . n 
A 1 114 PRO 114 114 114 PRO PRO A . n 
A 1 115 ALA 115 115 115 ALA ALA A . n 
A 1 116 GLY 116 116 116 GLY GLY A . n 
A 1 117 MET 117 117 117 MET MET A . n 
A 1 118 LEU 118 118 118 LEU LEU A . n 
A 1 119 ASP 119 119 119 ASP ASP A . n 
A 1 120 GLY 120 120 120 GLY GLY A . n 
A 1 121 PHE 121 121 121 PHE PHE A . n 
A 1 122 GLU 122 122 122 GLU GLU A . n 
A 1 123 TRP 123 123 123 TRP TRP A . n 
A 1 124 TYR 124 124 124 TYR TYR A . n 
A 1 125 CYS 125 125 125 CYS CYS A . n 
A 1 126 ASP 126 126 126 ASP ASP A . n 
A 1 127 ALA 127 127 127 ALA ALA A . n 
A 1 128 CYS 128 128 128 CYS CYS A . n 
A 1 129 GLY 129 129 129 GLY GLY A . n 
A 1 130 HIS 130 130 130 HIS HIS A . n 
A 1 131 LEU 131 131 131 LEU LEU A . n 
A 1 132 VAL 132 132 132 VAL VAL A . n 
A 1 133 HIS 133 133 133 HIS HIS A . n 
A 1 134 ARG 134 134 134 ARG ARG A . n 
A 1 135 VAL 135 135 135 VAL VAL A . n 
A 1 136 GLU 136 136 136 GLU GLU A . n 
A 1 137 VAL 137 137 137 VAL VAL A . n 
A 1 138 GLN 138 138 138 GLN GLN A . n 
A 1 139 LEU 139 139 139 LEU LEU A . n 
A 1 140 LYS 140 140 140 LYS LYS A . n 
A 1 141 SER 141 141 141 SER SER A . n 
A 1 142 ILE 142 142 142 ILE ILE A . n 
A 1 143 VAL 143 143 143 VAL VAL A . n 
A 1 144 THR 144 144 144 THR THR A . n 
A 1 145 ASP 145 145 145 ASP ASP A . n 
A 1 146 LEU 146 146 146 LEU LEU A . n 
A 1 147 PRO 147 147 147 PRO PRO A . n 
A 1 148 PRO 148 148 148 PRO PRO A . n 
A 1 149 LEU 149 149 149 LEU LEU A . n 
A 1 150 PHE 150 150 150 PHE PHE A . n 
A 1 151 GLU 151 151 151 GLU GLU A . n 
A 1 152 SER 152 152 152 SER SER A . n 
A 1 153 PHE 153 153 153 PHE PHE A . n 
A 1 154 TYR 154 154 154 TYR TYR A . n 
A 1 155 ALA 155 155 155 ALA ALA A . n 
A 1 156 SER 156 156 156 SER SER A . n 
A 1 157 GLU 157 157 157 GLU GLU A . n 
A 1 158 ASP 158 158 158 ASP ASP A . n 
A 1 159 LYS 159 159 159 LYS LYS A . n 
A 1 160 ARG 160 160 160 ARG ARG A . n 
A 1 161 ARG 161 161 161 ARG ARG A . n 
A 1 162 CYS 162 162 162 CYS CYS A . n 
A 1 163 PRO 163 163 163 PRO PRO A . n 
A 1 164 HIS 164 164 164 HIS HIS A . n 
A 1 165 CYS 165 165 165 CYS CYS A . n 
A 1 166 GLY 166 166 166 GLY GLY A . n 
A 1 167 GLN 167 167 167 GLN GLN A . n 
A 1 168 VAL 168 168 168 VAL VAL A . n 
A 1 169 HIS 169 169 169 HIS HIS A . n 
A 1 170 PRO 170 170 170 PRO PRO A . n 
A 1 171 GLY 171 171 171 GLY GLY A . n 
A 1 172 ARG 172 172 172 ARG ARG A . n 
A 1 173 ALA 173 173 173 ALA ALA A . n 
A 1 174 ALA 174 174 174 ALA ALA A . n 
# 
loop_
_pdbx_nonpoly_scheme.asym_id 
_pdbx_nonpoly_scheme.entity_id 
_pdbx_nonpoly_scheme.mon_id 
_pdbx_nonpoly_scheme.ndb_seq_num 
_pdbx_nonpoly_scheme.pdb_seq_num 
_pdbx_nonpoly_scheme.auth_seq_num 
_pdbx_nonpoly_scheme.pdb_mon_id 
_pdbx_nonpoly_scheme.auth_mon_id 
_pdbx_nonpoly_scheme.pdb_strand_id 
_pdbx_nonpoly_scheme.pdb_ins_code 
B 2 FE  1 201 300 FE  FE  A . 
C 2 FE  1 202 301 FE  FE  A . 
D 3 SAL 1 203 1   SAL SAL A . 
E 4 HOH 1 301 3   HOH HOH A . 
E 4 HOH 2 302 3   HOH HOH A . 
E 4 HOH 3 303 3   HOH HOH A . 
E 4 HOH 4 304 33  HOH HOH A . 
E 4 HOH 5 305 4   HOH HOH A . 
# 
loop_
_pdbx_unobs_or_zero_occ_atoms.id 
_pdbx_unobs_or_zero_occ_atoms.PDB_model_num 
_pdbx_unobs_or_zero_occ_atoms.polymer_flag 
_pdbx_unobs_or_zero_occ_atoms.occupancy_flag 
_pdbx_unobs_or_zero_occ_atoms.auth_asym_id 
_pdbx_unobs_or_zero_occ_atoms.auth_comp_id 
_pdbx_unobs_or_zero_occ_atoms.auth_seq_id 
_pdbx_unobs_or_zero_occ_atoms.PDB_ins_code 
_pdbx_unobs_or_zero_occ_atoms.auth_atom_id 
_pdbx_unobs_or_zero_occ_atoms.label_alt_id 
_pdbx_unobs_or_zero_occ_atoms.label_asym_id 
_pdbx_unobs_or_zero_occ_atoms.label_comp_id 
_pdbx_unobs_or_zero_occ_atoms.label_seq_id 
_pdbx_unobs_or_zero_occ_atoms.label_atom_id 
1 1 Y 1 A ARG 75 ? CG  ? A ARG 75 CG  
2 1 Y 1 A ARG 75 ? CD  ? A ARG 75 CD  
3 1 Y 1 A ARG 75 ? NE  ? A ARG 75 NE  
4 1 Y 1 A ARG 75 ? CZ  ? A ARG 75 CZ  
5 1 Y 1 A ARG 75 ? NH1 ? A ARG 75 NH1 
6 1 Y 1 A ARG 75 ? NH2 ? A ARG 75 NH2 
# 
loop_
_software.pdbx_ordinal 
_software.name 
_software.version 
_software.date 
_software.type 
_software.contact_author 
_software.contact_author_email 
_software.classification 
_software.location 
_software.language 
_software.citation_id 
1 REFMAC      5.6.0117 ?                program 'Garib N. Murshudov' garib@ysbl.york.ac.uk    refinement        
http://www.ccp4.ac.uk/dist/html/refmac5.html Fortran_77 ? 
2 PDB_EXTRACT 3.11     'April 22, 2011' package PDB                  deposit@deposit.rcsb.org 'data extraction' 
http://sw-tools.pdb.org/apps/PDB_EXTRACT/    C++        ? 
3 SERGUI      .        ?                ?       ?                    ?                        'data collection' ? ?          ? 
4 DENZO       .        ?                ?       ?                    ?                        'data reduction'  ? ?          ? 
5 SCALEPACK   .        ?                ?       ?                    ?                        'data scaling'    ? ?          ? 
6 HKL-2000    .        ?                ?       ?                    ?                        'data scaling'    ? ?          ? 
7 MOLREP      .        ?                ?       ?                    ?                        phasing           ? ?          ? 
# 
_cell.length_a           58.561 
_cell.length_b           58.561 
_cell.length_c           230.990 
_cell.angle_alpha        90.000 
_cell.angle_beta         90.000 
_cell.angle_gamma        120.000 
_cell.entry_id           4HVR 
_cell.pdbx_unique_axis   ? 
_cell.Z_PDB              12 
_cell.length_a_esd       ? 
_cell.length_b_esd       ? 
_cell.length_c_esd       ? 
_cell.angle_alpha_esd    ? 
_cell.angle_beta_esd     ? 
_cell.angle_gamma_esd    ? 
# 
_symmetry.space_group_name_H-M             'P 65 2 2' 
_symmetry.entry_id                         4HVR 
_symmetry.pdbx_full_space_group_name_H-M   ? 
_symmetry.Int_Tables_number                179 
_symmetry.cell_setting                     ? 
_symmetry.space_group_name_Hall            ? 
# 
_exptl.crystals_number   1 
_exptl.entry_id          4HVR 
_exptl.method            'X-RAY DIFFRACTION' 
# 
_exptl_crystal.id                    1 
_exptl_crystal.density_Matthews      2.85 
_exptl_crystal.density_meas          ? 
_exptl_crystal.density_percent_sol   56.85 
_exptl_crystal.description           ? 
_exptl_crystal.F_000                 ? 
_exptl_crystal.preparation           ? 
# 
_exptl_crystal_grow.crystal_id      1 
_exptl_crystal_grow.method          'VAPOR DIFFUSION, HANGING DROP' 
_exptl_crystal_grow.pH              9.0 
_exptl_crystal_grow.temp            291 
_exptl_crystal_grow.temp_details    ? 
_exptl_crystal_grow.pdbx_details    'PEG 8000, 0.1M Tris-HCl, pH 9.0, VAPOR DIFFUSION, HANGING DROP, temperature 291K' 
_exptl_crystal_grow.pdbx_pH_range   ? 
# 
_diffrn.id                     1 
_diffrn.ambient_temp           100 
_diffrn.ambient_temp_details   ? 
_diffrn.crystal_id             1 
# 
_diffrn_detector.diffrn_id              1 
_diffrn_detector.detector               CCD 
_diffrn_detector.type                   'MARMOSAIC 300 mm CCD' 
_diffrn_detector.pdbx_collection_date   2012-03-08 
_diffrn_detector.details                ? 
# 
_diffrn_radiation.diffrn_id                        1 
_diffrn_radiation.wavelength_id                    1 
_diffrn_radiation.pdbx_diffrn_protocol             'SINGLE WAVELENGTH' 
_diffrn_radiation.monochromator                    ? 
_diffrn_radiation.pdbx_monochromatic_or_laue_m_l   M 
_diffrn_radiation.pdbx_scattering_type             x-ray 
# 
_diffrn_radiation_wavelength.id           1 
_diffrn_radiation_wavelength.wavelength   1.0 
_diffrn_radiation_wavelength.wt           1.0 
# 
_diffrn_source.diffrn_id                   1 
_diffrn_source.source                      SYNCHROTRON 
_diffrn_source.type                        'APS BEAMLINE 22-ID' 
_diffrn_source.pdbx_wavelength             ? 
_diffrn_source.pdbx_wavelength_list        1.0 
_diffrn_source.pdbx_synchrotron_site       APS 
_diffrn_source.pdbx_synchrotron_beamline   22-ID 
# 
_reflns.entry_id                     4HVR 
_reflns.observed_criterion_sigma_F   0.0 
_reflns.observed_criterion_sigma_I   0 
_reflns.d_resolution_high            2.70 
_reflns.d_resolution_low             45 
_reflns.number_all                   12354 
_reflns.number_obs                   8611 
_reflns.percent_possible_obs         69.7 
_reflns.pdbx_Rmerge_I_obs            ? 
_reflns.pdbx_Rsym_value              ? 
_reflns.pdbx_netI_over_sigmaI        ? 
_reflns.B_iso_Wilson_estimate        ? 
_reflns.pdbx_redundancy              ? 
_reflns.R_free_details               ? 
_reflns.limit_h_max                  ? 
_reflns.limit_h_min                  ? 
_reflns.limit_k_max                  ? 
_reflns.limit_k_min                  ? 
_reflns.limit_l_max                  ? 
_reflns.limit_l_min                  ? 
_reflns.observed_criterion_F_max     ? 
_reflns.observed_criterion_F_min     ? 
_reflns.pdbx_chi_squared             ? 
_reflns.pdbx_scaling_rejects         ? 
_reflns.pdbx_ordinal                 1 
_reflns.pdbx_diffrn_id               1 
# 
_reflns_shell.d_res_high             2.70 
_reflns_shell.d_res_low              2.70 
_reflns_shell.percent_possible_obs   ? 
_reflns_shell.percent_possible_all   6.9 
_reflns_shell.Rmerge_I_obs           ? 
_reflns_shell.meanI_over_sigI_obs    ? 
_reflns_shell.pdbx_Rsym_value        ? 
_reflns_shell.pdbx_redundancy        ? 
_reflns_shell.number_unique_all      ? 
_reflns_shell.number_measured_all    ? 
_reflns_shell.number_measured_obs    ? 
_reflns_shell.number_unique_obs      ? 
_reflns_shell.pdbx_chi_squared       ? 
_reflns_shell.pdbx_ordinal           1 
_reflns_shell.pdbx_diffrn_id         1 
# 
_refine.entry_id                                 4HVR 
_refine.ls_d_res_high                            2.70 
_refine.ls_d_res_low                             45 
_refine.pdbx_ls_sigma_F                          0.000 
_refine.pdbx_data_cutoff_high_absF               ? 
_refine.pdbx_data_cutoff_low_absF                ? 
_refine.ls_percent_reflns_obs                    72.8600 
_refine.ls_number_reflns_obs                     5228 
_refine.ls_number_reflns_all                     7175 
_refine.pdbx_ls_cross_valid_method               THROUGHOUT 
_refine.pdbx_R_Free_selection_details            RANDOM 
_refine.details                                  
'HYDROGENS HAVE BEEN USED IF PRESENT IN THE INPUT U VALUES      : REFINED INDIVIDUALLY' 
_refine.ls_R_factor_all                          ? 
_refine.ls_R_factor_obs                          0.2205 
_refine.ls_R_factor_R_work                       0.2149 
_refine.ls_wR_factor_R_work                      ? 
_refine.ls_R_factor_R_free                       0.3337 
_refine.ls_wR_factor_R_free                      ? 
_refine.ls_percent_reflns_R_free                 4.6000 
_refine.ls_number_reflns_R_free                  243 
_refine.ls_R_factor_R_free_error                 ? 
_refine.B_iso_mean                               81.4254 
_refine.solvent_model_param_bsol                 ? 
_refine.solvent_model_param_ksol                 ? 
_refine.pdbx_isotropic_thermal_model             ? 
_refine.aniso_B[1][1]                            3.8800 
_refine.aniso_B[2][2]                            3.8800 
_refine.aniso_B[3][3]                            -5.8100 
_refine.aniso_B[1][2]                            1.9400 
_refine.aniso_B[1][3]                            0.0000 
_refine.aniso_B[2][3]                            0.0000 
_refine.correlation_coeff_Fo_to_Fc               0.9450 
_refine.correlation_coeff_Fo_to_Fc_free          0.8720 
_refine.overall_SU_R_Cruickshank_DPI             ? 
_refine.overall_SU_R_free                        ? 
_refine.pdbx_overall_ESU_R                       ? 
_refine.pdbx_overall_ESU_R_Free                  0.5420 
_refine.overall_SU_ML                            0.3160 
_refine.overall_SU_B                             16.5650 
_refine.solvent_model_details                    MASK 
_refine.pdbx_solvent_vdw_probe_radii             1.2000 
_refine.pdbx_solvent_ion_probe_radii             0.8000 
_refine.pdbx_solvent_shrinkage_radii             0.8000 
_refine.ls_number_parameters                     ? 
_refine.ls_number_restraints                     ? 
_refine.pdbx_starting_model                      ? 
_refine.pdbx_method_to_determine_struct          'MOLECULAR REPLACEMENT' 
_refine.pdbx_stereochemistry_target_values       'MAXIMUM LIKELIHOOD' 
_refine.pdbx_stereochem_target_val_spec_case     ? 
_refine.overall_FOM_work_R_set                   ? 
_refine.B_iso_max                                204.620 
_refine.B_iso_min                                47.790 
_refine.pdbx_overall_phase_error                 ? 
_refine.occupancy_max                            1.000 
_refine.occupancy_min                            1.000 
_refine.pdbx_ls_sigma_I                          ? 
_refine.ls_redundancy_reflns_obs                 ? 
_refine.ls_R_factor_R_free_error_details         ? 
_refine.pdbx_data_cutoff_high_rms_absF           ? 
_refine.overall_FOM_free_R_set                   ? 
_refine.pdbx_diffrn_id                           1 
_refine.pdbx_refine_id                           'X-RAY DIFFRACTION' 
_refine.pdbx_TLS_residual_ADP_flag               ? 
_refine.pdbx_overall_SU_R_free_Cruickshank_DPI   ? 
_refine.pdbx_overall_SU_R_Blow_DPI               ? 
_refine.pdbx_overall_SU_R_free_Blow_DPI          ? 
# 
_refine_hist.pdbx_refine_id                   'X-RAY DIFFRACTION' 
_refine_hist.cycle_id                         LAST 
_refine_hist.pdbx_number_atoms_protein        1409 
_refine_hist.pdbx_number_atoms_nucleic_acid   0 
_refine_hist.pdbx_number_atoms_ligand         12 
_refine_hist.number_atoms_solvent             5 
_refine_hist.number_atoms_total               1426 
_refine_hist.d_res_high                       2.70 
_refine_hist.d_res_low                        45 
# 
loop_
_refine_ls_restr.type 
_refine_ls_restr.number 
_refine_ls_restr.dev_ideal 
_refine_ls_restr.dev_ideal_target 
_refine_ls_restr.weight 
_refine_ls_restr.pdbx_restraint_function 
_refine_ls_restr.pdbx_refine_id 
r_bond_refined_d       1466 0.012  0.019  ? ? 'X-RAY DIFFRACTION' 
r_angle_refined_deg    1996 1.554  1.945  ? ? 'X-RAY DIFFRACTION' 
r_dihedral_angle_1_deg 173  6.657  5.000  ? ? 'X-RAY DIFFRACTION' 
r_dihedral_angle_2_deg 79   39.776 22.785 ? ? 'X-RAY DIFFRACTION' 
r_dihedral_angle_3_deg 217  18.060 15.000 ? ? 'X-RAY DIFFRACTION' 
r_dihedral_angle_4_deg 14   16.853 15.000 ? ? 'X-RAY DIFFRACTION' 
r_chiral_restr         199  0.091  0.200  ? ? 'X-RAY DIFFRACTION' 
r_gen_planes_refined   1189 0.007  0.022  ? ? 'X-RAY DIFFRACTION' 
# 
_refine_ls_shell.d_res_high                       2.6910 
_refine_ls_shell.d_res_low                        2.7600 
_refine_ls_shell.pdbx_total_number_of_bins_used   20 
_refine_ls_shell.percent_reflns_obs               11.5600 
_refine_ls_shell.number_reflns_R_work             51 
_refine_ls_shell.R_factor_all                     ? 
_refine_ls_shell.R_factor_R_work                  0.2740 
_refine_ls_shell.R_factor_R_free                  0.4400 
_refine_ls_shell.percent_reflns_R_free            ? 
_refine_ls_shell.number_reflns_R_free             6 
_refine_ls_shell.R_factor_R_free_error            ? 
_refine_ls_shell.number_reflns_all                57 
_refine_ls_shell.number_reflns_obs                ? 
_refine_ls_shell.redundancy_reflns_obs            ? 
_refine_ls_shell.pdbx_refine_id                   'X-RAY DIFFRACTION' 
# 
_struct.entry_id                  4HVR 
_struct.title                     
'X-ray crystal structure of salicylic acid bound 3-hydroxyanthranilate-3,4-dioxygenase from cupriavidus metallidurans' 
_struct.pdbx_model_details        ? 
_struct.pdbx_CASP_flag            ? 
_struct.pdbx_model_type_details   ? 
# 
_struct_keywords.entry_id        4HVR 
_struct_keywords.pdbx_keywords   OXIDOREDUCTASE 
_struct_keywords.text            'bi-cupin iron-binding, dioxygenase, OXIDOREDUCTASE' 
# 
loop_
_struct_asym.id 
_struct_asym.pdbx_blank_PDB_chainid_flag 
_struct_asym.pdbx_modified 
_struct_asym.entity_id 
_struct_asym.details 
A N N 1 ? 
B N N 2 ? 
C N N 2 ? 
D N N 3 ? 
E N N 4 ? 
# 
_struct_ref.id                         1 
_struct_ref.db_name                    UNP 
_struct_ref.db_code                    3HAO_RALME 
_struct_ref.pdbx_db_accession          Q1LCS4 
_struct_ref.entity_id                  1 
_struct_ref.pdbx_seq_one_letter_code   
;MLTYGAPFNFPRWIDEHAHLLKPPVGNRQVWQDSDFIVTVVGGPNHRTDYHDDPLEEFFYQLRGNAYLNLWVDGRRERAD
LKEGDIFLLPPHVRHSPQRPEAGSACLVIERQRPAGMLDGFEWYCDACGHLVHRVEVQLKSIVTDLPPLFESFYASEDKR
RCPHCGQVHPGRAA
;
_struct_ref.pdbx_align_begin           1 
_struct_ref.pdbx_db_isoform            ? 
# 
_struct_ref_seq.align_id                      1 
_struct_ref_seq.ref_id                        1 
_struct_ref_seq.pdbx_PDB_id_code              4HVR 
_struct_ref_seq.pdbx_strand_id                A 
_struct_ref_seq.seq_align_beg                 1 
_struct_ref_seq.pdbx_seq_align_beg_ins_code   ? 
_struct_ref_seq.seq_align_end                 174 
_struct_ref_seq.pdbx_seq_align_end_ins_code   ? 
_struct_ref_seq.pdbx_db_accession             Q1LCS4 
_struct_ref_seq.db_align_beg                  1 
_struct_ref_seq.pdbx_db_align_beg_ins_code    ? 
_struct_ref_seq.db_align_end                  174 
_struct_ref_seq.pdbx_db_align_end_ins_code    ? 
_struct_ref_seq.pdbx_auth_seq_align_beg       1 
_struct_ref_seq.pdbx_auth_seq_align_end       174 
# 
loop_
_pdbx_struct_assembly.id 
_pdbx_struct_assembly.details 
_pdbx_struct_assembly.method_details 
_pdbx_struct_assembly.oligomeric_details 
_pdbx_struct_assembly.oligomeric_count 
1 author_defined_assembly   ?    monomeric 1 
2 software_defined_assembly PISA dimeric   2 
# 
loop_
_pdbx_struct_assembly_prop.biol_id 
_pdbx_struct_assembly_prop.type 
_pdbx_struct_assembly_prop.value 
_pdbx_struct_assembly_prop.details 
2 'ABSA (A^2)' 4420  ? 
2 MORE         -56   ? 
2 'SSA (A^2)'  16020 ? 
# 
loop_
_pdbx_struct_assembly_gen.assembly_id 
_pdbx_struct_assembly_gen.oper_expression 
_pdbx_struct_assembly_gen.asym_id_list 
1 1   A,B,C,D,E 
2 1,2 A,B,C,D,E 
# 
loop_
_pdbx_struct_oper_list.id 
_pdbx_struct_oper_list.type 
_pdbx_struct_oper_list.name 
_pdbx_struct_oper_list.symmetry_operation 
_pdbx_struct_oper_list.matrix[1][1] 
_pdbx_struct_oper_list.matrix[1][2] 
_pdbx_struct_oper_list.matrix[1][3] 
_pdbx_struct_oper_list.vector[1] 
_pdbx_struct_oper_list.matrix[2][1] 
_pdbx_struct_oper_list.matrix[2][2] 
_pdbx_struct_oper_list.matrix[2][3] 
_pdbx_struct_oper_list.vector[2] 
_pdbx_struct_oper_list.matrix[3][1] 
_pdbx_struct_oper_list.matrix[3][2] 
_pdbx_struct_oper_list.matrix[3][3] 
_pdbx_struct_oper_list.vector[3] 
1 'identity operation'         1_555  x,y,z            1.0000000000  0.0000000000  0.0000000000 0.0000000000  0.0000000000  1.0000000000 0.0000000000  0.0000000000 0.0000000000 0.0000000000  1.0000000000  0.0000000000   
2 'crystal symmetry operation' 10_665 -y+1,-x+1,-z+1/6 -0.8922900750 -0.4243642642 0.1540564613 28.1593714333 -0.4243642642 0.6719446121 -0.6069640925 2.0171416309 0.1540564613 -0.6069640925 -0.7796545371 -14.1314485704 
# 
_struct_biol.id        1 
_struct_biol.details   ? 
# 
loop_
_struct_conf.conf_type_id 
_struct_conf.id 
_struct_conf.pdbx_PDB_helix_id 
_struct_conf.beg_label_comp_id 
_struct_conf.beg_label_asym_id 
_struct_conf.beg_label_seq_id 
_struct_conf.pdbx_beg_PDB_ins_code 
_struct_conf.end_label_comp_id 
_struct_conf.end_label_asym_id 
_struct_conf.end_label_seq_id 
_struct_conf.pdbx_end_PDB_ins_code 
_struct_conf.beg_auth_comp_id 
_struct_conf.beg_auth_asym_id 
_struct_conf.beg_auth_seq_id 
_struct_conf.end_auth_comp_id 
_struct_conf.end_auth_asym_id 
_struct_conf.end_auth_seq_id 
_struct_conf.pdbx_PDB_helix_class 
_struct_conf.details 
_struct_conf.pdbx_PDB_helix_length 
HELX_P HELX_P1 1 PHE A 10  ? ALA A 18  ? PHE A 10  ALA A 18  1 ? 9  
HELX_P HELX_P2 2 SER A 141 ? LEU A 146 ? SER A 141 LEU A 146 1 ? 6  
HELX_P HELX_P3 3 LEU A 146 ? ALA A 155 ? LEU A 146 ALA A 155 1 ? 10 
# 
_struct_conf_type.id          HELX_P 
_struct_conf_type.criteria    ? 
_struct_conf_type.reference   ? 
# 
loop_
_struct_conn.id 
_struct_conn.conn_type_id 
_struct_conn.pdbx_leaving_atom_flag 
_struct_conn.pdbx_PDB_id 
_struct_conn.ptnr1_label_asym_id 
_struct_conn.ptnr1_label_comp_id 
_struct_conn.ptnr1_label_seq_id 
_struct_conn.ptnr1_label_atom_id 
_struct_conn.pdbx_ptnr1_label_alt_id 
_struct_conn.pdbx_ptnr1_PDB_ins_code 
_struct_conn.pdbx_ptnr1_standard_comp_id 
_struct_conn.ptnr1_symmetry 
_struct_conn.ptnr2_label_asym_id 
_struct_conn.ptnr2_label_comp_id 
_struct_conn.ptnr2_label_seq_id 
_struct_conn.ptnr2_label_atom_id 
_struct_conn.pdbx_ptnr2_label_alt_id 
_struct_conn.pdbx_ptnr2_PDB_ins_code 
_struct_conn.ptnr1_auth_asym_id 
_struct_conn.ptnr1_auth_comp_id 
_struct_conn.ptnr1_auth_seq_id 
_struct_conn.ptnr2_auth_asym_id 
_struct_conn.ptnr2_auth_comp_id 
_struct_conn.ptnr2_auth_seq_id 
_struct_conn.ptnr2_symmetry 
_struct_conn.pdbx_ptnr3_label_atom_id 
_struct_conn.pdbx_ptnr3_label_seq_id 
_struct_conn.pdbx_ptnr3_label_comp_id 
_struct_conn.pdbx_ptnr3_label_asym_id 
_struct_conn.pdbx_ptnr3_label_alt_id 
_struct_conn.pdbx_ptnr3_PDB_ins_code 
_struct_conn.details 
_struct_conn.pdbx_dist_value 
_struct_conn.pdbx_value_order 
_struct_conn.pdbx_role 
metalc1 metalc ? ? A HIS 51  ND1 ? ? ? 1_555 B FE  . FE    ? ? A HIS 51  A FE  201 1_555 ? ? ? ? ? ? ? 2.179 ? ? 
metalc2 metalc ? ? A GLU 57  OE1 ? ? ? 1_555 B FE  . FE    ? ? A GLU 57  A FE  201 1_555 ? ? ? ? ? ? ? 2.323 ? ? 
metalc3 metalc ? ? A GLU 57  OE2 ? ? ? 1_555 B FE  . FE    ? ? A GLU 57  A FE  201 1_555 ? ? ? ? ? ? ? 2.526 ? ? 
metalc4 metalc ? ? A HIS 95  NE2 ? ? ? 1_555 B FE  . FE    ? ? A HIS 95  A FE  201 1_555 ? ? ? ? ? ? ? 2.064 ? ? 
metalc5 metalc ? ? A CYS 125 SG  ? ? ? 1_555 C FE  . FE    ? ? A CYS 125 A FE  202 1_555 ? ? ? ? ? ? ? 2.397 ? ? 
metalc6 metalc ? ? A CYS 128 SG  ? ? ? 1_555 C FE  . FE    ? ? A CYS 128 A FE  202 1_555 ? ? ? ? ? ? ? 2.197 ? ? 
metalc7 metalc ? ? A CYS 162 SG  ? ? ? 1_555 C FE  . FE    ? ? A CYS 162 A FE  202 1_555 ? ? ? ? ? ? ? 2.433 ? ? 
metalc8 metalc ? ? B FE  .   FE  ? ? ? 1_555 D SAL . O2    ? ? A FE  201 A SAL 203 1_555 ? ? ? ? ? ? ? 2.079 ? ? 
metalc9 metalc ? ? B FE  .   FE  ? ? ? 1_555 D SAL . "O1'" ? ? A FE  201 A SAL 203 1_555 ? ? ? ? ? ? ? 2.648 ? ? 
# 
_struct_conn_type.id          metalc 
_struct_conn_type.criteria    ? 
_struct_conn_type.reference   ? 
# 
loop_
_pdbx_struct_conn_angle.id 
_pdbx_struct_conn_angle.ptnr1_label_atom_id 
_pdbx_struct_conn_angle.ptnr1_label_alt_id 
_pdbx_struct_conn_angle.ptnr1_label_asym_id 
_pdbx_struct_conn_angle.ptnr1_label_comp_id 
_pdbx_struct_conn_angle.ptnr1_label_seq_id 
_pdbx_struct_conn_angle.ptnr1_auth_atom_id 
_pdbx_struct_conn_angle.ptnr1_auth_asym_id 
_pdbx_struct_conn_angle.ptnr1_auth_comp_id 
_pdbx_struct_conn_angle.ptnr1_auth_seq_id 
_pdbx_struct_conn_angle.ptnr1_PDB_ins_code 
_pdbx_struct_conn_angle.ptnr1_symmetry 
_pdbx_struct_conn_angle.ptnr2_label_atom_id 
_pdbx_struct_conn_angle.ptnr2_label_alt_id 
_pdbx_struct_conn_angle.ptnr2_label_asym_id 
_pdbx_struct_conn_angle.ptnr2_label_comp_id 
_pdbx_struct_conn_angle.ptnr2_label_seq_id 
_pdbx_struct_conn_angle.ptnr2_auth_atom_id 
_pdbx_struct_conn_angle.ptnr2_auth_asym_id 
_pdbx_struct_conn_angle.ptnr2_auth_comp_id 
_pdbx_struct_conn_angle.ptnr2_auth_seq_id 
_pdbx_struct_conn_angle.ptnr2_PDB_ins_code 
_pdbx_struct_conn_angle.ptnr2_symmetry 
_pdbx_struct_conn_angle.ptnr3_label_atom_id 
_pdbx_struct_conn_angle.ptnr3_label_alt_id 
_pdbx_struct_conn_angle.ptnr3_label_asym_id 
_pdbx_struct_conn_angle.ptnr3_label_comp_id 
_pdbx_struct_conn_angle.ptnr3_label_seq_id 
_pdbx_struct_conn_angle.ptnr3_auth_atom_id 
_pdbx_struct_conn_angle.ptnr3_auth_asym_id 
_pdbx_struct_conn_angle.ptnr3_auth_comp_id 
_pdbx_struct_conn_angle.ptnr3_auth_seq_id 
_pdbx_struct_conn_angle.ptnr3_PDB_ins_code 
_pdbx_struct_conn_angle.ptnr3_symmetry 
_pdbx_struct_conn_angle.value 
_pdbx_struct_conn_angle.value_esd 
1  ND1 ? A HIS 51  ? A HIS 51  ? 1_555 FE ? B FE . ? A FE 201 ? 1_555 OE1   ? A GLU 57  ? A GLU 57  ? 1_555 140.3 ? 
2  ND1 ? A HIS 51  ? A HIS 51  ? 1_555 FE ? B FE . ? A FE 201 ? 1_555 OE2   ? A GLU 57  ? A GLU 57  ? 1_555 93.5  ? 
3  OE1 ? A GLU 57  ? A GLU 57  ? 1_555 FE ? B FE . ? A FE 201 ? 1_555 OE2   ? A GLU 57  ? A GLU 57  ? 1_555 53.9  ? 
4  ND1 ? A HIS 51  ? A HIS 51  ? 1_555 FE ? B FE . ? A FE 201 ? 1_555 NE2   ? A HIS 95  ? A HIS 95  ? 1_555 103.0 ? 
5  OE1 ? A GLU 57  ? A GLU 57  ? 1_555 FE ? B FE . ? A FE 201 ? 1_555 NE2   ? A HIS 95  ? A HIS 95  ? 1_555 90.8  ? 
6  OE2 ? A GLU 57  ? A GLU 57  ? 1_555 FE ? B FE . ? A FE 201 ? 1_555 NE2   ? A HIS 95  ? A HIS 95  ? 1_555 75.2  ? 
7  ND1 ? A HIS 51  ? A HIS 51  ? 1_555 FE ? B FE . ? A FE 201 ? 1_555 O2    ? D SAL .   ? A SAL 203 ? 1_555 108.4 ? 
8  OE1 ? A GLU 57  ? A GLU 57  ? 1_555 FE ? B FE . ? A FE 201 ? 1_555 O2    ? D SAL .   ? A SAL 203 ? 1_555 106.7 ? 
9  OE2 ? A GLU 57  ? A GLU 57  ? 1_555 FE ? B FE . ? A FE 201 ? 1_555 O2    ? D SAL .   ? A SAL 203 ? 1_555 157.9 ? 
10 NE2 ? A HIS 95  ? A HIS 95  ? 1_555 FE ? B FE . ? A FE 201 ? 1_555 O2    ? D SAL .   ? A SAL 203 ? 1_555 96.7  ? 
11 ND1 ? A HIS 51  ? A HIS 51  ? 1_555 FE ? B FE . ? A FE 201 ? 1_555 "O1'" ? D SAL .   ? A SAL 203 ? 1_555 84.8  ? 
12 OE1 ? A GLU 57  ? A GLU 57  ? 1_555 FE ? B FE . ? A FE 201 ? 1_555 "O1'" ? D SAL .   ? A SAL 203 ? 1_555 68.8  ? 
13 OE2 ? A GLU 57  ? A GLU 57  ? 1_555 FE ? B FE . ? A FE 201 ? 1_555 "O1'" ? D SAL .   ? A SAL 203 ? 1_555 79.6  ? 
14 NE2 ? A HIS 95  ? A HIS 95  ? 1_555 FE ? B FE . ? A FE 201 ? 1_555 "O1'" ? D SAL .   ? A SAL 203 ? 1_555 153.9 ? 
15 O2  ? D SAL .   ? A SAL 203 ? 1_555 FE ? B FE . ? A FE 201 ? 1_555 "O1'" ? D SAL .   ? A SAL 203 ? 1_555 104.5 ? 
16 SG  ? A CYS 125 ? A CYS 125 ? 1_555 FE ? C FE . ? A FE 202 ? 1_555 SG    ? A CYS 128 ? A CYS 128 ? 1_555 123.9 ? 
17 SG  ? A CYS 125 ? A CYS 125 ? 1_555 FE ? C FE . ? A FE 202 ? 1_555 SG    ? A CYS 162 ? A CYS 162 ? 1_555 121.0 ? 
18 SG  ? A CYS 128 ? A CYS 128 ? 1_555 FE ? C FE . ? A FE 202 ? 1_555 SG    ? A CYS 162 ? A CYS 162 ? 1_555 88.5  ? 
# 
loop_
_struct_mon_prot_cis.pdbx_id 
_struct_mon_prot_cis.label_comp_id 
_struct_mon_prot_cis.label_seq_id 
_struct_mon_prot_cis.label_asym_id 
_struct_mon_prot_cis.label_alt_id 
_struct_mon_prot_cis.pdbx_PDB_ins_code 
_struct_mon_prot_cis.auth_comp_id 
_struct_mon_prot_cis.auth_seq_id 
_struct_mon_prot_cis.auth_asym_id 
_struct_mon_prot_cis.pdbx_label_comp_id_2 
_struct_mon_prot_cis.pdbx_label_seq_id_2 
_struct_mon_prot_cis.pdbx_label_asym_id_2 
_struct_mon_prot_cis.pdbx_PDB_ins_code_2 
_struct_mon_prot_cis.pdbx_auth_comp_id_2 
_struct_mon_prot_cis.pdbx_auth_seq_id_2 
_struct_mon_prot_cis.pdbx_auth_asym_id_2 
_struct_mon_prot_cis.pdbx_PDB_model_num 
_struct_mon_prot_cis.pdbx_omega_angle 
1 PRO 23 A . ? PRO 23 A PRO 24 A ? PRO 24 A 1 15.31 
2 GLY 43 A . ? GLY 43 A PRO 44 A ? PRO 44 A 1 -1.58 
# 
loop_
_struct_sheet.id 
_struct_sheet.type 
_struct_sheet.number_strands 
_struct_sheet.details 
A ? 5 ? 
B ? 6 ? 
# 
loop_
_struct_sheet_order.sheet_id 
_struct_sheet_order.range_id_1 
_struct_sheet_order.range_id_2 
_struct_sheet_order.offset 
_struct_sheet_order.sense 
A 1 2 ? anti-parallel 
A 2 3 ? anti-parallel 
A 3 4 ? anti-parallel 
A 4 5 ? anti-parallel 
B 1 2 ? anti-parallel 
B 2 3 ? anti-parallel 
B 3 4 ? anti-parallel 
B 4 5 ? anti-parallel 
B 5 6 ? anti-parallel 
# 
loop_
_struct_sheet_range.sheet_id 
_struct_sheet_range.id 
_struct_sheet_range.beg_label_comp_id 
_struct_sheet_range.beg_label_asym_id 
_struct_sheet_range.beg_label_seq_id 
_struct_sheet_range.pdbx_beg_PDB_ins_code 
_struct_sheet_range.end_label_comp_id 
_struct_sheet_range.end_label_asym_id 
_struct_sheet_range.end_label_seq_id 
_struct_sheet_range.pdbx_end_PDB_ins_code 
_struct_sheet_range.beg_auth_comp_id 
_struct_sheet_range.beg_auth_asym_id 
_struct_sheet_range.beg_auth_seq_id 
_struct_sheet_range.end_auth_comp_id 
_struct_sheet_range.end_auth_asym_id 
_struct_sheet_range.end_auth_seq_id 
A 1 ASN A 27  ? GLN A 29  ? ASN A 27  GLN A 29  
A 2 PHE A 36  ? VAL A 41  ? PHE A 36  VAL A 41  
A 3 ALA A 105 ? ARG A 111 ? ALA A 105 ARG A 111 
A 4 GLU A 57  ? ARG A 63  ? GLU A 57  ARG A 63  
A 5 ILE A 86  ? LEU A 89  ? ILE A 86  LEU A 89  
B 1 ARG A 78  ? LEU A 81  ? ARG A 78  LEU A 81  
B 2 ALA A 66  ? TRP A 71  ? ALA A 66  TRP A 71  
B 3 ARG A 94  ? GLN A 98  ? ARG A 94  GLN A 98  
B 4 TYR A 50  ? ASP A 52  ? TYR A 50  ASP A 52  
B 5 ASP A 119 ? TYR A 124 ? ASP A 119 TYR A 124 
B 6 LEU A 131 ? VAL A 137 ? LEU A 131 VAL A 137 
# 
loop_
_pdbx_struct_sheet_hbond.sheet_id 
_pdbx_struct_sheet_hbond.range_id_1 
_pdbx_struct_sheet_hbond.range_id_2 
_pdbx_struct_sheet_hbond.range_1_label_atom_id 
_pdbx_struct_sheet_hbond.range_1_label_comp_id 
_pdbx_struct_sheet_hbond.range_1_label_asym_id 
_pdbx_struct_sheet_hbond.range_1_label_seq_id 
_pdbx_struct_sheet_hbond.range_1_PDB_ins_code 
_pdbx_struct_sheet_hbond.range_1_auth_atom_id 
_pdbx_struct_sheet_hbond.range_1_auth_comp_id 
_pdbx_struct_sheet_hbond.range_1_auth_asym_id 
_pdbx_struct_sheet_hbond.range_1_auth_seq_id 
_pdbx_struct_sheet_hbond.range_2_label_atom_id 
_pdbx_struct_sheet_hbond.range_2_label_comp_id 
_pdbx_struct_sheet_hbond.range_2_label_asym_id 
_pdbx_struct_sheet_hbond.range_2_label_seq_id 
_pdbx_struct_sheet_hbond.range_2_PDB_ins_code 
_pdbx_struct_sheet_hbond.range_2_auth_atom_id 
_pdbx_struct_sheet_hbond.range_2_auth_comp_id 
_pdbx_struct_sheet_hbond.range_2_auth_asym_id 
_pdbx_struct_sheet_hbond.range_2_auth_seq_id 
A 1 2 N ARG A 28  ? N ARG A 28  O VAL A 40  ? O VAL A 40  
A 2 3 N ILE A 37  ? N ILE A 37  O GLU A 110 ? O GLU A 110 
A 3 4 O ALA A 105 ? O ALA A 105 N ARG A 63  ? N ARG A 63  
A 4 5 N GLU A 57  ? N GLU A 57  O LEU A 89  ? O LEU A 89  
B 1 2 O ALA A 79  ? O ALA A 79  N LEU A 68  ? N LEU A 68  
B 2 3 N TYR A 67  ? N TYR A 67  O GLN A 98  ? O GLN A 98  
B 3 4 O HIS A 95  ? O HIS A 95  N HIS A 51  ? N HIS A 51  
B 4 5 N ASP A 52  ? N ASP A 52  O GLY A 120 ? O GLY A 120 
B 5 6 N ASP A 119 ? N ASP A 119 O VAL A 137 ? O VAL A 137 
# 
loop_
_struct_site.id 
_struct_site.pdbx_evidence_code 
_struct_site.pdbx_auth_asym_id 
_struct_site.pdbx_auth_comp_id 
_struct_site.pdbx_auth_seq_id 
_struct_site.pdbx_auth_ins_code 
_struct_site.pdbx_num_residues 
_struct_site.details 
AC1 Software A FE  201 ? 4 'BINDING SITE FOR RESIDUE FE A 201'  
AC2 Software A FE  202 ? 5 'BINDING SITE FOR RESIDUE FE A 202'  
AC3 Software A SAL 203 ? 7 'BINDING SITE FOR RESIDUE SAL A 203' 
# 
loop_
_struct_site_gen.id 
_struct_site_gen.site_id 
_struct_site_gen.pdbx_num_res 
_struct_site_gen.label_comp_id 
_struct_site_gen.label_asym_id 
_struct_site_gen.label_seq_id 
_struct_site_gen.pdbx_auth_ins_code 
_struct_site_gen.auth_comp_id 
_struct_site_gen.auth_asym_id 
_struct_site_gen.auth_seq_id 
_struct_site_gen.label_atom_id 
_struct_site_gen.label_alt_id 
_struct_site_gen.symmetry 
_struct_site_gen.details 
1  AC1 4 HIS A 51  ? HIS A 51  . ? 1_555 ? 
2  AC1 4 GLU A 57  ? GLU A 57  . ? 1_555 ? 
3  AC1 4 HIS A 95  ? HIS A 95  . ? 1_555 ? 
4  AC1 4 SAL D .   ? SAL A 203 . ? 1_555 ? 
5  AC2 5 CYS A 125 ? CYS A 125 . ? 1_555 ? 
6  AC2 5 CYS A 128 ? CYS A 128 . ? 1_555 ? 
7  AC2 5 CYS A 162 ? CYS A 162 . ? 1_555 ? 
8  AC2 5 CYS A 165 ? CYS A 165 . ? 1_555 ? 
9  AC2 5 HOH E .   ? HOH A 304 . ? 1_555 ? 
10 AC3 7 HIS A 51  ? HIS A 51  . ? 1_555 ? 
11 AC3 7 ASP A 53  ? ASP A 53  . ? 1_555 ? 
12 AC3 7 GLU A 57  ? GLU A 57  . ? 1_555 ? 
13 AC3 7 HIS A 95  ? HIS A 95  . ? 1_555 ? 
14 AC3 7 PRO A 97  ? PRO A 97  . ? 1_555 ? 
15 AC3 7 GLU A 110 ? GLU A 110 . ? 1_555 ? 
16 AC3 7 FE  B .   ? FE  A 201 . ? 1_555 ? 
# 
_pdbx_validate_rmsd_angle.id                         1 
_pdbx_validate_rmsd_angle.PDB_model_num              1 
_pdbx_validate_rmsd_angle.auth_atom_id_1             C 
_pdbx_validate_rmsd_angle.auth_asym_id_1             A 
_pdbx_validate_rmsd_angle.auth_comp_id_1             HIS 
_pdbx_validate_rmsd_angle.auth_seq_id_1              169 
_pdbx_validate_rmsd_angle.PDB_ins_code_1             ? 
_pdbx_validate_rmsd_angle.label_alt_id_1             ? 
_pdbx_validate_rmsd_angle.auth_atom_id_2             N 
_pdbx_validate_rmsd_angle.auth_asym_id_2             A 
_pdbx_validate_rmsd_angle.auth_comp_id_2             PRO 
_pdbx_validate_rmsd_angle.auth_seq_id_2              170 
_pdbx_validate_rmsd_angle.PDB_ins_code_2             ? 
_pdbx_validate_rmsd_angle.label_alt_id_2             ? 
_pdbx_validate_rmsd_angle.auth_atom_id_3             CA 
_pdbx_validate_rmsd_angle.auth_asym_id_3             A 
_pdbx_validate_rmsd_angle.auth_comp_id_3             PRO 
_pdbx_validate_rmsd_angle.auth_seq_id_3              170 
_pdbx_validate_rmsd_angle.PDB_ins_code_3             ? 
_pdbx_validate_rmsd_angle.label_alt_id_3             ? 
_pdbx_validate_rmsd_angle.angle_value                130.50 
_pdbx_validate_rmsd_angle.angle_target_value         119.30 
_pdbx_validate_rmsd_angle.angle_deviation            11.20 
_pdbx_validate_rmsd_angle.angle_standard_deviation   1.50 
_pdbx_validate_rmsd_angle.linker_flag                Y 
# 
loop_
_pdbx_validate_torsion.id 
_pdbx_validate_torsion.PDB_model_num 
_pdbx_validate_torsion.auth_comp_id 
_pdbx_validate_torsion.auth_asym_id 
_pdbx_validate_torsion.auth_seq_id 
_pdbx_validate_torsion.PDB_ins_code 
_pdbx_validate_torsion.label_alt_id 
_pdbx_validate_torsion.phi 
_pdbx_validate_torsion.psi 
1  1 LEU A 21  ? ? -99.28  31.95   
2  1 PRO A 23  ? ? -37.26  147.87  
3  1 ARG A 28  ? ? -171.82 114.59  
4  1 LEU A 55  ? ? -128.98 -169.26 
5  1 ASP A 73  ? ? 58.39   6.11    
6  1 LEU A 81  ? ? -105.63 70.75   
7  1 HIS A 92  ? ? 65.71   -1.95   
8  1 ALA A 115 ? ? -39.26  136.46  
9  1 ASP A 126 ? ? -29.01  -32.44  
10 1 ARG A 160 ? ? -69.80  1.92    
11 1 HIS A 164 ? ? -132.31 -76.19  
12 1 ARG A 172 ? ? -58.36  -76.50  
13 1 ALA A 173 ? ? -152.82 -154.43 
# 
loop_
_chem_comp_atom.comp_id 
_chem_comp_atom.atom_id 
_chem_comp_atom.type_symbol 
_chem_comp_atom.pdbx_aromatic_flag 
_chem_comp_atom.pdbx_stereo_config 
_chem_comp_atom.pdbx_ordinal 
ALA N      N  N N 1   
ALA CA     C  N S 2   
ALA C      C  N N 3   
ALA O      O  N N 4   
ALA CB     C  N N 5   
ALA OXT    O  N N 6   
ALA H      H  N N 7   
ALA H2     H  N N 8   
ALA HA     H  N N 9   
ALA HB1    H  N N 10  
ALA HB2    H  N N 11  
ALA HB3    H  N N 12  
ALA HXT    H  N N 13  
ARG N      N  N N 14  
ARG CA     C  N S 15  
ARG C      C  N N 16  
ARG O      O  N N 17  
ARG CB     C  N N 18  
ARG CG     C  N N 19  
ARG CD     C  N N 20  
ARG NE     N  N N 21  
ARG CZ     C  N N 22  
ARG NH1    N  N N 23  
ARG NH2    N  N N 24  
ARG OXT    O  N N 25  
ARG H      H  N N 26  
ARG H2     H  N N 27  
ARG HA     H  N N 28  
ARG HB2    H  N N 29  
ARG HB3    H  N N 30  
ARG HG2    H  N N 31  
ARG HG3    H  N N 32  
ARG HD2    H  N N 33  
ARG HD3    H  N N 34  
ARG HE     H  N N 35  
ARG HH11   H  N N 36  
ARG HH12   H  N N 37  
ARG HH21   H  N N 38  
ARG HH22   H  N N 39  
ARG HXT    H  N N 40  
ASN N      N  N N 41  
ASN CA     C  N S 42  
ASN C      C  N N 43  
ASN O      O  N N 44  
ASN CB     C  N N 45  
ASN CG     C  N N 46  
ASN OD1    O  N N 47  
ASN ND2    N  N N 48  
ASN OXT    O  N N 49  
ASN H      H  N N 50  
ASN H2     H  N N 51  
ASN HA     H  N N 52  
ASN HB2    H  N N 53  
ASN HB3    H  N N 54  
ASN HD21   H  N N 55  
ASN HD22   H  N N 56  
ASN HXT    H  N N 57  
ASP N      N  N N 58  
ASP CA     C  N S 59  
ASP C      C  N N 60  
ASP O      O  N N 61  
ASP CB     C  N N 62  
ASP CG     C  N N 63  
ASP OD1    O  N N 64  
ASP OD2    O  N N 65  
ASP OXT    O  N N 66  
ASP H      H  N N 67  
ASP H2     H  N N 68  
ASP HA     H  N N 69  
ASP HB2    H  N N 70  
ASP HB3    H  N N 71  
ASP HD2    H  N N 72  
ASP HXT    H  N N 73  
CYS N      N  N N 74  
CYS CA     C  N R 75  
CYS C      C  N N 76  
CYS O      O  N N 77  
CYS CB     C  N N 78  
CYS SG     S  N N 79  
CYS OXT    O  N N 80  
CYS H      H  N N 81  
CYS H2     H  N N 82  
CYS HA     H  N N 83  
CYS HB2    H  N N 84  
CYS HB3    H  N N 85  
CYS HG     H  N N 86  
CYS HXT    H  N N 87  
FE  FE     FE N N 88  
GLN N      N  N N 89  
GLN CA     C  N S 90  
GLN C      C  N N 91  
GLN O      O  N N 92  
GLN CB     C  N N 93  
GLN CG     C  N N 94  
GLN CD     C  N N 95  
GLN OE1    O  N N 96  
GLN NE2    N  N N 97  
GLN OXT    O  N N 98  
GLN H      H  N N 99  
GLN H2     H  N N 100 
GLN HA     H  N N 101 
GLN HB2    H  N N 102 
GLN HB3    H  N N 103 
GLN HG2    H  N N 104 
GLN HG3    H  N N 105 
GLN HE21   H  N N 106 
GLN HE22   H  N N 107 
GLN HXT    H  N N 108 
GLU N      N  N N 109 
GLU CA     C  N S 110 
GLU C      C  N N 111 
GLU O      O  N N 112 
GLU CB     C  N N 113 
GLU CG     C  N N 114 
GLU CD     C  N N 115 
GLU OE1    O  N N 116 
GLU OE2    O  N N 117 
GLU OXT    O  N N 118 
GLU H      H  N N 119 
GLU H2     H  N N 120 
GLU HA     H  N N 121 
GLU HB2    H  N N 122 
GLU HB3    H  N N 123 
GLU HG2    H  N N 124 
GLU HG3    H  N N 125 
GLU HE2    H  N N 126 
GLU HXT    H  N N 127 
GLY N      N  N N 128 
GLY CA     C  N N 129 
GLY C      C  N N 130 
GLY O      O  N N 131 
GLY OXT    O  N N 132 
GLY H      H  N N 133 
GLY H2     H  N N 134 
GLY HA2    H  N N 135 
GLY HA3    H  N N 136 
GLY HXT    H  N N 137 
HIS N      N  N N 138 
HIS CA     C  N S 139 
HIS C      C  N N 140 
HIS O      O  N N 141 
HIS CB     C  N N 142 
HIS CG     C  Y N 143 
HIS ND1    N  Y N 144 
HIS CD2    C  Y N 145 
HIS CE1    C  Y N 146 
HIS NE2    N  Y N 147 
HIS OXT    O  N N 148 
HIS H      H  N N 149 
HIS H2     H  N N 150 
HIS HA     H  N N 151 
HIS HB2    H  N N 152 
HIS HB3    H  N N 153 
HIS HD1    H  N N 154 
HIS HD2    H  N N 155 
HIS HE1    H  N N 156 
HIS HE2    H  N N 157 
HIS HXT    H  N N 158 
HOH O      O  N N 159 
HOH H1     H  N N 160 
HOH H2     H  N N 161 
ILE N      N  N N 162 
ILE CA     C  N S 163 
ILE C      C  N N 164 
ILE O      O  N N 165 
ILE CB     C  N S 166 
ILE CG1    C  N N 167 
ILE CG2    C  N N 168 
ILE CD1    C  N N 169 
ILE OXT    O  N N 170 
ILE H      H  N N 171 
ILE H2     H  N N 172 
ILE HA     H  N N 173 
ILE HB     H  N N 174 
ILE HG12   H  N N 175 
ILE HG13   H  N N 176 
ILE HG21   H  N N 177 
ILE HG22   H  N N 178 
ILE HG23   H  N N 179 
ILE HD11   H  N N 180 
ILE HD12   H  N N 181 
ILE HD13   H  N N 182 
ILE HXT    H  N N 183 
LEU N      N  N N 184 
LEU CA     C  N S 185 
LEU C      C  N N 186 
LEU O      O  N N 187 
LEU CB     C  N N 188 
LEU CG     C  N N 189 
LEU CD1    C  N N 190 
LEU CD2    C  N N 191 
LEU OXT    O  N N 192 
LEU H      H  N N 193 
LEU H2     H  N N 194 
LEU HA     H  N N 195 
LEU HB2    H  N N 196 
LEU HB3    H  N N 197 
LEU HG     H  N N 198 
LEU HD11   H  N N 199 
LEU HD12   H  N N 200 
LEU HD13   H  N N 201 
LEU HD21   H  N N 202 
LEU HD22   H  N N 203 
LEU HD23   H  N N 204 
LEU HXT    H  N N 205 
LYS N      N  N N 206 
LYS CA     C  N S 207 
LYS C      C  N N 208 
LYS O      O  N N 209 
LYS CB     C  N N 210 
LYS CG     C  N N 211 
LYS CD     C  N N 212 
LYS CE     C  N N 213 
LYS NZ     N  N N 214 
LYS OXT    O  N N 215 
LYS H      H  N N 216 
LYS H2     H  N N 217 
LYS HA     H  N N 218 
LYS HB2    H  N N 219 
LYS HB3    H  N N 220 
LYS HG2    H  N N 221 
LYS HG3    H  N N 222 
LYS HD2    H  N N 223 
LYS HD3    H  N N 224 
LYS HE2    H  N N 225 
LYS HE3    H  N N 226 
LYS HZ1    H  N N 227 
LYS HZ2    H  N N 228 
LYS HZ3    H  N N 229 
LYS HXT    H  N N 230 
MET N      N  N N 231 
MET CA     C  N S 232 
MET C      C  N N 233 
MET O      O  N N 234 
MET CB     C  N N 235 
MET CG     C  N N 236 
MET SD     S  N N 237 
MET CE     C  N N 238 
MET OXT    O  N N 239 
MET H      H  N N 240 
MET H2     H  N N 241 
MET HA     H  N N 242 
MET HB2    H  N N 243 
MET HB3    H  N N 244 
MET HG2    H  N N 245 
MET HG3    H  N N 246 
MET HE1    H  N N 247 
MET HE2    H  N N 248 
MET HE3    H  N N 249 
MET HXT    H  N N 250 
PHE N      N  N N 251 
PHE CA     C  N S 252 
PHE C      C  N N 253 
PHE O      O  N N 254 
PHE CB     C  N N 255 
PHE CG     C  Y N 256 
PHE CD1    C  Y N 257 
PHE CD2    C  Y N 258 
PHE CE1    C  Y N 259 
PHE CE2    C  Y N 260 
PHE CZ     C  Y N 261 
PHE OXT    O  N N 262 
PHE H      H  N N 263 
PHE H2     H  N N 264 
PHE HA     H  N N 265 
PHE HB2    H  N N 266 
PHE HB3    H  N N 267 
PHE HD1    H  N N 268 
PHE HD2    H  N N 269 
PHE HE1    H  N N 270 
PHE HE2    H  N N 271 
PHE HZ     H  N N 272 
PHE HXT    H  N N 273 
PRO N      N  N N 274 
PRO CA     C  N S 275 
PRO C      C  N N 276 
PRO O      O  N N 277 
PRO CB     C  N N 278 
PRO CG     C  N N 279 
PRO CD     C  N N 280 
PRO OXT    O  N N 281 
PRO H      H  N N 282 
PRO HA     H  N N 283 
PRO HB2    H  N N 284 
PRO HB3    H  N N 285 
PRO HG2    H  N N 286 
PRO HG3    H  N N 287 
PRO HD2    H  N N 288 
PRO HD3    H  N N 289 
PRO HXT    H  N N 290 
SAL "C1'"  C  N N 291 
SAL "O1'"  O  N N 292 
SAL "O2'"  O  N N 293 
SAL C1     C  Y N 294 
SAL C2     C  Y N 295 
SAL C3     C  Y N 296 
SAL C4     C  Y N 297 
SAL C5     C  Y N 298 
SAL C6     C  Y N 299 
SAL O2     O  N N 300 
SAL "HO2'" H  N N 301 
SAL H3     H  N N 302 
SAL H4     H  N N 303 
SAL H5     H  N N 304 
SAL H6     H  N N 305 
SAL HO2    H  N N 306 
SER N      N  N N 307 
SER CA     C  N S 308 
SER C      C  N N 309 
SER O      O  N N 310 
SER CB     C  N N 311 
SER OG     O  N N 312 
SER OXT    O  N N 313 
SER H      H  N N 314 
SER H2     H  N N 315 
SER HA     H  N N 316 
SER HB2    H  N N 317 
SER HB3    H  N N 318 
SER HG     H  N N 319 
SER HXT    H  N N 320 
THR N      N  N N 321 
THR CA     C  N S 322 
THR C      C  N N 323 
THR O      O  N N 324 
THR CB     C  N R 325 
THR OG1    O  N N 326 
THR CG2    C  N N 327 
THR OXT    O  N N 328 
THR H      H  N N 329 
THR H2     H  N N 330 
THR HA     H  N N 331 
THR HB     H  N N 332 
THR HG1    H  N N 333 
THR HG21   H  N N 334 
THR HG22   H  N N 335 
THR HG23   H  N N 336 
THR HXT    H  N N 337 
TRP N      N  N N 338 
TRP CA     C  N S 339 
TRP C      C  N N 340 
TRP O      O  N N 341 
TRP CB     C  N N 342 
TRP CG     C  Y N 343 
TRP CD1    C  Y N 344 
TRP CD2    C  Y N 345 
TRP NE1    N  Y N 346 
TRP CE2    C  Y N 347 
TRP CE3    C  Y N 348 
TRP CZ2    C  Y N 349 
TRP CZ3    C  Y N 350 
TRP CH2    C  Y N 351 
TRP OXT    O  N N 352 
TRP H      H  N N 353 
TRP H2     H  N N 354 
TRP HA     H  N N 355 
TRP HB2    H  N N 356 
TRP HB3    H  N N 357 
TRP HD1    H  N N 358 
TRP HE1    H  N N 359 
TRP HE3    H  N N 360 
TRP HZ2    H  N N 361 
TRP HZ3    H  N N 362 
TRP HH2    H  N N 363 
TRP HXT    H  N N 364 
TYR N      N  N N 365 
TYR CA     C  N S 366 
TYR C      C  N N 367 
TYR O      O  N N 368 
TYR CB     C  N N 369 
TYR CG     C  Y N 370 
TYR CD1    C  Y N 371 
TYR CD2    C  Y N 372 
TYR CE1    C  Y N 373 
TYR CE2    C  Y N 374 
TYR CZ     C  Y N 375 
TYR OH     O  N N 376 
TYR OXT    O  N N 377 
TYR H      H  N N 378 
TYR H2     H  N N 379 
TYR HA     H  N N 380 
TYR HB2    H  N N 381 
TYR HB3    H  N N 382 
TYR HD1    H  N N 383 
TYR HD2    H  N N 384 
TYR HE1    H  N N 385 
TYR HE2    H  N N 386 
TYR HH     H  N N 387 
TYR HXT    H  N N 388 
VAL N      N  N N 389 
VAL CA     C  N S 390 
VAL C      C  N N 391 
VAL O      O  N N 392 
VAL CB     C  N N 393 
VAL CG1    C  N N 394 
VAL CG2    C  N N 395 
VAL OXT    O  N N 396 
VAL H      H  N N 397 
VAL H2     H  N N 398 
VAL HA     H  N N 399 
VAL HB     H  N N 400 
VAL HG11   H  N N 401 
VAL HG12   H  N N 402 
VAL HG13   H  N N 403 
VAL HG21   H  N N 404 
VAL HG22   H  N N 405 
VAL HG23   H  N N 406 
VAL HXT    H  N N 407 
# 
loop_
_chem_comp_bond.comp_id 
_chem_comp_bond.atom_id_1 
_chem_comp_bond.atom_id_2 
_chem_comp_bond.value_order 
_chem_comp_bond.pdbx_aromatic_flag 
_chem_comp_bond.pdbx_stereo_config 
_chem_comp_bond.pdbx_ordinal 
ALA N     CA     sing N N 1   
ALA N     H      sing N N 2   
ALA N     H2     sing N N 3   
ALA CA    C      sing N N 4   
ALA CA    CB     sing N N 5   
ALA CA    HA     sing N N 6   
ALA C     O      doub N N 7   
ALA C     OXT    sing N N 8   
ALA CB    HB1    sing N N 9   
ALA CB    HB2    sing N N 10  
ALA CB    HB3    sing N N 11  
ALA OXT   HXT    sing N N 12  
ARG N     CA     sing N N 13  
ARG N     H      sing N N 14  
ARG N     H2     sing N N 15  
ARG CA    C      sing N N 16  
ARG CA    CB     sing N N 17  
ARG CA    HA     sing N N 18  
ARG C     O      doub N N 19  
ARG C     OXT    sing N N 20  
ARG CB    CG     sing N N 21  
ARG CB    HB2    sing N N 22  
ARG CB    HB3    sing N N 23  
ARG CG    CD     sing N N 24  
ARG CG    HG2    sing N N 25  
ARG CG    HG3    sing N N 26  
ARG CD    NE     sing N N 27  
ARG CD    HD2    sing N N 28  
ARG CD    HD3    sing N N 29  
ARG NE    CZ     sing N N 30  
ARG NE    HE     sing N N 31  
ARG CZ    NH1    sing N N 32  
ARG CZ    NH2    doub N N 33  
ARG NH1   HH11   sing N N 34  
ARG NH1   HH12   sing N N 35  
ARG NH2   HH21   sing N N 36  
ARG NH2   HH22   sing N N 37  
ARG OXT   HXT    sing N N 38  
ASN N     CA     sing N N 39  
ASN N     H      sing N N 40  
ASN N     H2     sing N N 41  
ASN CA    C      sing N N 42  
ASN CA    CB     sing N N 43  
ASN CA    HA     sing N N 44  
ASN C     O      doub N N 45  
ASN C     OXT    sing N N 46  
ASN CB    CG     sing N N 47  
ASN CB    HB2    sing N N 48  
ASN CB    HB3    sing N N 49  
ASN CG    OD1    doub N N 50  
ASN CG    ND2    sing N N 51  
ASN ND2   HD21   sing N N 52  
ASN ND2   HD22   sing N N 53  
ASN OXT   HXT    sing N N 54  
ASP N     CA     sing N N 55  
ASP N     H      sing N N 56  
ASP N     H2     sing N N 57  
ASP CA    C      sing N N 58  
ASP CA    CB     sing N N 59  
ASP CA    HA     sing N N 60  
ASP C     O      doub N N 61  
ASP C     OXT    sing N N 62  
ASP CB    CG     sing N N 63  
ASP CB    HB2    sing N N 64  
ASP CB    HB3    sing N N 65  
ASP CG    OD1    doub N N 66  
ASP CG    OD2    sing N N 67  
ASP OD2   HD2    sing N N 68  
ASP OXT   HXT    sing N N 69  
CYS N     CA     sing N N 70  
CYS N     H      sing N N 71  
CYS N     H2     sing N N 72  
CYS CA    C      sing N N 73  
CYS CA    CB     sing N N 74  
CYS CA    HA     sing N N 75  
CYS C     O      doub N N 76  
CYS C     OXT    sing N N 77  
CYS CB    SG     sing N N 78  
CYS CB    HB2    sing N N 79  
CYS CB    HB3    sing N N 80  
CYS SG    HG     sing N N 81  
CYS OXT   HXT    sing N N 82  
GLN N     CA     sing N N 83  
GLN N     H      sing N N 84  
GLN N     H2     sing N N 85  
GLN CA    C      sing N N 86  
GLN CA    CB     sing N N 87  
GLN CA    HA     sing N N 88  
GLN C     O      doub N N 89  
GLN C     OXT    sing N N 90  
GLN CB    CG     sing N N 91  
GLN CB    HB2    sing N N 92  
GLN CB    HB3    sing N N 93  
GLN CG    CD     sing N N 94  
GLN CG    HG2    sing N N 95  
GLN CG    HG3    sing N N 96  
GLN CD    OE1    doub N N 97  
GLN CD    NE2    sing N N 98  
GLN NE2   HE21   sing N N 99  
GLN NE2   HE22   sing N N 100 
GLN OXT   HXT    sing N N 101 
GLU N     CA     sing N N 102 
GLU N     H      sing N N 103 
GLU N     H2     sing N N 104 
GLU CA    C      sing N N 105 
GLU CA    CB     sing N N 106 
GLU CA    HA     sing N N 107 
GLU C     O      doub N N 108 
GLU C     OXT    sing N N 109 
GLU CB    CG     sing N N 110 
GLU CB    HB2    sing N N 111 
GLU CB    HB3    sing N N 112 
GLU CG    CD     sing N N 113 
GLU CG    HG2    sing N N 114 
GLU CG    HG3    sing N N 115 
GLU CD    OE1    doub N N 116 
GLU CD    OE2    sing N N 117 
GLU OE2   HE2    sing N N 118 
GLU OXT   HXT    sing N N 119 
GLY N     CA     sing N N 120 
GLY N     H      sing N N 121 
GLY N     H2     sing N N 122 
GLY CA    C      sing N N 123 
GLY CA    HA2    sing N N 124 
GLY CA    HA3    sing N N 125 
GLY C     O      doub N N 126 
GLY C     OXT    sing N N 127 
GLY OXT   HXT    sing N N 128 
HIS N     CA     sing N N 129 
HIS N     H      sing N N 130 
HIS N     H2     sing N N 131 
HIS CA    C      sing N N 132 
HIS CA    CB     sing N N 133 
HIS CA    HA     sing N N 134 
HIS C     O      doub N N 135 
HIS C     OXT    sing N N 136 
HIS CB    CG     sing N N 137 
HIS CB    HB2    sing N N 138 
HIS CB    HB3    sing N N 139 
HIS CG    ND1    sing Y N 140 
HIS CG    CD2    doub Y N 141 
HIS ND1   CE1    doub Y N 142 
HIS ND1   HD1    sing N N 143 
HIS CD2   NE2    sing Y N 144 
HIS CD2   HD2    sing N N 145 
HIS CE1   NE2    sing Y N 146 
HIS CE1   HE1    sing N N 147 
HIS NE2   HE2    sing N N 148 
HIS OXT   HXT    sing N N 149 
HOH O     H1     sing N N 150 
HOH O     H2     sing N N 151 
ILE N     CA     sing N N 152 
ILE N     H      sing N N 153 
ILE N     H2     sing N N 154 
ILE CA    C      sing N N 155 
ILE CA    CB     sing N N 156 
ILE CA    HA     sing N N 157 
ILE C     O      doub N N 158 
ILE C     OXT    sing N N 159 
ILE CB    CG1    sing N N 160 
ILE CB    CG2    sing N N 161 
ILE CB    HB     sing N N 162 
ILE CG1   CD1    sing N N 163 
ILE CG1   HG12   sing N N 164 
ILE CG1   HG13   sing N N 165 
ILE CG2   HG21   sing N N 166 
ILE CG2   HG22   sing N N 167 
ILE CG2   HG23   sing N N 168 
ILE CD1   HD11   sing N N 169 
ILE CD1   HD12   sing N N 170 
ILE CD1   HD13   sing N N 171 
ILE OXT   HXT    sing N N 172 
LEU N     CA     sing N N 173 
LEU N     H      sing N N 174 
LEU N     H2     sing N N 175 
LEU CA    C      sing N N 176 
LEU CA    CB     sing N N 177 
LEU CA    HA     sing N N 178 
LEU C     O      doub N N 179 
LEU C     OXT    sing N N 180 
LEU CB    CG     sing N N 181 
LEU CB    HB2    sing N N 182 
LEU CB    HB3    sing N N 183 
LEU CG    CD1    sing N N 184 
LEU CG    CD2    sing N N 185 
LEU CG    HG     sing N N 186 
LEU CD1   HD11   sing N N 187 
LEU CD1   HD12   sing N N 188 
LEU CD1   HD13   sing N N 189 
LEU CD2   HD21   sing N N 190 
LEU CD2   HD22   sing N N 191 
LEU CD2   HD23   sing N N 192 
LEU OXT   HXT    sing N N 193 
LYS N     CA     sing N N 194 
LYS N     H      sing N N 195 
LYS N     H2     sing N N 196 
LYS CA    C      sing N N 197 
LYS CA    CB     sing N N 198 
LYS CA    HA     sing N N 199 
LYS C     O      doub N N 200 
LYS C     OXT    sing N N 201 
LYS CB    CG     sing N N 202 
LYS CB    HB2    sing N N 203 
LYS CB    HB3    sing N N 204 
LYS CG    CD     sing N N 205 
LYS CG    HG2    sing N N 206 
LYS CG    HG3    sing N N 207 
LYS CD    CE     sing N N 208 
LYS CD    HD2    sing N N 209 
LYS CD    HD3    sing N N 210 
LYS CE    NZ     sing N N 211 
LYS CE    HE2    sing N N 212 
LYS CE    HE3    sing N N 213 
LYS NZ    HZ1    sing N N 214 
LYS NZ    HZ2    sing N N 215 
LYS NZ    HZ3    sing N N 216 
LYS OXT   HXT    sing N N 217 
MET N     CA     sing N N 218 
MET N     H      sing N N 219 
MET N     H2     sing N N 220 
MET CA    C      sing N N 221 
MET CA    CB     sing N N 222 
MET CA    HA     sing N N 223 
MET C     O      doub N N 224 
MET C     OXT    sing N N 225 
MET CB    CG     sing N N 226 
MET CB    HB2    sing N N 227 
MET CB    HB3    sing N N 228 
MET CG    SD     sing N N 229 
MET CG    HG2    sing N N 230 
MET CG    HG3    sing N N 231 
MET SD    CE     sing N N 232 
MET CE    HE1    sing N N 233 
MET CE    HE2    sing N N 234 
MET CE    HE3    sing N N 235 
MET OXT   HXT    sing N N 236 
PHE N     CA     sing N N 237 
PHE N     H      sing N N 238 
PHE N     H2     sing N N 239 
PHE CA    C      sing N N 240 
PHE CA    CB     sing N N 241 
PHE CA    HA     sing N N 242 
PHE C     O      doub N N 243 
PHE C     OXT    sing N N 244 
PHE CB    CG     sing N N 245 
PHE CB    HB2    sing N N 246 
PHE CB    HB3    sing N N 247 
PHE CG    CD1    doub Y N 248 
PHE CG    CD2    sing Y N 249 
PHE CD1   CE1    sing Y N 250 
PHE CD1   HD1    sing N N 251 
PHE CD2   CE2    doub Y N 252 
PHE CD2   HD2    sing N N 253 
PHE CE1   CZ     doub Y N 254 
PHE CE1   HE1    sing N N 255 
PHE CE2   CZ     sing Y N 256 
PHE CE2   HE2    sing N N 257 
PHE CZ    HZ     sing N N 258 
PHE OXT   HXT    sing N N 259 
PRO N     CA     sing N N 260 
PRO N     CD     sing N N 261 
PRO N     H      sing N N 262 
PRO CA    C      sing N N 263 
PRO CA    CB     sing N N 264 
PRO CA    HA     sing N N 265 
PRO C     O      doub N N 266 
PRO C     OXT    sing N N 267 
PRO CB    CG     sing N N 268 
PRO CB    HB2    sing N N 269 
PRO CB    HB3    sing N N 270 
PRO CG    CD     sing N N 271 
PRO CG    HG2    sing N N 272 
PRO CG    HG3    sing N N 273 
PRO CD    HD2    sing N N 274 
PRO CD    HD3    sing N N 275 
PRO OXT   HXT    sing N N 276 
SAL "C1'" "O1'"  doub N N 277 
SAL "C1'" "O2'"  sing N N 278 
SAL "C1'" C1     sing N N 279 
SAL "O2'" "HO2'" sing N N 280 
SAL C1    C2     sing Y N 281 
SAL C1    C6     doub Y N 282 
SAL C2    C3     doub Y N 283 
SAL C2    O2     sing N N 284 
SAL C3    C4     sing Y N 285 
SAL C3    H3     sing N N 286 
SAL C4    C5     doub Y N 287 
SAL C4    H4     sing N N 288 
SAL C5    C6     sing Y N 289 
SAL C5    H5     sing N N 290 
SAL C6    H6     sing N N 291 
SAL O2    HO2    sing N N 292 
SER N     CA     sing N N 293 
SER N     H      sing N N 294 
SER N     H2     sing N N 295 
SER CA    C      sing N N 296 
SER CA    CB     sing N N 297 
SER CA    HA     sing N N 298 
SER C     O      doub N N 299 
SER C     OXT    sing N N 300 
SER CB    OG     sing N N 301 
SER CB    HB2    sing N N 302 
SER CB    HB3    sing N N 303 
SER OG    HG     sing N N 304 
SER OXT   HXT    sing N N 305 
THR N     CA     sing N N 306 
THR N     H      sing N N 307 
THR N     H2     sing N N 308 
THR CA    C      sing N N 309 
THR CA    CB     sing N N 310 
THR CA    HA     sing N N 311 
THR C     O      doub N N 312 
THR C     OXT    sing N N 313 
THR CB    OG1    sing N N 314 
THR CB    CG2    sing N N 315 
THR CB    HB     sing N N 316 
THR OG1   HG1    sing N N 317 
THR CG2   HG21   sing N N 318 
THR CG2   HG22   sing N N 319 
THR CG2   HG23   sing N N 320 
THR OXT   HXT    sing N N 321 
TRP N     CA     sing N N 322 
TRP N     H      sing N N 323 
TRP N     H2     sing N N 324 
TRP CA    C      sing N N 325 
TRP CA    CB     sing N N 326 
TRP CA    HA     sing N N 327 
TRP C     O      doub N N 328 
TRP C     OXT    sing N N 329 
TRP CB    CG     sing N N 330 
TRP CB    HB2    sing N N 331 
TRP CB    HB3    sing N N 332 
TRP CG    CD1    doub Y N 333 
TRP CG    CD2    sing Y N 334 
TRP CD1   NE1    sing Y N 335 
TRP CD1   HD1    sing N N 336 
TRP CD2   CE2    doub Y N 337 
TRP CD2   CE3    sing Y N 338 
TRP NE1   CE2    sing Y N 339 
TRP NE1   HE1    sing N N 340 
TRP CE2   CZ2    sing Y N 341 
TRP CE3   CZ3    doub Y N 342 
TRP CE3   HE3    sing N N 343 
TRP CZ2   CH2    doub Y N 344 
TRP CZ2   HZ2    sing N N 345 
TRP CZ3   CH2    sing Y N 346 
TRP CZ3   HZ3    sing N N 347 
TRP CH2   HH2    sing N N 348 
TRP OXT   HXT    sing N N 349 
TYR N     CA     sing N N 350 
TYR N     H      sing N N 351 
TYR N     H2     sing N N 352 
TYR CA    C      sing N N 353 
TYR CA    CB     sing N N 354 
TYR CA    HA     sing N N 355 
TYR C     O      doub N N 356 
TYR C     OXT    sing N N 357 
TYR CB    CG     sing N N 358 
TYR CB    HB2    sing N N 359 
TYR CB    HB3    sing N N 360 
TYR CG    CD1    doub Y N 361 
TYR CG    CD2    sing Y N 362 
TYR CD1   CE1    sing Y N 363 
TYR CD1   HD1    sing N N 364 
TYR CD2   CE2    doub Y N 365 
TYR CD2   HD2    sing N N 366 
TYR CE1   CZ     doub Y N 367 
TYR CE1   HE1    sing N N 368 
TYR CE2   CZ     sing Y N 369 
TYR CE2   HE2    sing N N 370 
TYR CZ    OH     sing N N 371 
TYR OH    HH     sing N N 372 
TYR OXT   HXT    sing N N 373 
VAL N     CA     sing N N 374 
VAL N     H      sing N N 375 
VAL N     H2     sing N N 376 
VAL CA    C      sing N N 377 
VAL CA    CB     sing N N 378 
VAL CA    HA     sing N N 379 
VAL C     O      doub N N 380 
VAL C     OXT    sing N N 381 
VAL CB    CG1    sing N N 382 
VAL CB    CG2    sing N N 383 
VAL CB    HB     sing N N 384 
VAL CG1   HG11   sing N N 385 
VAL CG1   HG12   sing N N 386 
VAL CG1   HG13   sing N N 387 
VAL CG2   HG21   sing N N 388 
VAL CG2   HG22   sing N N 389 
VAL CG2   HG23   sing N N 390 
VAL OXT   HXT    sing N N 391 
# 
_atom_sites.entry_id                    4HVR 
_atom_sites.fract_transf_matrix[1][1]   0.00815603 
_atom_sites.fract_transf_matrix[1][2]   0.01588719 
_atom_sites.fract_transf_matrix[1][3]   0.00835859 
_atom_sites.fract_transf_matrix[2][1]   0.01273196 
_atom_sites.fract_transf_matrix[2][2]   -0.00214099 
_atom_sites.fract_transf_matrix[2][3]   0.01490346 
_atom_sites.fract_transf_matrix[3][1]   0.00327428 
_atom_sites.fract_transf_matrix[3][2]   -0.00019455 
_atom_sites.fract_transf_matrix[3][3]   -0.00282515 
_atom_sites.fract_transf_vector[1]      0.381360 
_atom_sites.fract_transf_vector[2]      0.475044 
_atom_sites.fract_transf_vector[3]      0.017463 
# 
loop_
_atom_type.symbol 
C  
FE 
N  
O  
S  
# 
loop_
_atom_site.group_PDB 
_atom_site.id 
_atom_site.type_symbol 
_atom_site.label_atom_id 
_atom_site.label_alt_id 
_atom_site.label_comp_id 
_atom_site.label_asym_id 
_atom_site.label_entity_id 
_atom_site.label_seq_id 
_atom_site.pdbx_PDB_ins_code 
_atom_site.Cartn_x 
_atom_site.Cartn_y 
_atom_site.Cartn_z 
_atom_site.occupancy 
_atom_site.B_iso_or_equiv 
_atom_site.pdbx_formal_charge 
_atom_site.auth_seq_id 
_atom_site.auth_comp_id 
_atom_site.auth_asym_id 
_atom_site.auth_atom_id 
_atom_site.pdbx_PDB_model_num 
ATOM   1    N  N     . MET A 1 1   ? 29.498  14.163  0.872   1.00 118.69 ? 1   MET A N     1 
ATOM   2    C  CA    . MET A 1 1   ? 29.385  13.094  1.917   1.00 125.44 ? 1   MET A CA    1 
ATOM   3    C  C     . MET A 1 1   ? 28.363  11.979  1.524   1.00 122.61 ? 1   MET A C     1 
ATOM   4    O  O     . MET A 1 1   ? 27.516  12.160  0.612   1.00 100.86 ? 1   MET A O     1 
ATOM   5    C  CB    . MET A 1 1   ? 29.131  13.730  3.318   1.00 125.05 ? 1   MET A CB    1 
ATOM   6    C  CG    . MET A 1 1   ? 29.226  12.805  4.545   1.00 134.35 ? 1   MET A CG    1 
ATOM   7    S  SD    . MET A 1 1   ? 30.660  11.693  4.721   1.00 137.77 ? 1   MET A SD    1 
ATOM   8    C  CE    . MET A 1 1   ? 32.037  12.841  4.874   1.00 132.03 ? 1   MET A CE    1 
ATOM   9    N  N     . LEU A 1 2   ? 28.499  10.819  2.183   1.00 113.31 ? 2   LEU A N     1 
ATOM   10   C  CA    . LEU A 1 2   ? 27.579  9.695   2.052   1.00 94.55  ? 2   LEU A CA    1 
ATOM   11   C  C     . LEU A 1 2   ? 26.357  9.961   2.900   1.00 86.32  ? 2   LEU A C     1 
ATOM   12   O  O     . LEU A 1 2   ? 26.200  9.408   3.984   1.00 93.25  ? 2   LEU A O     1 
ATOM   13   C  CB    . LEU A 1 2   ? 28.248  8.391   2.486   1.00 91.78  ? 2   LEU A CB    1 
ATOM   14   C  CG    . LEU A 1 2   ? 29.227  7.851   1.458   1.00 87.27  ? 2   LEU A CG    1 
ATOM   15   C  CD1   . LEU A 1 2   ? 29.625  6.412   1.789   1.00 88.27  ? 2   LEU A CD1   1 
ATOM   16   C  CD2   . LEU A 1 2   ? 28.581  7.975   0.088   1.00 71.78  ? 2   LEU A CD2   1 
ATOM   17   N  N     . THR A 1 3   ? 25.505  10.835  2.386   1.00 72.62  ? 3   THR A N     1 
ATOM   18   C  CA    . THR A 1 3   ? 24.251  11.210  3.009   1.00 70.65  ? 3   THR A CA    1 
ATOM   19   C  C     . THR A 1 3   ? 23.426  10.039  3.537   1.00 74.44  ? 3   THR A C     1 
ATOM   20   O  O     . THR A 1 3   ? 22.934  10.102  4.662   1.00 82.96  ? 3   THR A O     1 
ATOM   21   C  CB    . THR A 1 3   ? 23.401  12.019  2.023   1.00 74.71  ? 3   THR A CB    1 
ATOM   22   O  OG1   . THR A 1 3   ? 24.190  13.098  1.486   1.00 76.62  ? 3   THR A OG1   1 
ATOM   23   C  CG2   . THR A 1 3   ? 22.119  12.554  2.695   1.00 71.31  ? 3   THR A CG2   1 
ATOM   24   N  N     . TYR A 1 4   ? 23.274  8.982   2.731   1.00 79.18  ? 4   TYR A N     1 
ATOM   25   C  CA    . TYR A 1 4   ? 22.461  7.801   3.095   1.00 72.62  ? 4   TYR A CA    1 
ATOM   26   C  C     . TYR A 1 4   ? 23.308  6.688   3.696   1.00 73.04  ? 4   TYR A C     1 
ATOM   27   O  O     . TYR A 1 4   ? 22.929  5.514   3.700   1.00 75.23  ? 4   TYR A O     1 
ATOM   28   C  CB    . TYR A 1 4   ? 21.683  7.307   1.880   1.00 63.61  ? 4   TYR A CB    1 
ATOM   29   C  CG    . TYR A 1 4   ? 20.899  8.403   1.256   1.00 60.72  ? 4   TYR A CG    1 
ATOM   30   C  CD1   . TYR A 1 4   ? 20.065  9.189   2.017   1.00 69.80  ? 4   TYR A CD1   1 
ATOM   31   C  CD2   . TYR A 1 4   ? 20.994  8.667   -0.083  1.00 65.17  ? 4   TYR A CD2   1 
ATOM   32   C  CE1   . TYR A 1 4   ? 19.337  10.214  1.454   1.00 74.73  ? 4   TYR A CE1   1 
ATOM   33   C  CE2   . TYR A 1 4   ? 20.263  9.679   -0.664  1.00 67.29  ? 4   TYR A CE2   1 
ATOM   34   C  CZ    . TYR A 1 4   ? 19.447  10.448  0.115   1.00 71.60  ? 4   TYR A CZ    1 
ATOM   35   O  OH    . TYR A 1 4   ? 18.724  11.453  -0.447  1.00 79.82  ? 4   TYR A OH    1 
ATOM   36   N  N     . GLY A 1 5   ? 24.469  7.080   4.197   1.00 70.13  ? 5   GLY A N     1 
ATOM   37   C  CA    . GLY A 1 5   ? 25.404  6.141   4.741   1.00 69.46  ? 5   GLY A CA    1 
ATOM   38   C  C     . GLY A 1 5   ? 26.103  5.361   3.647   1.00 75.34  ? 5   GLY A C     1 
ATOM   39   O  O     . GLY A 1 5   ? 26.085  5.745   2.452   1.00 68.90  ? 5   GLY A O     1 
ATOM   40   N  N     . ALA A 1 6   ? 26.727  4.274   4.106   1.00 75.91  ? 6   ALA A N     1 
ATOM   41   C  CA    . ALA A 1 6   ? 27.455  3.305   3.310   1.00 73.11  ? 6   ALA A CA    1 
ATOM   42   C  C     . ALA A 1 6   ? 26.610  2.039   3.232   1.00 69.95  ? 6   ALA A C     1 
ATOM   43   O  O     . ALA A 1 6   ? 25.575  1.945   3.896   1.00 65.00  ? 6   ALA A O     1 
ATOM   44   C  CB    . ALA A 1 6   ? 28.796  3.006   3.965   1.00 78.72  ? 6   ALA A CB    1 
ATOM   45   N  N     . PRO A 1 7   ? 27.036  1.063   2.406   1.00 73.18  ? 7   PRO A N     1 
ATOM   46   C  CA    . PRO A 1 7   ? 26.283  -0.194  2.320   1.00 71.36  ? 7   PRO A CA    1 
ATOM   47   C  C     . PRO A 1 7   ? 26.177  -0.908  3.664   1.00 75.23  ? 7   PRO A C     1 
ATOM   48   O  O     . PRO A 1 7   ? 27.050  -0.742  4.533   1.00 81.93  ? 7   PRO A O     1 
ATOM   49   C  CB    . PRO A 1 7   ? 27.102  -1.031  1.332   1.00 65.97  ? 7   PRO A CB    1 
ATOM   50   C  CG    . PRO A 1 7   ? 27.775  -0.019  0.457   1.00 69.08  ? 7   PRO A CG    1 
ATOM   51   C  CD    . PRO A 1 7   ? 28.069  1.160   1.352   1.00 72.67  ? 7   PRO A CD    1 
ATOM   52   N  N     . PHE A 1 8   ? 25.102  -1.680  3.825   1.00 69.25  ? 8   PHE A N     1 
ATOM   53   C  CA    . PHE A 1 8   ? 24.940  -2.549  4.988   1.00 68.67  ? 8   PHE A CA    1 
ATOM   54   C  C     . PHE A 1 8   ? 24.247  -3.825  4.580   1.00 64.40  ? 8   PHE A C     1 
ATOM   55   O  O     . PHE A 1 8   ? 23.588  -3.862  3.534   1.00 63.38  ? 8   PHE A O     1 
ATOM   56   C  CB    . PHE A 1 8   ? 24.137  -1.862  6.101   1.00 73.11  ? 8   PHE A CB    1 
ATOM   57   C  CG    . PHE A 1 8   ? 22.755  -1.440  5.686   1.00 70.54  ? 8   PHE A CG    1 
ATOM   58   C  CD1   . PHE A 1 8   ? 21.711  -2.365  5.640   1.00 65.32  ? 8   PHE A CD1   1 
ATOM   59   C  CD2   . PHE A 1 8   ? 22.499  -0.104  5.333   1.00 70.66  ? 8   PHE A CD2   1 
ATOM   60   C  CE1   . PHE A 1 8   ? 20.446  -1.968  5.250   1.00 66.56  ? 8   PHE A CE1   1 
ATOM   61   C  CE2   . PHE A 1 8   ? 21.232  0.304   4.944   1.00 66.49  ? 8   PHE A CE2   1 
ATOM   62   C  CZ    . PHE A 1 8   ? 20.208  -0.633  4.907   1.00 68.29  ? 8   PHE A CZ    1 
ATOM   63   N  N     . ASN A 1 9   ? 24.385  -4.857  5.413   1.00 63.16  ? 9   ASN A N     1 
ATOM   64   C  CA    . ASN A 1 9   ? 23.674  -6.110  5.172   1.00 65.79  ? 9   ASN A CA    1 
ATOM   65   C  C     . ASN A 1 9   ? 22.181  -5.935  5.287   1.00 65.02  ? 9   ASN A C     1 
ATOM   66   O  O     . ASN A 1 9   ? 21.677  -5.311  6.232   1.00 66.86  ? 9   ASN A O     1 
ATOM   67   C  CB    . ASN A 1 9   ? 24.123  -7.255  6.075   1.00 64.69  ? 9   ASN A CB    1 
ATOM   68   C  CG    . ASN A 1 9   ? 23.526  -8.577  5.648   1.00 69.15  ? 9   ASN A CG    1 
ATOM   69   O  OD1   . ASN A 1 9   ? 22.768  -9.204  6.380   1.00 79.52  ? 9   ASN A OD1   1 
ATOM   70   N  ND2   . ASN A 1 9   ? 23.832  -8.985  4.435   1.00 79.59  ? 9   ASN A ND2   1 
ATOM   71   N  N     . PHE A 1 10  ? 21.485  -6.495  4.309   1.00 66.46  ? 10  PHE A N     1 
ATOM   72   C  CA    . PHE A 1 10  ? 20.057  -6.317  4.211   1.00 73.56  ? 10  PHE A CA    1 
ATOM   73   C  C     . PHE A 1 10  ? 19.279  -7.402  4.953   1.00 83.71  ? 10  PHE A C     1 
ATOM   74   O  O     . PHE A 1 10  ? 18.419  -7.067  5.776   1.00 92.70  ? 10  PHE A O     1 
ATOM   75   C  CB    . PHE A 1 10  ? 19.627  -6.216  2.757   1.00 71.02  ? 10  PHE A CB    1 
ATOM   76   C  CG    . PHE A 1 10  ? 18.283  -5.585  2.571   1.00 72.15  ? 10  PHE A CG    1 
ATOM   77   C  CD1   . PHE A 1 10  ? 17.843  -4.586  3.432   1.00 73.75  ? 10  PHE A CD1   1 
ATOM   78   C  CD2   . PHE A 1 10  ? 17.455  -5.973  1.518   1.00 75.27  ? 10  PHE A CD2   1 
ATOM   79   C  CE1   . PHE A 1 10  ? 16.587  -3.998  3.255   1.00 75.54  ? 10  PHE A CE1   1 
ATOM   80   C  CE2   . PHE A 1 10  ? 16.204  -5.380  1.328   1.00 72.70  ? 10  PHE A CE2   1 
ATOM   81   C  CZ    . PHE A 1 10  ? 15.767  -4.393  2.201   1.00 70.39  ? 10  PHE A CZ    1 
ATOM   82   N  N     . PRO A 1 11  ? 19.560  -8.698  4.668   1.00 82.26  ? 11  PRO A N     1 
ATOM   83   C  CA    . PRO A 1 11  ? 18.947  -9.757  5.462   1.00 83.82  ? 11  PRO A CA    1 
ATOM   84   C  C     . PRO A 1 11  ? 18.876  -9.463  6.973   1.00 84.52  ? 11  PRO A C     1 
ATOM   85   O  O     . PRO A 1 11  ? 17.780  -9.458  7.539   1.00 76.91  ? 11  PRO A O     1 
ATOM   86   C  CB    . PRO A 1 11  ? 19.862  -10.951 5.173   1.00 85.88  ? 11  PRO A CB    1 
ATOM   87   C  CG    . PRO A 1 11  ? 20.195  -10.763 3.742   1.00 78.42  ? 11  PRO A CG    1 
ATOM   88   C  CD    . PRO A 1 11  ? 20.333  -9.271  3.546   1.00 79.38  ? 11  PRO A CD    1 
ATOM   89   N  N     . ARG A 1 12  ? 20.024  -9.194  7.597   1.00 86.75  ? 12  ARG A N     1 
ATOM   90   C  CA    . ARG A 1 12  ? 20.096  -8.963  9.040   1.00 84.93  ? 12  ARG A CA    1 
ATOM   91   C  C     . ARG A 1 12  ? 19.693  -7.549  9.459   1.00 76.87  ? 12  ARG A C     1 
ATOM   92   O  O     . ARG A 1 12  ? 19.665  -7.256  10.648  1.00 87.81  ? 12  ARG A O     1 
ATOM   93   C  CB    . ARG A 1 12  ? 21.484  -9.326  9.579   1.00 97.97  ? 12  ARG A CB    1 
ATOM   94   C  CG    . ARG A 1 12  ? 21.914  -10.770 9.290   1.00 114.01 ? 12  ARG A CG    1 
ATOM   95   C  CD    . ARG A 1 12  ? 23.321  -11.064 9.807   1.00 125.57 ? 12  ARG A CD    1 
ATOM   96   N  NE    . ARG A 1 12  ? 24.264  -9.969  9.529   1.00 134.96 ? 12  ARG A NE    1 
ATOM   97   C  CZ    . ARG A 1 12  ? 25.307  -10.044 8.698   1.00 136.49 ? 12  ARG A CZ    1 
ATOM   98   N  NH1   . ARG A 1 12  ? 25.569  -11.180 8.051   1.00 138.22 ? 12  ARG A NH1   1 
ATOM   99   N  NH2   . ARG A 1 12  ? 26.093  -8.978  8.520   1.00 123.60 ? 12  ARG A NH2   1 
ATOM   100  N  N     . TRP A 1 13  ? 19.380  -6.679  8.501   1.00 70.98  ? 13  TRP A N     1 
ATOM   101  C  CA    . TRP A 1 13  ? 18.764  -5.386  8.813   1.00 66.92  ? 13  TRP A CA    1 
ATOM   102  C  C     . TRP A 1 13  ? 17.290  -5.569  8.991   1.00 66.03  ? 13  TRP A C     1 
ATOM   103  O  O     . TRP A 1 13  ? 16.666  -4.972  9.870   1.00 72.08  ? 13  TRP A O     1 
ATOM   104  C  CB    . TRP A 1 13  ? 19.009  -4.377  7.705   1.00 66.15  ? 13  TRP A CB    1 
ATOM   105  C  CG    . TRP A 1 13  ? 18.258  -3.064  7.896   1.00 67.73  ? 13  TRP A CG    1 
ATOM   106  C  CD1   . TRP A 1 13  ? 18.745  -1.876  8.453   1.00 67.54  ? 13  TRP A CD1   1 
ATOM   107  C  CD2   . TRP A 1 13  ? 16.844  -2.757  7.537   1.00 68.80  ? 13  TRP A CD2   1 
ATOM   108  N  NE1   . TRP A 1 13  ? 17.773  -0.887  8.452   1.00 67.76  ? 13  TRP A NE1   1 
ATOM   109  C  CE2   . TRP A 1 13  ? 16.616  -1.346  7.918   1.00 66.70  ? 13  TRP A CE2   1 
ATOM   110  C  CE3   . TRP A 1 13  ? 15.781  -3.488  6.977   1.00 66.51  ? 13  TRP A CE3   1 
ATOM   111  C  CZ2   . TRP A 1 13  ? 15.389  -0.722  7.725   1.00 63.94  ? 13  TRP A CZ2   1 
ATOM   112  C  CZ3   . TRP A 1 13  ? 14.553  -2.841  6.790   1.00 63.77  ? 13  TRP A CZ3   1 
ATOM   113  C  CH2   . TRP A 1 13  ? 14.363  -1.494  7.156   1.00 63.63  ? 13  TRP A CH2   1 
ATOM   114  N  N     . ILE A 1 14  ? 16.712  -6.363  8.106   1.00 67.06  ? 14  ILE A N     1 
ATOM   115  C  CA    . ILE A 1 14  ? 15.329  -6.778  8.198   1.00 68.37  ? 14  ILE A CA    1 
ATOM   116  C  C     . ILE A 1 14  ? 15.059  -7.479  9.549   1.00 70.60  ? 14  ILE A C     1 
ATOM   117  O  O     . ILE A 1 14  ? 14.117  -7.135  10.258  1.00 72.54  ? 14  ILE A O     1 
ATOM   118  C  CB    . ILE A 1 14  ? 15.020  -7.698  7.007   1.00 63.39  ? 14  ILE A CB    1 
ATOM   119  C  CG1   . ILE A 1 14  ? 14.655  -6.876  5.796   1.00 60.63  ? 14  ILE A CG1   1 
ATOM   120  C  CG2   . ILE A 1 14  ? 13.900  -8.669  7.318   1.00 64.51  ? 14  ILE A CG2   1 
ATOM   121  C  CD1   . ILE A 1 14  ? 15.153  -7.528  4.528   1.00 69.42  ? 14  ILE A CD1   1 
ATOM   122  N  N     . ASP A 1 15  ? 15.914  -8.435  9.903   1.00 70.07  ? 15  ASP A N     1 
ATOM   123  C  CA    . ASP A 1 15  ? 15.761  -9.224  11.113  1.00 72.13  ? 15  ASP A CA    1 
ATOM   124  C  C     . ASP A 1 15  ? 15.758  -8.361  12.365  1.00 78.80  ? 15  ASP A C     1 
ATOM   125  O  O     . ASP A 1 15  ? 14.940  -8.576  13.265  1.00 89.27  ? 15  ASP A O     1 
ATOM   126  C  CB    . ASP A 1 15  ? 16.845  -10.306 11.169  1.00 73.74  ? 15  ASP A CB    1 
ATOM   127  C  CG    . ASP A 1 15  ? 16.610  -11.417 10.136  1.00 76.00  ? 15  ASP A CG    1 
ATOM   128  O  OD1   . ASP A 1 15  ? 15.445  -11.596 9.736   1.00 82.62  ? 15  ASP A OD1   1 
ATOM   129  O  OD2   . ASP A 1 15  ? 17.563  -12.111 9.715   1.00 69.23  ? 15  ASP A OD2   1 
ATOM   130  N  N     . GLU A 1 16  ? 16.669  -7.388  12.408  1.00 76.59  ? 16  GLU A N     1 
ATOM   131  C  CA    . GLU A 1 16  ? 16.698  -6.367  13.444  1.00 77.47  ? 16  GLU A CA    1 
ATOM   132  C  C     . GLU A 1 16  ? 15.365  -5.644  13.595  1.00 79.65  ? 16  GLU A C     1 
ATOM   133  O  O     . GLU A 1 16  ? 14.961  -5.342  14.716  1.00 94.71  ? 16  GLU A O     1 
ATOM   134  C  CB    . GLU A 1 16  ? 17.689  -5.286  13.083  1.00 88.74  ? 16  GLU A CB    1 
ATOM   135  C  CG    . GLU A 1 16  ? 19.146  -5.468  13.427  1.00 96.69  ? 16  GLU A CG    1 
ATOM   136  C  CD    . GLU A 1 16  ? 19.940  -4.258  12.924  1.00 115.18 ? 16  GLU A CD    1 
ATOM   137  O  OE1   . GLU A 1 16  ? 19.470  -3.093  13.093  1.00 103.33 ? 16  GLU A OE1   1 
ATOM   138  O  OE2   . GLU A 1 16  ? 21.025  -4.464  12.333  1.00 131.07 ? 16  GLU A OE2   1 
ATOM   139  N  N     . HIS A 1 17  ? 14.715  -5.310  12.478  1.00 80.53  ? 17  HIS A N     1 
ATOM   140  C  CA    . HIS A 1 17  ? 13.474  -4.512  12.510  1.00 84.77  ? 17  HIS A CA    1 
ATOM   141  C  C     . HIS A 1 17  ? 12.209  -5.328  12.437  1.00 90.46  ? 17  HIS A C     1 
ATOM   142  O  O     . HIS A 1 17  ? 11.114  -4.757  12.439  1.00 97.38  ? 17  HIS A O     1 
ATOM   143  C  CB    . HIS A 1 17  ? 13.457  -3.473  11.399  1.00 86.83  ? 17  HIS A CB    1 
ATOM   144  C  CG    . HIS A 1 17  ? 14.504  -2.399  11.546  1.00 91.68  ? 17  HIS A CG    1 
ATOM   145  N  ND1   . HIS A 1 17  ? 15.825  -2.645  11.400  1.00 85.03  ? 17  HIS A ND1   1 
ATOM   146  C  CD2   . HIS A 1 17  ? 14.381  -1.024  11.791  1.00 90.66  ? 17  HIS A CD2   1 
ATOM   147  C  CE1   . HIS A 1 17  ? 16.513  -1.496  11.563  1.00 86.64  ? 17  HIS A CE1   1 
ATOM   148  N  NE2   . HIS A 1 17  ? 15.626  -0.501  11.793  1.00 83.15  ? 17  HIS A NE2   1 
ATOM   149  N  N     . ALA A 1 18  ? 12.345  -6.658  12.391  1.00 85.67  ? 18  ALA A N     1 
ATOM   150  C  CA    . ALA A 1 18  ? 11.212  -7.580  12.265  1.00 82.02  ? 18  ALA A CA    1 
ATOM   151  C  C     . ALA A 1 18  ? 10.056  -7.243  13.190  1.00 89.31  ? 18  ALA A C     1 
ATOM   152  O  O     . ALA A 1 18  ? 8.901   -7.489  12.834  1.00 101.34 ? 18  ALA A O     1 
ATOM   153  C  CB    . ALA A 1 18  ? 11.663  -9.016  12.486  1.00 84.33  ? 18  ALA A CB    1 
ATOM   154  N  N     . HIS A 1 19  ? 10.381  -6.692  14.366  1.00 89.67  ? 19  HIS A N     1 
ATOM   155  C  CA    . HIS A 1 19  ? 9.405   -6.220  15.360  1.00 93.21  ? 19  HIS A CA    1 
ATOM   156  C  C     . HIS A 1 19  ? 8.560   -5.024  14.903  1.00 94.00  ? 19  HIS A C     1 
ATOM   157  O  O     . HIS A 1 19  ? 7.422   -4.838  15.388  1.00 79.36  ? 19  HIS A O     1 
ATOM   158  C  CB    . HIS A 1 19  ? 10.103  -5.944  16.698  1.00 98.17  ? 19  HIS A CB    1 
ATOM   159  C  CG    . HIS A 1 19  ? 11.063  -4.778  16.657  1.00 104.60 ? 19  HIS A CG    1 
ATOM   160  N  ND1   . HIS A 1 19  ? 10.661  -3.497  16.801  1.00 104.45 ? 19  HIS A ND1   1 
ATOM   161  C  CD2   . HIS A 1 19  ? 12.443  -4.737  16.464  1.00 106.78 ? 19  HIS A CD2   1 
ATOM   162  C  CE1   . HIS A 1 19  ? 11.728  -2.677  16.703  1.00 108.50 ? 19  HIS A CE1   1 
ATOM   163  N  NE2   . HIS A 1 19  ? 12.817  -3.434  16.491  1.00 108.95 ? 19  HIS A NE2   1 
ATOM   164  N  N     . LEU A 1 20  ? 9.104   -4.219  13.975  1.00 95.87  ? 20  LEU A N     1 
ATOM   165  C  CA    . LEU A 1 20  ? 8.367   -3.112  13.313  1.00 100.36 ? 20  LEU A CA    1 
ATOM   166  C  C     . LEU A 1 20  ? 7.726   -3.493  11.978  1.00 100.63 ? 20  LEU A C     1 
ATOM   167  O  O     . LEU A 1 20  ? 6.896   -2.745  11.465  1.00 96.96  ? 20  LEU A O     1 
ATOM   168  C  CB    . LEU A 1 20  ? 9.269   -1.898  13.088  1.00 94.31  ? 20  LEU A CB    1 
ATOM   169  C  CG    . LEU A 1 20  ? 9.949   -1.434  14.359  1.00 102.83 ? 20  LEU A CG    1 
ATOM   170  C  CD1   . LEU A 1 20  ? 11.071  -0.477  14.013  1.00 113.27 ? 20  LEU A CD1   1 
ATOM   171  C  CD2   . LEU A 1 20  ? 8.939   -0.815  15.320  1.00 106.13 ? 20  LEU A CD2   1 
ATOM   172  N  N     . LEU A 1 21  ? 8.126   -4.637  11.417  1.00 106.56 ? 21  LEU A N     1 
ATOM   173  C  CA    . LEU A 1 21  ? 7.586   -5.132  10.135  1.00 119.90 ? 21  LEU A CA    1 
ATOM   174  C  C     . LEU A 1 21  ? 6.512   -6.194  10.380  1.00 141.46 ? 21  LEU A C     1 
ATOM   175  O  O     . LEU A 1 21  ? 6.350   -7.151  9.605   1.00 159.03 ? 21  LEU A O     1 
ATOM   176  C  CB    . LEU A 1 21  ? 8.702   -5.674  9.230   1.00 108.97 ? 21  LEU A CB    1 
ATOM   177  C  CG    . LEU A 1 21  ? 9.981   -4.830  9.141   1.00 102.71 ? 21  LEU A CG    1 
ATOM   178  C  CD1   . LEU A 1 21  ? 11.117  -5.610  8.496   1.00 84.74  ? 21  LEU A CD1   1 
ATOM   179  C  CD2   . LEU A 1 21  ? 9.735   -3.496  8.446   1.00 94.39  ? 21  LEU A CD2   1 
ATOM   180  N  N     . LYS A 1 22  ? 5.813   -6.010  11.497  1.00 147.63 ? 22  LYS A N     1 
ATOM   181  C  CA    . LYS A 1 22  ? 4.611   -6.744  11.858  1.00 141.15 ? 22  LYS A CA    1 
ATOM   182  C  C     . LYS A 1 22  ? 3.739   -5.740  12.596  1.00 141.13 ? 22  LYS A C     1 
ATOM   183  O  O     . LYS A 1 22  ? 4.215   -5.076  13.532  1.00 127.60 ? 22  LYS A O     1 
ATOM   184  C  CB    . LYS A 1 22  ? 4.926   -7.976  12.729  1.00 132.31 ? 22  LYS A CB    1 
ATOM   185  C  CG    . LYS A 1 22  ? 5.405   -7.706  14.156  1.00 108.83 ? 22  LYS A CG    1 
ATOM   186  C  CD    . LYS A 1 22  ? 6.256   -8.871  14.634  1.00 107.06 ? 22  LYS A CD    1 
ATOM   187  C  CE    . LYS A 1 22  ? 6.709   -8.710  16.075  1.00 105.52 ? 22  LYS A CE    1 
ATOM   188  N  NZ    . LYS A 1 22  ? 5.660   -9.119  17.053  1.00 100.49 ? 22  LYS A NZ    1 
ATOM   189  N  N     . PRO A 1 23  ? 2.481   -5.580  12.142  1.00 147.38 ? 23  PRO A N     1 
ATOM   190  C  CA    . PRO A 1 23  ? 1.517   -4.696  12.797  1.00 150.30 ? 23  PRO A CA    1 
ATOM   191  C  C     . PRO A 1 23  ? 1.597   -4.673  14.349  1.00 148.57 ? 23  PRO A C     1 
ATOM   192  O  O     . PRO A 1 23  ? 1.930   -5.703  14.960  1.00 136.43 ? 23  PRO A O     1 
ATOM   193  C  CB    . PRO A 1 23  ? 0.186   -5.221  12.259  1.00 140.24 ? 23  PRO A CB    1 
ATOM   194  C  CG    . PRO A 1 23  ? 0.532   -5.524  10.829  1.00 140.38 ? 23  PRO A CG    1 
ATOM   195  C  CD    . PRO A 1 23  ? 1.948   -6.072  10.852  1.00 141.29 ? 23  PRO A CD    1 
ATOM   196  N  N     . PRO A 1 24  ? 1.287   -3.510  14.986  1.00 156.56 ? 24  PRO A N     1 
ATOM   197  C  CA    . PRO A 1 24  ? 0.585   -2.289  14.499  1.00 155.66 ? 24  PRO A CA    1 
ATOM   198  C  C     . PRO A 1 24  ? 1.289   -1.463  13.407  1.00 144.38 ? 24  PRO A C     1 
ATOM   199  O  O     . PRO A 1 24  ? 0.607   -0.834  12.579  1.00 136.94 ? 24  PRO A O     1 
ATOM   200  C  CB    . PRO A 1 24  ? 0.430   -1.444  15.773  1.00 159.14 ? 24  PRO A CB    1 
ATOM   201  C  CG    . PRO A 1 24  ? 1.586   -1.847  16.629  1.00 159.22 ? 24  PRO A CG    1 
ATOM   202  C  CD    . PRO A 1 24  ? 1.825   -3.312  16.350  1.00 158.04 ? 24  PRO A CD    1 
ATOM   203  N  N     . VAL A 1 25  ? 2.626   -1.476  13.417  1.00 128.65 ? 25  VAL A N     1 
ATOM   204  C  CA    . VAL A 1 25  ? 3.453   -0.734  12.459  1.00 122.30 ? 25  VAL A CA    1 
ATOM   205  C  C     . VAL A 1 25  ? 3.268   -1.251  11.007  1.00 115.28 ? 25  VAL A C     1 
ATOM   206  O  O     . VAL A 1 25  ? 2.664   -0.559  10.172  1.00 102.30 ? 25  VAL A O     1 
ATOM   207  C  CB    . VAL A 1 25  ? 4.941   -0.685  12.917  1.00 125.48 ? 25  VAL A CB    1 
ATOM   208  C  CG1   . VAL A 1 25  ? 5.744   0.332   12.110  1.00 117.38 ? 25  VAL A CG1   1 
ATOM   209  C  CG2   . VAL A 1 25  ? 5.038   -0.347  14.405  1.00 127.06 ? 25  VAL A CG2   1 
ATOM   210  N  N     . GLY A 1 26  ? 3.755   -2.458  10.708  1.00 109.98 ? 26  GLY A N     1 
ATOM   211  C  CA    . GLY A 1 26  ? 3.542   -3.069  9.380   1.00 115.71 ? 26  GLY A CA    1 
ATOM   212  C  C     . GLY A 1 26  ? 4.620   -2.869  8.309   1.00 112.18 ? 26  GLY A C     1 
ATOM   213  O  O     . GLY A 1 26  ? 4.797   -3.734  7.447   1.00 111.49 ? 26  GLY A O     1 
ATOM   214  N  N     . ASN A 1 27  ? 5.328   -1.734  8.349   1.00 103.32 ? 27  ASN A N     1 
ATOM   215  C  CA    . ASN A 1 27  ? 6.402   -1.419  7.379   1.00 98.05  ? 27  ASN A CA    1 
ATOM   216  C  C     . ASN A 1 27  ? 7.605   -0.629  7.948   1.00 96.37  ? 27  ASN A C     1 
ATOM   217  O  O     . ASN A 1 27  ? 7.708   -0.464  9.168   1.00 107.69 ? 27  ASN A O     1 
ATOM   218  C  CB    . ASN A 1 27  ? 5.824   -0.759  6.105   1.00 98.21  ? 27  ASN A CB    1 
ATOM   219  C  CG    . ASN A 1 27  ? 5.455   0.714   6.287   1.00 97.96  ? 27  ASN A CG    1 
ATOM   220  O  OD1   . ASN A 1 27  ? 5.669   1.305   7.343   1.00 98.15  ? 27  ASN A OD1   1 
ATOM   221  N  ND2   . ASN A 1 27  ? 4.898   1.315   5.232   1.00 94.59  ? 27  ASN A ND2   1 
ATOM   222  N  N     . ARG A 1 28  ? 8.514   -0.165  7.083   1.00 85.20  ? 28  ARG A N     1 
ATOM   223  C  CA    . ARG A 1 28  ? 9.715   0.544   7.529   1.00 80.14  ? 28  ARG A CA    1 
ATOM   224  C  C     . ARG A 1 28  ? 10.476  1.137   6.355   1.00 75.11  ? 28  ARG A C     1 
ATOM   225  O  O     . ARG A 1 28  ? 10.973  0.372   5.525   1.00 76.32  ? 28  ARG A O     1 
ATOM   226  C  CB    . ARG A 1 28  ? 10.641  -0.424  8.284   1.00 89.29  ? 28  ARG A CB    1 
ATOM   227  C  CG    . ARG A 1 28  ? 11.673  0.221   9.203   1.00 100.69 ? 28  ARG A CG    1 
ATOM   228  C  CD    . ARG A 1 28  ? 11.068  0.691   10.521  1.00 113.50 ? 28  ARG A CD    1 
ATOM   229  N  NE    . ARG A 1 28  ? 11.771  1.866   11.049  1.00 122.81 ? 28  ARG A NE    1 
ATOM   230  C  CZ    . ARG A 1 28  ? 11.517  3.130   10.696  1.00 128.59 ? 28  ARG A CZ    1 
ATOM   231  N  NH1   . ARG A 1 28  ? 10.568  3.417   9.806   1.00 124.71 ? 28  ARG A NH1   1 
ATOM   232  N  NH2   . ARG A 1 28  ? 12.220  4.118   11.235  1.00 125.19 ? 28  ARG A NH2   1 
ATOM   233  N  N     . GLN A 1 29  ? 10.553  2.477   6.276   1.00 67.91  ? 29  GLN A N     1 
ATOM   234  C  CA    . GLN A 1 29  ? 11.450  3.182   5.334   1.00 68.24  ? 29  GLN A CA    1 
ATOM   235  C  C     . GLN A 1 29  ? 12.902  2.903   5.719   1.00 73.05  ? 29  GLN A C     1 
ATOM   236  O  O     . GLN A 1 29  ? 13.253  2.834   6.916   1.00 70.96  ? 29  GLN A O     1 
ATOM   237  C  CB    . GLN A 1 29  ? 11.259  4.707   5.353   1.00 74.07  ? 29  GLN A CB    1 
ATOM   238  C  CG    . GLN A 1 29  ? 10.410  5.344   4.248   1.00 85.40  ? 29  GLN A CG    1 
ATOM   239  C  CD    . GLN A 1 29  ? 10.366  6.888   4.334   1.00 92.96  ? 29  GLN A CD    1 
ATOM   240  O  OE1   . GLN A 1 29  ? 9.410   7.464   4.871   1.00 102.52 ? 29  GLN A OE1   1 
ATOM   241  N  NE2   . GLN A 1 29  ? 11.404  7.556   3.808   1.00 89.22  ? 29  GLN A NE2   1 
ATOM   242  N  N     . VAL A 1 30  ? 13.752  2.750   4.706   1.00 65.52  ? 30  VAL A N     1 
ATOM   243  C  CA    . VAL A 1 30  ? 15.150  2.453   4.969   1.00 63.16  ? 30  VAL A CA    1 
ATOM   244  C  C     . VAL A 1 30  ? 15.943  3.763   5.139   1.00 64.49  ? 30  VAL A C     1 
ATOM   245  O  O     . VAL A 1 30  ? 16.597  3.966   6.160   1.00 69.70  ? 30  VAL A O     1 
ATOM   246  C  CB    . VAL A 1 30  ? 15.745  1.470   3.930   1.00 57.86  ? 30  VAL A CB    1 
ATOM   247  C  CG1   . VAL A 1 30  ? 17.231  1.284   4.143   1.00 63.46  ? 30  VAL A CG1   1 
ATOM   248  C  CG2   . VAL A 1 30  ? 15.078  0.117   4.031   1.00 52.54  ? 30  VAL A CG2   1 
ATOM   249  N  N     . TRP A 1 31  ? 15.862  4.652   4.156   1.00 60.32  ? 31  TRP A N     1 
ATOM   250  C  CA    . TRP A 1 31  ? 16.475  5.953   4.267   1.00 60.94  ? 31  TRP A CA    1 
ATOM   251  C  C     . TRP A 1 31  ? 15.413  6.995   4.389   1.00 64.93  ? 31  TRP A C     1 
ATOM   252  O  O     . TRP A 1 31  ? 14.281  6.795   3.930   1.00 71.68  ? 31  TRP A O     1 
ATOM   253  C  CB    . TRP A 1 31  ? 17.365  6.220   3.060   1.00 59.54  ? 31  TRP A CB    1 
ATOM   254  C  CG    . TRP A 1 31  ? 18.505  5.259   2.975   1.00 56.83  ? 31  TRP A CG    1 
ATOM   255  C  CD1   . TRP A 1 31  ? 19.712  5.321   3.652   1.00 61.47  ? 31  TRP A CD1   1 
ATOM   256  C  CD2   . TRP A 1 31  ? 18.583  4.039   2.180   1.00 61.58  ? 31  TRP A CD2   1 
ATOM   257  N  NE1   . TRP A 1 31  ? 20.519  4.256   3.335   1.00 58.40  ? 31  TRP A NE1   1 
ATOM   258  C  CE2   . TRP A 1 31  ? 19.907  3.445   2.467   1.00 61.97  ? 31  TRP A CE2   1 
ATOM   259  C  CE3   . TRP A 1 31  ? 17.729  3.392   1.286   1.00 60.90  ? 31  TRP A CE3   1 
ATOM   260  C  CZ2   . TRP A 1 31  ? 20.324  2.255   1.883   1.00 63.79  ? 31  TRP A CZ2   1 
ATOM   261  C  CZ3   . TRP A 1 31  ? 18.167  2.191   0.699   1.00 61.51  ? 31  TRP A CZ3   1 
ATOM   262  C  CH2   . TRP A 1 31  ? 19.434  1.639   0.990   1.00 62.28  ? 31  TRP A CH2   1 
ATOM   263  N  N     . GLN A 1 32  ? 15.773  8.120   5.003   1.00 67.39  ? 32  GLN A N     1 
ATOM   264  C  CA    . GLN A 1 32  ? 14.854  9.248   5.168   1.00 72.77  ? 32  GLN A CA    1 
ATOM   265  C  C     . GLN A 1 32  ? 15.142  10.322  4.147   1.00 70.19  ? 32  GLN A C     1 
ATOM   266  O  O     . GLN A 1 32  ? 16.269  10.448  3.678   1.00 69.77  ? 32  GLN A O     1 
ATOM   267  C  CB    . GLN A 1 32  ? 14.956  9.849   6.588   1.00 77.71  ? 32  GLN A CB    1 
ATOM   268  C  CG    . GLN A 1 32  ? 14.372  8.981   7.698   1.00 82.96  ? 32  GLN A CG    1 
ATOM   269  C  CD    . GLN A 1 32  ? 12.880  8.703   7.519   1.00 95.26  ? 32  GLN A CD    1 
ATOM   270  O  OE1   . GLN A 1 32  ? 12.071  9.641   7.401   1.00 107.03 ? 32  GLN A OE1   1 
ATOM   271  N  NE2   . GLN A 1 32  ? 12.503  7.409   7.513   1.00 83.68  ? 32  GLN A NE2   1 
ATOM   272  N  N     . ASP A 1 33  ? 14.124  11.101  3.809   1.00 77.24  ? 33  ASP A N     1 
ATOM   273  C  CA    . ASP A 1 33  ? 14.334  12.326  3.039   1.00 87.50  ? 33  ASP A CA    1 
ATOM   274  C  C     . ASP A 1 33  ? 15.006  12.054  1.656   1.00 86.72  ? 33  ASP A C     1 
ATOM   275  O  O     . ASP A 1 33  ? 15.790  12.875  1.178   1.00 94.35  ? 33  ASP A O     1 
ATOM   276  C  CB    . ASP A 1 33  ? 15.180  13.352  3.858   1.00 94.75  ? 33  ASP A CB    1 
ATOM   277  C  CG    . ASP A 1 33  ? 14.617  13.647  5.288   1.00 107.50 ? 33  ASP A CG    1 
ATOM   278  O  OD1   . ASP A 1 33  ? 13.444  14.078  5.423   1.00 111.54 ? 33  ASP A OD1   1 
ATOM   279  O  OD2   . ASP A 1 33  ? 15.376  13.496  6.283   1.00 101.24 ? 33  ASP A OD2   1 
ATOM   280  N  N     . SER A 1 34  ? 14.700  10.920  1.019   1.00 78.46  ? 34  SER A N     1 
ATOM   281  C  CA    . SER A 1 34  ? 15.325  10.552  -0.271  1.00 74.87  ? 34  SER A CA    1 
ATOM   282  C  C     . SER A 1 34  ? 14.345  10.448  -1.441  1.00 73.20  ? 34  SER A C     1 
ATOM   283  O  O     . SER A 1 34  ? 13.216  10.016  -1.261  1.00 81.03  ? 34  SER A O     1 
ATOM   284  C  CB    . SER A 1 34  ? 16.089  9.229   -0.139  1.00 72.92  ? 34  SER A CB    1 
ATOM   285  O  OG    . SER A 1 34  ? 15.227  8.164   0.247   1.00 70.85  ? 34  SER A OG    1 
ATOM   286  N  N     . ASP A 1 35  ? 14.784  10.823  -2.642  1.00 69.75  ? 35  ASP A N     1 
ATOM   287  C  CA    . ASP A 1 35  ? 13.950  10.730  -3.865  1.00 68.30  ? 35  ASP A CA    1 
ATOM   288  C  C     . ASP A 1 35  ? 13.399  9.299   -4.067  1.00 67.59  ? 35  ASP A C     1 
ATOM   289  O  O     . ASP A 1 35  ? 12.227  9.104   -4.424  1.00 60.79  ? 35  ASP A O     1 
ATOM   290  C  CB    . ASP A 1 35  ? 14.752  11.225  -5.090  1.00 68.88  ? 35  ASP A CB    1 
ATOM   291  C  CG    . ASP A 1 35  ? 13.937  11.274  -6.396  1.00 70.19  ? 35  ASP A CG    1 
ATOM   292  O  OD1   . ASP A 1 35  ? 12.781  11.774  -6.391  1.00 71.42  ? 35  ASP A OD1   1 
ATOM   293  O  OD2   . ASP A 1 35  ? 14.498  10.848  -7.447  1.00 65.57  ? 35  ASP A OD2   1 
ATOM   294  N  N     . PHE A 1 36  ? 14.234  8.298   -3.818  1.00 65.58  ? 36  PHE A N     1 
ATOM   295  C  CA    . PHE A 1 36  ? 13.729  6.955   -3.880  1.00 62.31  ? 36  PHE A CA    1 
ATOM   296  C  C     . PHE A 1 36  ? 13.210  6.650   -2.524  1.00 62.71  ? 36  PHE A C     1 
ATOM   297  O  O     . PHE A 1 36  ? 13.971  6.688   -1.559  1.00 69.08  ? 36  PHE A O     1 
ATOM   298  C  CB    . PHE A 1 36  ? 14.792  5.941   -4.267  1.00 66.36  ? 36  PHE A CB    1 
ATOM   299  C  CG    . PHE A 1 36  ? 15.249  6.042   -5.706  1.00 75.37  ? 36  PHE A CG    1 
ATOM   300  C  CD1   . PHE A 1 36  ? 14.641  6.922   -6.600  1.00 83.58  ? 36  PHE A CD1   1 
ATOM   301  C  CD2   . PHE A 1 36  ? 16.282  5.242   -6.172  1.00 72.57  ? 36  PHE A CD2   1 
ATOM   302  C  CE1   . PHE A 1 36  ? 15.073  7.020   -7.914  1.00 81.97  ? 36  PHE A CE1   1 
ATOM   303  C  CE2   . PHE A 1 36  ? 16.713  5.335   -7.483  1.00 73.99  ? 36  PHE A CE2   1 
ATOM   304  C  CZ    . PHE A 1 36  ? 16.110  6.223   -8.355  1.00 78.78  ? 36  PHE A CZ    1 
ATOM   305  N  N     . ILE A 1 37  ? 11.904  6.392   -2.462  1.00 60.69  ? 37  ILE A N     1 
ATOM   306  C  CA    . ILE A 1 37  ? 11.242  5.871   -1.268  1.00 57.05  ? 37  ILE A CA    1 
ATOM   307  C  C     . ILE A 1 37  ? 11.399  4.357   -1.257  1.00 55.99  ? 37  ILE A C     1 
ATOM   308  O  O     . ILE A 1 37  ? 10.814  3.653   -2.088  1.00 55.71  ? 37  ILE A O     1 
ATOM   309  C  CB    . ILE A 1 37  ? 9.741   6.213   -1.237  1.00 58.43  ? 37  ILE A CB    1 
ATOM   310  C  CG1   . ILE A 1 37  ? 9.493   7.705   -1.507  1.00 55.00  ? 37  ILE A CG1   1 
ATOM   311  C  CG2   . ILE A 1 37  ? 9.105   5.730   0.055   1.00 57.27  ? 37  ILE A CG2   1 
ATOM   312  C  CD1   . ILE A 1 37  ? 10.565  8.603   -0.956  1.00 62.41  ? 37  ILE A CD1   1 
ATOM   313  N  N     . VAL A 1 38  ? 12.204  3.881   -0.309  1.00 53.45  ? 38  VAL A N     1 
ATOM   314  C  CA    . VAL A 1 38  ? 12.553  2.480   -0.183  1.00 54.87  ? 38  VAL A CA    1 
ATOM   315  C  C     . VAL A 1 38  ? 12.103  1.915   1.157   1.00 63.96  ? 38  VAL A C     1 
ATOM   316  O  O     . VAL A 1 38  ? 12.583  2.341   2.218   1.00 70.45  ? 38  VAL A O     1 
ATOM   317  C  CB    . VAL A 1 38  ? 14.068  2.306   -0.278  1.00 55.29  ? 38  VAL A CB    1 
ATOM   318  C  CG1   . VAL A 1 38  ? 14.437  0.822   -0.162  1.00 53.37  ? 38  VAL A CG1   1 
ATOM   319  C  CG2   . VAL A 1 38  ? 14.590  2.949   -1.558  1.00 49.32  ? 38  VAL A CG2   1 
ATOM   320  N  N     . THR A 1 39  ? 11.194  0.944   1.094   1.00 67.43  ? 39  THR A N     1 
ATOM   321  C  CA    . THR A 1 39  ? 10.531  0.373   2.271   1.00 63.70  ? 39  THR A CA    1 
ATOM   322  C  C     . THR A 1 39  ? 10.478  -1.136  2.169   1.00 62.00  ? 39  THR A C     1 
ATOM   323  O  O     . THR A 1 39  ? 10.351  -1.693  1.076   1.00 59.85  ? 39  THR A O     1 
ATOM   324  C  CB    . THR A 1 39  ? 9.062   0.819   2.360   1.00 63.03  ? 39  THR A CB    1 
ATOM   325  O  OG1   . THR A 1 39  ? 8.692   1.475   1.138   1.00 77.81  ? 39  THR A OG1   1 
ATOM   326  C  CG2   . THR A 1 39  ? 8.852   1.762   3.478   1.00 70.35  ? 39  THR A CG2   1 
ATOM   327  N  N     . VAL A 1 40  ? 10.561  -1.792  3.316   1.00 63.86  ? 40  VAL A N     1 
ATOM   328  C  CA    . VAL A 1 40  ? 10.185  -3.201  3.416   1.00 66.02  ? 40  VAL A CA    1 
ATOM   329  C  C     . VAL A 1 40  ? 8.781   -3.302  4.018   1.00 64.32  ? 40  VAL A C     1 
ATOM   330  O  O     . VAL A 1 40  ? 8.431   -2.619  4.970   1.00 64.27  ? 40  VAL A O     1 
ATOM   331  C  CB    . VAL A 1 40  ? 11.179  -4.026  4.266   1.00 72.31  ? 40  VAL A CB    1 
ATOM   332  C  CG1   . VAL A 1 40  ? 10.830  -5.512  4.226   1.00 68.23  ? 40  VAL A CG1   1 
ATOM   333  C  CG2   . VAL A 1 40  ? 12.618  -3.796  3.800   1.00 73.30  ? 40  VAL A CG2   1 
ATOM   334  N  N     . VAL A 1 41  ? 7.967   -4.155  3.430   1.00 64.29  ? 41  VAL A N     1 
ATOM   335  C  CA    . VAL A 1 41  ? 6.605   -4.284  3.856   1.00 64.25  ? 41  VAL A CA    1 
ATOM   336  C  C     . VAL A 1 41  ? 6.422   -5.729  4.303   1.00 74.74  ? 41  VAL A C     1 
ATOM   337  O  O     . VAL A 1 41  ? 6.715   -6.683  3.560   1.00 78.65  ? 41  VAL A O     1 
ATOM   338  C  CB    . VAL A 1 41  ? 5.627   -3.930  2.721   1.00 61.53  ? 41  VAL A CB    1 
ATOM   339  C  CG1   . VAL A 1 41  ? 4.230   -3.786  3.266   1.00 66.27  ? 41  VAL A CG1   1 
ATOM   340  C  CG2   . VAL A 1 41  ? 6.024   -2.630  2.048   1.00 64.33  ? 41  VAL A CG2   1 
ATOM   341  N  N     . GLY A 1 42  ? 5.958   -5.888  5.538   1.00 76.83  ? 42  GLY A N     1 
ATOM   342  C  CA    . GLY A 1 42  ? 5.753   -7.206  6.097   1.00 77.12  ? 42  GLY A CA    1 
ATOM   343  C  C     . GLY A 1 42  ? 4.327   -7.508  6.483   1.00 75.69  ? 42  GLY A C     1 
ATOM   344  O  O     . GLY A 1 42  ? 3.538   -6.612  6.805   1.00 86.85  ? 42  GLY A O     1 
ATOM   345  N  N     . GLY A 1 43  ? 4.006   -8.791  6.460   1.00 74.78  ? 43  GLY A N     1 
ATOM   346  C  CA    . GLY A 1 43  ? 2.720   -9.260  6.940   1.00 74.60  ? 43  GLY A CA    1 
ATOM   347  C  C     . GLY A 1 43  ? 2.732   -9.509  8.441   1.00 73.02  ? 43  GLY A C     1 
ATOM   348  O  O     . GLY A 1 43  ? 3.781   -9.405  9.083   1.00 76.82  ? 43  GLY A O     1 
ATOM   349  N  N     . PRO A 1 44  ? 1.555   -9.844  9.009   1.00 73.62  ? 44  PRO A N     1 
ATOM   350  C  CA    . PRO A 1 44  ? 0.305   -9.936  8.247   1.00 71.42  ? 44  PRO A CA    1 
ATOM   351  C  C     . PRO A 1 44  ? -0.329  -8.570  8.129   1.00 69.05  ? 44  PRO A C     1 
ATOM   352  O  O     . PRO A 1 44  ? -0.268  -7.779  9.079   1.00 68.48  ? 44  PRO A O     1 
ATOM   353  C  CB    . PRO A 1 44  ? -0.578  -10.855 9.109   1.00 60.56  ? 44  PRO A CB    1 
ATOM   354  C  CG    . PRO A 1 44  ? 0.358   -11.470 10.089  1.00 61.01  ? 44  PRO A CG    1 
ATOM   355  C  CD    . PRO A 1 44  ? 1.362   -10.382 10.358  1.00 66.06  ? 44  PRO A CD    1 
ATOM   356  N  N     . ASN A 1 45  ? -0.890  -8.284  6.961   1.00 63.32  ? 45  ASN A N     1 
ATOM   357  C  CA    . ASN A 1 45  ? -1.638  -7.067  6.782   1.00 71.72  ? 45  ASN A CA    1 
ATOM   358  C  C     . ASN A 1 45  ? -2.550  -7.205  5.592   1.00 79.11  ? 45  ASN A C     1 
ATOM   359  O  O     . ASN A 1 45  ? -2.084  -7.328  4.456   1.00 90.62  ? 45  ASN A O     1 
ATOM   360  C  CB    . ASN A 1 45  ? -0.706  -5.870  6.600   1.00 78.20  ? 45  ASN A CB    1 
ATOM   361  C  CG    . ASN A 1 45  ? -1.411  -4.553  6.840   1.00 93.60  ? 45  ASN A CG    1 
ATOM   362  O  OD1   . ASN A 1 45  ? -2.637  -4.462  6.744   1.00 91.20  ? 45  ASN A OD1   1 
ATOM   363  N  ND2   . ASN A 1 45  ? -0.637  -3.519  7.164   1.00 120.47 ? 45  ASN A ND2   1 
ATOM   364  N  N     . HIS A 1 46  ? -3.853  -7.214  5.853   1.00 76.44  ? 46  HIS A N     1 
ATOM   365  C  CA    . HIS A 1 46  ? -4.855  -7.061  4.794   1.00 72.84  ? 46  HIS A CA    1 
ATOM   366  C  C     . HIS A 1 46  ? -5.370  -5.634  4.837   1.00 76.87  ? 46  HIS A C     1 
ATOM   367  O  O     . HIS A 1 46  ? -5.367  -4.984  5.904   1.00 74.68  ? 46  HIS A O     1 
ATOM   368  C  CB    . HIS A 1 46  ? -6.017  -8.041  4.973   1.00 68.85  ? 46  HIS A CB    1 
ATOM   369  C  CG    . HIS A 1 46  ? -5.648  -9.502  4.801   1.00 66.27  ? 46  HIS A CG    1 
ATOM   370  N  ND1   . HIS A 1 46  ? -5.718  -10.129 3.606   1.00 68.32  ? 46  HIS A ND1   1 
ATOM   371  C  CD2   . HIS A 1 46  ? -5.248  -10.472 5.733   1.00 63.32  ? 46  HIS A CD2   1 
ATOM   372  C  CE1   . HIS A 1 46  ? -5.363  -11.433 3.754   1.00 63.83  ? 46  HIS A CE1   1 
ATOM   373  N  NE2   . HIS A 1 46  ? -5.077  -11.641 5.053   1.00 62.90  ? 46  HIS A NE2   1 
ATOM   374  N  N     . ARG A 1 47  ? -5.806  -5.119  3.685   1.00 77.68  ? 47  ARG A N     1 
ATOM   375  C  CA    . ARG A 1 47  ? -6.438  -3.786  3.623   1.00 71.80  ? 47  ARG A CA    1 
ATOM   376  C  C     . ARG A 1 47  ? -7.533  -3.711  2.563   1.00 66.32  ? 47  ARG A C     1 
ATOM   377  O  O     . ARG A 1 47  ? -7.596  -4.536  1.644   1.00 61.04  ? 47  ARG A O     1 
ATOM   378  C  CB    . ARG A 1 47  ? -5.401  -2.711  3.360   1.00 67.87  ? 47  ARG A CB    1 
ATOM   379  C  CG    . ARG A 1 47  ? -4.536  -3.015  2.166   1.00 69.27  ? 47  ARG A CG    1 
ATOM   380  C  CD    . ARG A 1 47  ? -3.764  -1.775  1.829   1.00 75.31  ? 47  ARG A CD    1 
ATOM   381  N  NE    . ARG A 1 47  ? -3.555  -1.017  3.039   1.00 81.38  ? 47  ARG A NE    1 
ATOM   382  C  CZ    . ARG A 1 47  ? -2.793  0.063   3.138   1.00 89.07  ? 47  ARG A CZ    1 
ATOM   383  N  NH1   . ARG A 1 47  ? -2.134  0.527   2.083   1.00 74.85  ? 47  ARG A NH1   1 
ATOM   384  N  NH2   . ARG A 1 47  ? -2.694  0.680   4.315   1.00 107.88 ? 47  ARG A NH2   1 
ATOM   385  N  N     . THR A 1 48  ? -8.363  -2.687  2.670   1.00 65.05  ? 48  THR A N     1 
ATOM   386  C  CA    . THR A 1 48  ? -9.629  -2.666  1.935   1.00 72.20  ? 48  THR A CA    1 
ATOM   387  C  C     . THR A 1 48  ? -9.645  -1.682  0.760   1.00 71.03  ? 48  THR A C     1 
ATOM   388  O  O     . THR A 1 48  ? -10.556 -1.715  -0.078  1.00 81.35  ? 48  THR A O     1 
ATOM   389  C  CB    . THR A 1 48  ? -10.819 -2.355  2.885   1.00 75.94  ? 48  THR A CB    1 
ATOM   390  O  OG1   . THR A 1 48  ? -10.953 -0.932  3.034   1.00 78.25  ? 48  THR A OG1   1 
ATOM   391  C  CG2   . THR A 1 48  ? -10.627 -3.027  4.297   1.00 73.25  ? 48  THR A CG2   1 
ATOM   392  N  N     . ASP A 1 49  ? -8.631  -0.826  0.705   1.00 67.33  ? 49  ASP A N     1 
ATOM   393  C  CA    . ASP A 1 49  ? -8.575  0.321   -0.208  1.00 64.81  ? 49  ASP A CA    1 
ATOM   394  C  C     . ASP A 1 49  ? -7.773  0.059   -1.484  1.00 67.69  ? 49  ASP A C     1 
ATOM   395  O  O     . ASP A 1 49  ? -7.088  -0.957  -1.613  1.00 74.11  ? 49  ASP A O     1 
ATOM   396  C  CB    . ASP A 1 49  ? -7.941  1.494   0.538   1.00 63.15  ? 49  ASP A CB    1 
ATOM   397  C  CG    . ASP A 1 49  ? -6.597  1.131   1.140   1.00 61.97  ? 49  ASP A CG    1 
ATOM   398  O  OD1   . ASP A 1 49  ? -5.591  1.206   0.418   1.00 60.12  ? 49  ASP A OD1   1 
ATOM   399  O  OD2   . ASP A 1 49  ? -6.554  0.750   2.334   1.00 71.08  ? 49  ASP A OD2   1 
ATOM   400  N  N     . TYR A 1 50  ? -7.832  0.993   -2.423  1.00 65.48  ? 50  TYR A N     1 
ATOM   401  C  CA    . TYR A 1 50  ? -7.049  0.872   -3.641  1.00 63.23  ? 50  TYR A CA    1 
ATOM   402  C  C     . TYR A 1 50  ? -6.190  2.092   -3.791  1.00 65.95  ? 50  TYR A C     1 
ATOM   403  O  O     . TYR A 1 50  ? -6.716  3.207   -3.759  1.00 63.03  ? 50  TYR A O     1 
ATOM   404  C  CB    . TYR A 1 50  ? -7.968  0.722   -4.848  1.00 67.33  ? 50  TYR A CB    1 
ATOM   405  C  CG    . TYR A 1 50  ? -8.486  -0.670  -4.936  1.00 73.36  ? 50  TYR A CG    1 
ATOM   406  C  CD1   . TYR A 1 50  ? -7.878  -1.602  -5.765  1.00 76.57  ? 50  TYR A CD1   1 
ATOM   407  C  CD2   . TYR A 1 50  ? -9.555  -1.085  -4.140  1.00 76.44  ? 50  TYR A CD2   1 
ATOM   408  C  CE1   . TYR A 1 50  ? -8.336  -2.911  -5.820  1.00 82.36  ? 50  TYR A CE1   1 
ATOM   409  C  CE2   . TYR A 1 50  ? -10.009 -2.392  -4.182  1.00 77.48  ? 50  TYR A CE2   1 
ATOM   410  C  CZ    . TYR A 1 50  ? -9.402  -3.298  -5.023  1.00 73.80  ? 50  TYR A CZ    1 
ATOM   411  O  OH    . TYR A 1 50  ? -9.850  -4.591  -5.070  1.00 73.79  ? 50  TYR A OH    1 
ATOM   412  N  N     . HIS A 1 51  ? -4.874  1.891   -3.928  1.00 64.53  ? 51  HIS A N     1 
ATOM   413  C  CA    . HIS A 1 51  ? -3.974  3.005   -4.179  1.00 58.24  ? 51  HIS A CA    1 
ATOM   414  C  C     . HIS A 1 51  ? -3.993  3.296   -5.629  1.00 61.16  ? 51  HIS A C     1 
ATOM   415  O  O     . HIS A 1 51  ? -3.986  2.382   -6.457  1.00 64.80  ? 51  HIS A O     1 
ATOM   416  C  CB    . HIS A 1 51  ? -2.547  2.699   -3.737  1.00 56.16  ? 51  HIS A CB    1 
ATOM   417  C  CG    . HIS A 1 51  ? -1.632  3.916   -3.743  1.00 55.02  ? 51  HIS A CG    1 
ATOM   418  N  ND1   . HIS A 1 51  ? -0.285  3.820   -3.777  1.00 54.09  ? 51  HIS A ND1   1 
ATOM   419  C  CD2   . HIS A 1 51  ? -1.921  5.282   -3.728  1.00 53.70  ? 51  HIS A CD2   1 
ATOM   420  C  CE1   . HIS A 1 51  ? 0.262   5.059   -3.757  1.00 51.34  ? 51  HIS A CE1   1 
ATOM   421  N  NE2   . HIS A 1 51  ? -0.738  5.950   -3.744  1.00 53.78  ? 51  HIS A NE2   1 
ATOM   422  N  N     . ASP A 1 52  ? -4.025  4.578   -5.958  1.00 62.76  ? 52  ASP A N     1 
ATOM   423  C  CA    . ASP A 1 52  ? -3.823  5.036   -7.333  1.00 65.08  ? 52  ASP A CA    1 
ATOM   424  C  C     . ASP A 1 52  ? -2.554  5.909   -7.269  1.00 71.09  ? 52  ASP A C     1 
ATOM   425  O  O     . ASP A 1 52  ? -2.577  7.032   -6.730  1.00 68.08  ? 52  ASP A O     1 
ATOM   426  C  CB    . ASP A 1 52  ? -5.085  5.771   -7.811  1.00 65.03  ? 52  ASP A CB    1 
ATOM   427  C  CG    . ASP A 1 52  ? -4.839  6.786   -8.925  1.00 74.27  ? 52  ASP A CG    1 
ATOM   428  O  OD1   . ASP A 1 52  ? -3.735  6.845   -9.522  1.00 79.71  ? 52  ASP A OD1   1 
ATOM   429  O  OD2   . ASP A 1 52  ? -5.798  7.547   -9.209  1.00 78.48  ? 52  ASP A OD2   1 
ATOM   430  N  N     . ASP A 1 53  ? -1.440  5.364   -7.779  1.00 69.73  ? 53  ASP A N     1 
ATOM   431  C  CA    . ASP A 1 53  ? -0.159  6.064   -7.732  1.00 58.89  ? 53  ASP A CA    1 
ATOM   432  C  C     . ASP A 1 53  ? 0.059   6.792   -9.057  1.00 60.61  ? 53  ASP A C     1 
ATOM   433  O  O     . ASP A 1 53  ? -0.174  6.212   -10.103 1.00 76.49  ? 53  ASP A O     1 
ATOM   434  C  CB    . ASP A 1 53  ? 0.953   5.062   -7.494  1.00 57.99  ? 53  ASP A CB    1 
ATOM   435  C  CG    . ASP A 1 53  ? 2.123   5.670   -6.744  1.00 59.74  ? 53  ASP A CG    1 
ATOM   436  O  OD1   . ASP A 1 53  ? 2.401   6.866   -6.977  1.00 57.68  ? 53  ASP A OD1   1 
ATOM   437  O  OD2   . ASP A 1 53  ? 2.782   4.959   -5.936  1.00 56.31  ? 53  ASP A OD2   1 
ATOM   438  N  N     . PRO A 1 54  ? 0.484   8.067   -9.035  1.00 54.22  ? 54  PRO A N     1 
ATOM   439  C  CA    . PRO A 1 54  ? 0.709   8.737   -10.312 1.00 55.24  ? 54  PRO A CA    1 
ATOM   440  C  C     . PRO A 1 54  ? 2.036   8.331   -11.025 1.00 63.47  ? 54  PRO A C     1 
ATOM   441  O  O     . PRO A 1 54  ? 2.281   8.747   -12.159 1.00 62.70  ? 54  PRO A O     1 
ATOM   442  C  CB    . PRO A 1 54  ? 0.735   10.205  -9.917  1.00 53.31  ? 54  PRO A CB    1 
ATOM   443  C  CG    . PRO A 1 54  ? 1.242   10.206  -8.516  1.00 54.36  ? 54  PRO A CG    1 
ATOM   444  C  CD    . PRO A 1 54  ? 0.689   8.974   -7.890  1.00 56.00  ? 54  PRO A CD    1 
ATOM   445  N  N     . LEU A 1 55  ? 2.870   7.532   -10.344 1.00 68.64  ? 55  LEU A N     1 
ATOM   446  C  CA    . LEU A 1 55  ? 4.152   7.017   -10.847 1.00 60.28  ? 55  LEU A CA    1 
ATOM   447  C  C     . LEU A 1 55  ? 4.182   5.519   -10.644 1.00 62.17  ? 55  LEU A C     1 
ATOM   448  O  O     . LEU A 1 55  ? 3.175   4.897   -10.287 1.00 66.52  ? 55  LEU A O     1 
ATOM   449  C  CB    . LEU A 1 55  ? 5.321   7.603   -10.062 1.00 61.49  ? 55  LEU A CB    1 
ATOM   450  C  CG    . LEU A 1 55  ? 5.247   9.098   -9.734  1.00 63.72  ? 55  LEU A CG    1 
ATOM   451  C  CD1   . LEU A 1 55  ? 6.382   9.501   -8.814  1.00 67.56  ? 55  LEU A CD1   1 
ATOM   452  C  CD2   . LEU A 1 55  ? 5.252   9.951   -10.989 1.00 62.01  ? 55  LEU A CD2   1 
ATOM   453  N  N     . GLU A 1 56  ? 5.355   4.940   -10.842 1.00 60.18  ? 56  GLU A N     1 
ATOM   454  C  CA    . GLU A 1 56  ? 5.501   3.500   -10.791 1.00 58.81  ? 56  GLU A CA    1 
ATOM   455  C  C     . GLU A 1 56  ? 5.894   3.052   -9.404  1.00 55.70  ? 56  GLU A C     1 
ATOM   456  O  O     . GLU A 1 56  ? 6.486   3.825   -8.631  1.00 59.23  ? 56  GLU A O     1 
ATOM   457  C  CB    . GLU A 1 56  ? 6.558   3.044   -11.788 1.00 64.97  ? 56  GLU A CB    1 
ATOM   458  C  CG    . GLU A 1 56  ? 6.142   3.242   -13.234 1.00 71.16  ? 56  GLU A CG    1 
ATOM   459  C  CD    . GLU A 1 56  ? 7.297   3.237   -14.230 1.00 71.30  ? 56  GLU A CD    1 
ATOM   460  O  OE1   . GLU A 1 56  ? 8.380   2.697   -13.911 1.00 63.57  ? 56  GLU A OE1   1 
ATOM   461  O  OE2   . GLU A 1 56  ? 7.100   3.782   -15.346 1.00 74.01  ? 56  GLU A OE2   1 
ATOM   462  N  N     . GLU A 1 57  ? 5.537   1.809   -9.107  1.00 51.03  ? 57  GLU A N     1 
ATOM   463  C  CA    . GLU A 1 57  ? 5.919   1.128   -7.887  1.00 56.69  ? 57  GLU A CA    1 
ATOM   464  C  C     . GLU A 1 57  ? 6.642   -0.167  -8.285  1.00 60.21  ? 57  GLU A C     1 
ATOM   465  O  O     . GLU A 1 57  ? 6.210   -0.880  -9.197  1.00 61.88  ? 57  GLU A O     1 
ATOM   466  C  CB    . GLU A 1 57  ? 4.676   0.811   -7.036  1.00 60.38  ? 57  GLU A CB    1 
ATOM   467  C  CG    . GLU A 1 57  ? 4.268   1.898   -6.051  1.00 66.74  ? 57  GLU A CG    1 
ATOM   468  C  CD    . GLU A 1 57  ? 2.862   1.714   -5.502  1.00 70.13  ? 57  GLU A CD    1 
ATOM   469  O  OE1   . GLU A 1 57  ? 2.665   0.887   -4.571  1.00 77.91  ? 57  GLU A OE1   1 
ATOM   470  O  OE2   . GLU A 1 57  ? 1.944   2.417   -5.985  1.00 67.20  ? 57  GLU A OE2   1 
ATOM   471  N  N     . PHE A 1 58  ? 7.746   -0.463  -7.611  1.00 55.03  ? 58  PHE A N     1 
ATOM   472  C  CA    . PHE A 1 58  ? 8.500   -1.657  -7.910  1.00 53.17  ? 58  PHE A CA    1 
ATOM   473  C  C     . PHE A 1 58  ? 8.404   -2.583  -6.698  1.00 60.41  ? 58  PHE A C     1 
ATOM   474  O  O     . PHE A 1 58  ? 8.606   -2.136  -5.542  1.00 62.49  ? 58  PHE A O     1 
ATOM   475  C  CB    . PHE A 1 58  ? 9.958   -1.281  -8.212  1.00 54.58  ? 58  PHE A CB    1 
ATOM   476  C  CG    . PHE A 1 58  ? 10.892  -2.453  -8.238  1.00 53.12  ? 58  PHE A CG    1 
ATOM   477  C  CD1   . PHE A 1 58  ? 11.019  -3.214  -9.381  1.00 53.85  ? 58  PHE A CD1   1 
ATOM   478  C  CD2   . PHE A 1 58  ? 11.629  -2.806  -7.108  1.00 52.34  ? 58  PHE A CD2   1 
ATOM   479  C  CE1   . PHE A 1 58  ? 11.852  -4.324  -9.411  1.00 56.24  ? 58  PHE A CE1   1 
ATOM   480  C  CE2   . PHE A 1 58  ? 12.463  -3.907  -7.124  1.00 54.77  ? 58  PHE A CE2   1 
ATOM   481  C  CZ    . PHE A 1 58  ? 12.572  -4.676  -8.282  1.00 57.13  ? 58  PHE A CZ    1 
ATOM   482  N  N     . PHE A 1 59  ? 8.106   -3.862  -6.950  1.00 54.75  ? 59  PHE A N     1 
ATOM   483  C  CA    . PHE A 1 59  ? 8.005   -4.847  -5.871  1.00 51.12  ? 59  PHE A CA    1 
ATOM   484  C  C     . PHE A 1 59  ? 8.980   -5.934  -6.071  1.00 50.45  ? 59  PHE A C     1 
ATOM   485  O  O     . PHE A 1 59  ? 9.277   -6.283  -7.197  1.00 58.07  ? 59  PHE A O     1 
ATOM   486  C  CB    . PHE A 1 59  ? 6.633   -5.499  -5.852  1.00 53.90  ? 59  PHE A CB    1 
ATOM   487  C  CG    . PHE A 1 59  ? 5.520   -4.527  -5.674  1.00 55.01  ? 59  PHE A CG    1 
ATOM   488  C  CD1   . PHE A 1 59  ? 5.019   -4.274  -4.411  1.00 57.28  ? 59  PHE A CD1   1 
ATOM   489  C  CD2   . PHE A 1 59  ? 4.994   -3.830  -6.768  1.00 56.34  ? 59  PHE A CD2   1 
ATOM   490  C  CE1   . PHE A 1 59  ? 4.006   -3.342  -4.226  1.00 56.71  ? 59  PHE A CE1   1 
ATOM   491  C  CE2   . PHE A 1 59  ? 3.968   -2.916  -6.594  1.00 59.04  ? 59  PHE A CE2   1 
ATOM   492  C  CZ    . PHE A 1 59  ? 3.477   -2.667  -5.317  1.00 56.20  ? 59  PHE A CZ    1 
ATOM   493  N  N     . TYR A 1 60  ? 9.454   -6.504  -4.979  1.00 51.69  ? 60  TYR A N     1 
ATOM   494  C  CA    . TYR A 1 60  ? 10.290  -7.685  -5.063  1.00 53.54  ? 60  TYR A CA    1 
ATOM   495  C  C     . TYR A 1 60  ? 10.133  -8.514  -3.780  1.00 57.46  ? 60  TYR A C     1 
ATOM   496  O  O     . TYR A 1 60  ? 10.606  -8.112  -2.707  1.00 57.55  ? 60  TYR A O     1 
ATOM   497  C  CB    . TYR A 1 60  ? 11.738  -7.278  -5.366  1.00 57.06  ? 60  TYR A CB    1 
ATOM   498  C  CG    . TYR A 1 60  ? 12.723  -8.412  -5.344  1.00 67.33  ? 60  TYR A CG    1 
ATOM   499  C  CD1   . TYR A 1 60  ? 12.358  -9.701  -5.760  1.00 69.17  ? 60  TYR A CD1   1 
ATOM   500  C  CD2   . TYR A 1 60  ? 14.032  -8.202  -4.910  1.00 72.51  ? 60  TYR A CD2   1 
ATOM   501  C  CE1   . TYR A 1 60  ? 13.257  -10.749 -5.714  1.00 71.40  ? 60  TYR A CE1   1 
ATOM   502  C  CE2   . TYR A 1 60  ? 14.943  -9.252  -4.857  1.00 75.98  ? 60  TYR A CE2   1 
ATOM   503  C  CZ    . TYR A 1 60  ? 14.554  -10.520 -5.259  1.00 73.56  ? 60  TYR A CZ    1 
ATOM   504  O  OH    . TYR A 1 60  ? 15.471  -11.549 -5.218  1.00 72.01  ? 60  TYR A OH    1 
ATOM   505  N  N     . GLN A 1 61  ? 9.444   -9.655  -3.889  1.00 55.22  ? 61  GLN A N     1 
ATOM   506  C  CA    . GLN A 1 61  ? 9.109   -10.441 -2.711  1.00 54.59  ? 61  GLN A CA    1 
ATOM   507  C  C     . GLN A 1 61  ? 10.298  -11.246 -2.214  1.00 54.19  ? 61  GLN A C     1 
ATOM   508  O  O     . GLN A 1 61  ? 10.583  -12.340 -2.695  1.00 62.05  ? 61  GLN A O     1 
ATOM   509  C  CB    . GLN A 1 61  ? 7.883   -11.328 -2.940  1.00 59.31  ? 61  GLN A CB    1 
ATOM   510  C  CG    . GLN A 1 61  ? 7.282   -11.869 -1.635  1.00 59.39  ? 61  GLN A CG    1 
ATOM   511  C  CD    . GLN A 1 61  ? 6.471   -10.824 -0.899  1.00 59.43  ? 61  GLN A CD    1 
ATOM   512  O  OE1   . GLN A 1 61  ? 5.909   -9.917  -1.527  1.00 58.07  ? 61  GLN A OE1   1 
ATOM   513  N  NE2   . GLN A 1 61  ? 6.401   -10.935 0.430   1.00 56.32  ? 61  GLN A NE2   1 
ATOM   514  N  N     . LEU A 1 62  ? 10.990  -10.671 -1.246  1.00 52.71  ? 62  LEU A N     1 
ATOM   515  C  CA    . LEU A 1 62  ? 12.180  -11.266 -0.672  1.00 56.70  ? 62  LEU A CA    1 
ATOM   516  C  C     . LEU A 1 62  ? 11.829  -12.461 0.153   1.00 62.99  ? 62  LEU A C     1 
ATOM   517  O  O     . LEU A 1 62  ? 12.557  -13.445 0.116   1.00 68.71  ? 62  LEU A O     1 
ATOM   518  C  CB    . LEU A 1 62  ? 12.880  -10.271 0.233   1.00 57.86  ? 62  LEU A CB    1 
ATOM   519  C  CG    . LEU A 1 62  ? 13.010  -8.895  -0.399  1.00 59.03  ? 62  LEU A CG    1 
ATOM   520  C  CD1   . LEU A 1 62  ? 13.913  -8.027  0.450   1.00 62.19  ? 62  LEU A CD1   1 
ATOM   521  C  CD2   . LEU A 1 62  ? 13.579  -9.031  -1.793  1.00 63.09  ? 62  LEU A CD2   1 
ATOM   522  N  N     . ARG A 1 63  ? 10.731  -12.357 0.910   1.00 67.52  ? 63  ARG A N     1 
ATOM   523  C  CA    . ARG A 1 63  ? 10.263  -13.436 1.798   1.00 64.96  ? 63  ARG A CA    1 
ATOM   524  C  C     . ARG A 1 63  ? 8.750   -13.602 1.797   1.00 64.32  ? 63  ARG A C     1 
ATOM   525  O  O     . ARG A 1 63  ? 8.006   -12.614 1.721   1.00 61.74  ? 63  ARG A O     1 
ATOM   526  C  CB    . ARG A 1 63  ? 10.724  -13.221 3.228   1.00 62.21  ? 63  ARG A CB    1 
ATOM   527  C  CG    . ARG A 1 63  ? 12.218  -13.138 3.391   1.00 67.42  ? 63  ARG A CG    1 
ATOM   528  C  CD    . ARG A 1 63  ? 12.535  -13.165 4.858   1.00 73.20  ? 63  ARG A CD    1 
ATOM   529  N  NE    . ARG A 1 63  ? 13.817  -12.543 5.140   1.00 83.66  ? 63  ARG A NE    1 
ATOM   530  C  CZ    . ARG A 1 63  ? 14.197  -12.152 6.356   1.00 96.04  ? 63  ARG A CZ    1 
ATOM   531  N  NH1   . ARG A 1 63  ? 13.374  -12.313 7.396   1.00 111.85 ? 63  ARG A NH1   1 
ATOM   532  N  NH2   . ARG A 1 63  ? 15.396  -11.600 6.540   1.00 90.15  ? 63  ARG A NH2   1 
ATOM   533  N  N     . GLY A 1 64  ? 8.321   -14.866 1.884   1.00 58.71  ? 64  GLY A N     1 
ATOM   534  C  CA    . GLY A 1 64  ? 6.921   -15.224 1.882   1.00 59.12  ? 64  GLY A CA    1 
ATOM   535  C  C     . GLY A 1 64  ? 6.212   -14.866 0.594   1.00 65.92  ? 64  GLY A C     1 
ATOM   536  O  O     . GLY A 1 64  ? 6.841   -14.424 -0.379  1.00 63.32  ? 64  GLY A O     1 
ATOM   537  N  N     . ASN A 1 65  ? 4.891   -15.064 0.592   1.00 68.09  ? 65  ASN A N     1 
ATOM   538  C  CA    . ASN A 1 65  ? 4.056   -14.738 -0.567  1.00 68.63  ? 65  ASN A CA    1 
ATOM   539  C  C     . ASN A 1 65  ? 3.016   -13.653 -0.224  1.00 66.25  ? 65  ASN A C     1 
ATOM   540  O  O     . ASN A 1 65  ? 2.629   -13.476 0.933   1.00 63.25  ? 65  ASN A O     1 
ATOM   541  C  CB    . ASN A 1 65  ? 3.393   -16.006 -1.125  1.00 72.50  ? 65  ASN A CB    1 
ATOM   542  C  CG    . ASN A 1 65  ? 4.287   -17.238 -1.014  1.00 77.33  ? 65  ASN A CG    1 
ATOM   543  O  OD1   . ASN A 1 65  ? 5.096   -17.547 -1.910  1.00 82.15  ? 65  ASN A OD1   1 
ATOM   544  N  ND2   . ASN A 1 65  ? 4.140   -17.958 0.089   1.00 73.87  ? 65  ASN A ND2   1 
ATOM   545  N  N     . ALA A 1 66  ? 2.582   -12.913 -1.233  1.00 62.15  ? 66  ALA A N     1 
ATOM   546  C  CA    . ALA A 1 66  ? 1.627   -11.825 -1.029  1.00 61.11  ? 66  ALA A CA    1 
ATOM   547  C  C     . ALA A 1 66  ? 0.846   -11.681 -2.317  1.00 67.96  ? 66  ALA A C     1 
ATOM   548  O  O     . ALA A 1 66  ? 1.029   -12.492 -3.237  1.00 75.95  ? 66  ALA A O     1 
ATOM   549  C  CB    . ALA A 1 66  ? 2.356   -10.535 -0.721  1.00 56.30  ? 66  ALA A CB    1 
ATOM   550  N  N     . TYR A 1 67  ? 0.003   -10.655 -2.409  1.00 63.45  ? 67  TYR A N     1 
ATOM   551  C  CA    . TYR A 1 67  ? -0.777  -10.448 -3.632  1.00 67.15  ? 67  TYR A CA    1 
ATOM   552  C  C     . TYR A 1 67  ? -1.405  -9.064  -3.749  1.00 71.31  ? 67  TYR A C     1 
ATOM   553  O  O     . TYR A 1 67  ? -1.577  -8.346  -2.745  1.00 78.64  ? 67  TYR A O     1 
ATOM   554  C  CB    . TYR A 1 67  ? -1.840  -11.559 -3.825  1.00 74.14  ? 67  TYR A CB    1 
ATOM   555  C  CG    . TYR A 1 67  ? -2.977  -11.642 -2.800  1.00 75.70  ? 67  TYR A CG    1 
ATOM   556  C  CD1   . TYR A 1 67  ? -2.836  -12.385 -1.622  1.00 75.05  ? 67  TYR A CD1   1 
ATOM   557  C  CD2   . TYR A 1 67  ? -4.202  -11.021 -3.038  1.00 74.07  ? 67  TYR A CD2   1 
ATOM   558  C  CE1   . TYR A 1 67  ? -3.865  -12.475 -0.700  1.00 74.99  ? 67  TYR A CE1   1 
ATOM   559  C  CE2   . TYR A 1 67  ? -5.231  -11.109 -2.121  1.00 76.97  ? 67  TYR A CE2   1 
ATOM   560  C  CZ    . TYR A 1 67  ? -5.052  -11.837 -0.957  1.00 74.77  ? 67  TYR A CZ    1 
ATOM   561  O  OH    . TYR A 1 67  ? -6.066  -11.931 -0.047  1.00 76.69  ? 67  TYR A OH    1 
ATOM   562  N  N     . LEU A 1 68  ? -1.752  -8.693  -4.978  1.00 65.28  ? 68  LEU A N     1 
ATOM   563  C  CA    . LEU A 1 68  ? -2.382  -7.404  -5.220  1.00 68.23  ? 68  LEU A CA    1 
ATOM   564  C  C     . LEU A 1 68  ? -3.732  -7.579  -5.874  1.00 65.23  ? 68  LEU A C     1 
ATOM   565  O  O     . LEU A 1 68  ? -3.850  -8.071  -6.988  1.00 69.22  ? 68  LEU A O     1 
ATOM   566  C  CB    . LEU A 1 68  ? -1.511  -6.514  -6.111  1.00 70.37  ? 68  LEU A CB    1 
ATOM   567  C  CG    . LEU A 1 68  ? -0.023  -6.276  -5.842  1.00 73.81  ? 68  LEU A CG    1 
ATOM   568  C  CD1   . LEU A 1 68  ? 0.404   -5.066  -6.642  1.00 73.62  ? 68  LEU A CD1   1 
ATOM   569  C  CD2   . LEU A 1 68  ? 0.295   -6.043  -4.375  1.00 74.12  ? 68  LEU A CD2   1 
ATOM   570  N  N     . ASN A 1 69  ? -4.770  -7.173  -5.187  1.00 61.02  ? 69  ASN A N     1 
ATOM   571  C  CA    . ASN A 1 69  ? -6.026  -7.102  -5.862  1.00 63.81  ? 69  ASN A CA    1 
ATOM   572  C  C     . ASN A 1 69  ? -5.992  -5.866  -6.764  1.00 64.47  ? 69  ASN A C     1 
ATOM   573  O  O     . ASN A 1 69  ? -5.542  -4.795  -6.353  1.00 68.15  ? 69  ASN A O     1 
ATOM   574  C  CB    . ASN A 1 69  ? -7.160  -7.027  -4.838  1.00 68.24  ? 69  ASN A CB    1 
ATOM   575  C  CG    . ASN A 1 69  ? -7.230  -8.256  -3.937  1.00 63.74  ? 69  ASN A CG    1 
ATOM   576  O  OD1   . ASN A 1 69  ? -7.086  -9.396  -4.391  1.00 64.04  ? 69  ASN A OD1   1 
ATOM   577  N  ND2   . ASN A 1 69  ? -7.485  -8.024  -2.652  1.00 61.06  ? 69  ASN A ND2   1 
ATOM   578  N  N     . LEU A 1 70  ? -6.455  -6.012  -7.995  1.00 62.47  ? 70  LEU A N     1 
ATOM   579  C  CA    . LEU A 1 70  ? -6.404  -4.908  -8.933  1.00 61.63  ? 70  LEU A CA    1 
ATOM   580  C  C     . LEU A 1 70  ? -7.744  -4.580  -9.581  1.00 67.60  ? 70  LEU A C     1 
ATOM   581  O  O     . LEU A 1 70  ? -8.753  -5.232  -9.323  1.00 65.96  ? 70  LEU A O     1 
ATOM   582  C  CB    . LEU A 1 70  ? -5.374  -5.196  -10.006 1.00 58.19  ? 70  LEU A CB    1 
ATOM   583  C  CG    . LEU A 1 70  ? -3.966  -5.555  -9.531  1.00 62.76  ? 70  LEU A CG    1 
ATOM   584  C  CD1   . LEU A 1 70  ? -3.218  -6.206  -10.664 1.00 57.41  ? 70  LEU A CD1   1 
ATOM   585  C  CD2   . LEU A 1 70  ? -3.172  -4.366  -9.015  1.00 64.02  ? 70  LEU A CD2   1 
ATOM   586  N  N     . TRP A 1 71  ? -7.736  -3.527  -10.393 1.00 80.24  ? 71  TRP A N     1 
ATOM   587  C  CA    . TRP A 1 71  ? -8.850  -3.148  -11.258 1.00 93.44  ? 71  TRP A CA    1 
ATOM   588  C  C     . TRP A 1 71  ? -8.263  -3.017  -12.622 1.00 106.67 ? 71  TRP A C     1 
ATOM   589  O  O     . TRP A 1 71  ? -7.317  -2.228  -12.783 1.00 106.44 ? 71  TRP A O     1 
ATOM   590  C  CB    . TRP A 1 71  ? -9.426  -1.798  -10.839 1.00 95.88  ? 71  TRP A CB    1 
ATOM   591  C  CG    . TRP A 1 71  ? -10.529 -1.910  -9.822  1.00 101.11 ? 71  TRP A CG    1 
ATOM   592  C  CD1   . TRP A 1 71  ? -10.455 -1.651  -8.456  1.00 104.94 ? 71  TRP A CD1   1 
ATOM   593  C  CD2   . TRP A 1 71  ? -11.917 -2.334  -10.054 1.00 104.25 ? 71  TRP A CD2   1 
ATOM   594  N  NE1   . TRP A 1 71  ? -11.665 -1.877  -7.848  1.00 109.67 ? 71  TRP A NE1   1 
ATOM   595  C  CE2   . TRP A 1 71  ? -12.585 -2.287  -8.744  1.00 104.34 ? 71  TRP A CE2   1 
ATOM   596  C  CE3   . TRP A 1 71  ? -12.642 -2.740  -11.169 1.00 100.66 ? 71  TRP A CE3   1 
ATOM   597  C  CZ2   . TRP A 1 71  ? -13.914 -2.631  -8.585  1.00 98.90  ? 71  TRP A CZ2   1 
ATOM   598  C  CZ3   . TRP A 1 71  ? -13.981 -3.084  -10.993 1.00 102.81 ? 71  TRP A CZ3   1 
ATOM   599  C  CH2   . TRP A 1 71  ? -14.601 -3.026  -9.730  1.00 103.55 ? 71  TRP A CH2   1 
ATOM   600  N  N     . VAL A 1 72  ? -8.789  -3.779  -13.599 1.00 111.97 ? 72  VAL A N     1 
ATOM   601  C  CA    . VAL A 1 72  ? -8.230  -3.860  -14.980 1.00 120.98 ? 72  VAL A CA    1 
ATOM   602  C  C     . VAL A 1 72  ? -9.299  -3.930  -16.065 1.00 122.12 ? 72  VAL A C     1 
ATOM   603  O  O     . VAL A 1 72  ? -10.064 -4.896  -16.119 1.00 133.84 ? 72  VAL A O     1 
ATOM   604  C  CB    . VAL A 1 72  ? -7.341  -5.119  -15.197 1.00 128.37 ? 72  VAL A CB    1 
ATOM   605  C  CG1   . VAL A 1 72  ? -6.890  -5.235  -16.654 1.00 135.84 ? 72  VAL A CG1   1 
ATOM   606  C  CG2   . VAL A 1 72  ? -6.132  -5.125  -14.277 1.00 132.73 ? 72  VAL A CG2   1 
ATOM   607  N  N     . ASP A 1 73  ? -9.320  -2.937  -16.951 1.00 127.83 ? 73  ASP A N     1 
ATOM   608  C  CA    . ASP A 1 73  ? -10.248 -2.931  -18.088 1.00 140.03 ? 73  ASP A CA    1 
ATOM   609  C  C     . ASP A 1 73  ? -11.723 -2.999  -17.624 1.00 146.82 ? 73  ASP A C     1 
ATOM   610  O  O     . ASP A 1 73  ? -12.636 -3.107  -18.450 1.00 164.97 ? 73  ASP A O     1 
ATOM   611  C  CB    . ASP A 1 73  ? -9.915  -4.081  -19.069 1.00 140.22 ? 73  ASP A CB    1 
ATOM   612  C  CG    . ASP A 1 73  ? -10.212 -3.730  -20.535 1.00 149.75 ? 73  ASP A CG    1 
ATOM   613  O  OD1   . ASP A 1 73  ? -11.392 -3.745  -20.965 1.00 146.19 ? 73  ASP A OD1   1 
ATOM   614  O  OD2   . ASP A 1 73  ? -9.246  -3.465  -21.276 1.00 159.88 ? 73  ASP A OD2   1 
ATOM   615  N  N     . GLY A 1 74  ? -11.951 -2.926  -16.310 1.00 134.68 ? 74  GLY A N     1 
ATOM   616  C  CA    . GLY A 1 74  ? -13.303 -3.032  -15.750 1.00 135.04 ? 74  GLY A CA    1 
ATOM   617  C  C     . GLY A 1 74  ? -13.502 -4.172  -14.757 1.00 147.96 ? 74  GLY A C     1 
ATOM   618  O  O     . GLY A 1 74  ? -14.325 -4.059  -13.840 1.00 149.06 ? 74  GLY A O     1 
ATOM   619  N  N     . ARG A 1 75  ? -12.758 -5.270  -14.951 1.00 141.87 ? 75  ARG A N     1 
ATOM   620  C  CA    . ARG A 1 75  ? -12.763 -6.431  -14.043 1.00 121.11 ? 75  ARG A CA    1 
ATOM   621  C  C     . ARG A 1 75  ? -11.874 -6.206  -12.795 1.00 113.80 ? 75  ARG A C     1 
ATOM   622  O  O     . ARG A 1 75  ? -11.037 -5.296  -12.761 1.00 102.55 ? 75  ARG A O     1 
ATOM   623  C  CB    . ARG A 1 75  ? -12.337 -7.695  -14.809 1.00 105.19 ? 75  ARG A CB    1 
ATOM   624  N  N     . ARG A 1 76  ? -12.075 -7.020  -11.762 1.00 109.43 ? 76  ARG A N     1 
ATOM   625  C  CA    . ARG A 1 76  ? -11.156 -7.045  -10.623 1.00 110.36 ? 76  ARG A CA    1 
ATOM   626  C  C     . ARG A 1 76  ? -10.120 -8.174  -10.798 1.00 112.38 ? 76  ARG A C     1 
ATOM   627  O  O     . ARG A 1 76  ? -10.479 -9.357  -10.756 1.00 124.57 ? 76  ARG A O     1 
ATOM   628  C  CB    . ARG A 1 76  ? -11.921 -7.247  -9.310  1.00 112.47 ? 76  ARG A CB    1 
ATOM   629  C  CG    . ARG A 1 76  ? -13.078 -6.293  -9.080  1.00 114.10 ? 76  ARG A CG    1 
ATOM   630  C  CD    . ARG A 1 76  ? -14.099 -6.907  -8.131  1.00 115.44 ? 76  ARG A CD    1 
ATOM   631  N  NE    . ARG A 1 76  ? -14.613 -5.924  -7.177  1.00 117.11 ? 76  ARG A NE    1 
ATOM   632  C  CZ    . ARG A 1 76  ? -14.001 -5.597  -6.038  1.00 120.91 ? 76  ARG A CZ    1 
ATOM   633  N  NH1   . ARG A 1 76  ? -12.852 -6.176  -5.707  1.00 131.05 ? 76  ARG A NH1   1 
ATOM   634  N  NH2   . ARG A 1 76  ? -14.537 -4.696  -5.222  1.00 114.30 ? 76  ARG A NH2   1 
ATOM   635  N  N     . GLU A 1 77  ? -8.846  -7.817  -10.989 1.00 107.34 ? 77  GLU A N     1 
ATOM   636  C  CA    . GLU A 1 77  ? -7.773  -8.817  -11.186 1.00 94.01  ? 77  GLU A CA    1 
ATOM   637  C  C     . GLU A 1 77  ? -6.894  -9.032  -9.958  1.00 83.92  ? 77  GLU A C     1 
ATOM   638  O  O     . GLU A 1 77  ? -7.044  -8.347  -8.939  1.00 80.98  ? 77  GLU A O     1 
ATOM   639  C  CB    . GLU A 1 77  ? -6.901  -8.464  -12.402 1.00 99.84  ? 77  GLU A CB    1 
ATOM   640  C  CG    . GLU A 1 77  ? -7.616  -8.531  -13.749 1.00 111.07 ? 77  GLU A CG    1 
ATOM   641  C  CD    . GLU A 1 77  ? -8.199  -9.903  -14.059 1.00 126.18 ? 77  GLU A CD    1 
ATOM   642  O  OE1   . GLU A 1 77  ? -7.610  -10.924 -13.622 1.00 133.28 ? 77  GLU A OE1   1 
ATOM   643  O  OE2   . GLU A 1 77  ? -9.251  -9.958  -14.742 1.00 131.59 ? 77  GLU A OE2   1 
ATOM   644  N  N     . ARG A 1 78  ? -5.982  -10.000 -10.053 1.00 81.60  ? 78  ARG A N     1 
ATOM   645  C  CA    . ARG A 1 78  ? -5.025  -10.265 -8.967  1.00 80.82  ? 78  ARG A CA    1 
ATOM   646  C  C     . ARG A 1 78  ? -3.598  -10.568 -9.432  1.00 84.98  ? 78  ARG A C     1 
ATOM   647  O  O     . ARG A 1 78  ? -3.368  -11.443 -10.277 1.00 89.83  ? 78  ARG A O     1 
ATOM   648  C  CB    . ARG A 1 78  ? -5.511  -11.389 -8.062  1.00 72.44  ? 78  ARG A CB    1 
ATOM   649  C  CG    . ARG A 1 78  ? -4.671  -11.563 -6.815  1.00 76.07  ? 78  ARG A CG    1 
ATOM   650  C  CD    . ARG A 1 78  ? -5.134  -12.753 -6.004  1.00 88.01  ? 78  ARG A CD    1 
ATOM   651  N  NE    . ARG A 1 78  ? -4.929  -13.995 -6.745  1.00 105.40 ? 78  ARG A NE    1 
ATOM   652  C  CZ    . ARG A 1 78  ? -5.898  -14.705 -7.329  1.00 122.30 ? 78  ARG A CZ    1 
ATOM   653  N  NH1   . ARG A 1 78  ? -7.170  -14.311 -7.256  1.00 136.08 ? 78  ARG A NH1   1 
ATOM   654  N  NH2   . ARG A 1 78  ? -5.595  -15.822 -7.986  1.00 121.87 ? 78  ARG A NH2   1 
ATOM   655  N  N     . ALA A 1 79  ? -2.641  -9.850  -8.851  1.00 83.65  ? 79  ALA A N     1 
ATOM   656  C  CA    . ALA A 1 79  ? -1.225  -10.136 -9.059  1.00 75.99  ? 79  ALA A CA    1 
ATOM   657  C  C     . ALA A 1 79  ? -0.661  -10.923 -7.887  1.00 71.35  ? 79  ALA A C     1 
ATOM   658  O  O     . ALA A 1 79  ? -0.801  -10.521 -6.740  1.00 75.86  ? 79  ALA A O     1 
ATOM   659  C  CB    . ALA A 1 79  ? -0.446  -8.852  -9.254  1.00 70.48  ? 79  ALA A CB    1 
ATOM   660  N  N     . ASP A 1 80  ? -0.026  -12.046 -8.178  1.00 70.31  ? 80  ASP A N     1 
ATOM   661  C  CA    . ASP A 1 80  ? 0.586   -12.837 -7.138  1.00 73.27  ? 80  ASP A CA    1 
ATOM   662  C  C     . ASP A 1 80  ? 2.058   -12.511 -7.000  1.00 66.89  ? 80  ASP A C     1 
ATOM   663  O  O     . ASP A 1 80  ? 2.792   -12.580 -7.982  1.00 67.13  ? 80  ASP A O     1 
ATOM   664  C  CB    . ASP A 1 80  ? 0.429   -14.321 -7.446  1.00 86.05  ? 80  ASP A CB    1 
ATOM   665  C  CG    . ASP A 1 80  ? -0.991  -14.804 -7.268  1.00 97.47  ? 80  ASP A CG    1 
ATOM   666  O  OD1   . ASP A 1 80  ? -1.360  -15.229 -6.137  1.00 93.53  ? 80  ASP A OD1   1 
ATOM   667  O  OD2   . ASP A 1 80  ? -1.729  -14.762 -8.277  1.00 109.70 ? 80  ASP A OD2   1 
ATOM   668  N  N     . LEU A 1 81  ? 2.479   -12.177 -5.781  1.00 59.83  ? 81  LEU A N     1 
ATOM   669  C  CA    . LEU A 1 81  ? 3.895   -12.047 -5.459  1.00 59.47  ? 81  LEU A CA    1 
ATOM   670  C  C     . LEU A 1 81  ? 4.367   -13.234 -4.629  1.00 60.37  ? 81  LEU A C     1 
ATOM   671  O  O     . LEU A 1 81  ? 4.647   -13.119 -3.438  1.00 63.49  ? 81  LEU A O     1 
ATOM   672  C  CB    . LEU A 1 81  ? 4.190   -10.712 -4.757  1.00 57.46  ? 81  LEU A CB    1 
ATOM   673  C  CG    . LEU A 1 81  ? 3.601   -9.439  -5.383  1.00 53.57  ? 81  LEU A CG    1 
ATOM   674  C  CD1   . LEU A 1 81  ? 3.665   -8.285  -4.410  1.00 53.45  ? 81  LEU A CD1   1 
ATOM   675  C  CD2   . LEU A 1 81  ? 4.319   -9.061  -6.662  1.00 54.92  ? 81  LEU A CD2   1 
ATOM   676  N  N     . LYS A 1 82  ? 4.452   -14.393 -5.263  1.00 65.44  ? 82  LYS A N     1 
ATOM   677  C  CA    . LYS A 1 82  ? 5.012   -15.555 -4.580  1.00 70.55  ? 82  LYS A CA    1 
ATOM   678  C  C     . LYS A 1 82  ? 6.458   -15.176 -4.308  1.00 69.40  ? 82  LYS A C     1 
ATOM   679  O  O     . LYS A 1 82  ? 6.955   -14.228 -4.928  1.00 75.64  ? 82  LYS A O     1 
ATOM   680  C  CB    . LYS A 1 82  ? 4.845   -16.829 -5.424  1.00 71.36  ? 82  LYS A CB    1 
ATOM   681  C  CG    . LYS A 1 82  ? 3.369   -17.216 -5.632  1.00 80.42  ? 82  LYS A CG    1 
ATOM   682  C  CD    . LYS A 1 82  ? 3.059   -17.830 -6.996  1.00 84.58  ? 82  LYS A CD    1 
ATOM   683  C  CE    . LYS A 1 82  ? 3.832   -17.201 -8.168  1.00 99.60  ? 82  LYS A CE    1 
ATOM   684  N  NZ    . LYS A 1 82  ? 3.521   -15.779 -8.529  1.00 92.65  ? 82  LYS A NZ    1 
ATOM   685  N  N     . GLU A 1 83  ? 7.117   -15.850 -3.365  1.00 66.75  ? 83  GLU A N     1 
ATOM   686  C  CA    . GLU A 1 83  ? 8.473   -15.455 -2.972  1.00 64.38  ? 83  GLU A CA    1 
ATOM   687  C  C     . GLU A 1 83  ? 9.440   -15.528 -4.133  1.00 63.05  ? 83  GLU A C     1 
ATOM   688  O  O     . GLU A 1 83  ? 9.352   -16.432 -4.964  1.00 69.03  ? 83  GLU A O     1 
ATOM   689  C  CB    . GLU A 1 83  ? 8.974   -16.312 -1.837  1.00 71.55  ? 83  GLU A CB    1 
ATOM   690  C  CG    . GLU A 1 83  ? 10.236  -15.786 -1.195  1.00 72.18  ? 83  GLU A CG    1 
ATOM   691  C  CD    . GLU A 1 83  ? 10.837  -16.814 -0.262  1.00 83.19  ? 83  GLU A CD    1 
ATOM   692  O  OE1   . GLU A 1 83  ? 10.550  -18.018 -0.449  1.00 91.32  ? 83  GLU A OE1   1 
ATOM   693  O  OE2   . GLU A 1 83  ? 11.601  -16.426 0.651   1.00 88.14  ? 83  GLU A OE2   1 
ATOM   694  N  N     . GLY A 1 84  ? 10.333  -14.550 -4.216  1.00 59.51  ? 84  GLY A N     1 
ATOM   695  C  CA    . GLY A 1 84  ? 11.238  -14.457 -5.349  1.00 54.03  ? 84  GLY A CA    1 
ATOM   696  C  C     . GLY A 1 84  ? 10.746  -13.619 -6.510  1.00 51.95  ? 84  GLY A C     1 
ATOM   697  O  O     . GLY A 1 84  ? 11.541  -13.151 -7.309  1.00 55.54  ? 84  GLY A O     1 
ATOM   698  N  N     . ASP A 1 85  ? 9.443   -13.405 -6.607  1.00 56.79  ? 85  ASP A N     1 
ATOM   699  C  CA    . ASP A 1 85  ? 8.869   -12.691 -7.760  1.00 59.07  ? 85  ASP A CA    1 
ATOM   700  C  C     . ASP A 1 85  ? 9.187   -11.208 -7.749  1.00 57.11  ? 85  ASP A C     1 
ATOM   701  O  O     . ASP A 1 85  ? 9.328   -10.606 -6.684  1.00 59.42  ? 85  ASP A O     1 
ATOM   702  C  CB    . ASP A 1 85  ? 7.356   -12.907 -7.827  1.00 60.53  ? 85  ASP A CB    1 
ATOM   703  C  CG    . ASP A 1 85  ? 6.979   -14.317 -8.301  1.00 70.96  ? 85  ASP A CG    1 
ATOM   704  O  OD1   . ASP A 1 85  ? 7.821   -15.260 -8.309  1.00 76.70  ? 85  ASP A OD1   1 
ATOM   705  O  OD2   . ASP A 1 85  ? 5.811   -14.493 -8.677  1.00 78.70  ? 85  ASP A OD2   1 
ATOM   706  N  N     . ILE A 1 86  ? 9.352   -10.630 -8.930  1.00 57.29  ? 86  ILE A N     1 
ATOM   707  C  CA    . ILE A 1 86  ? 9.381   -9.164  -9.067  1.00 61.59  ? 86  ILE A CA    1 
ATOM   708  C  C     . ILE A 1 86  ? 8.282   -8.715  -10.015 1.00 60.66  ? 86  ILE A C     1 
ATOM   709  O  O     . ILE A 1 86  ? 7.716   -9.526  -10.767 1.00 59.97  ? 86  ILE A O     1 
ATOM   710  C  CB    . ILE A 1 86  ? 10.709  -8.561  -9.623  1.00 66.02  ? 86  ILE A CB    1 
ATOM   711  C  CG1   . ILE A 1 86  ? 11.270  -9.384  -10.780 1.00 63.08  ? 86  ILE A CG1   1 
ATOM   712  C  CG2   . ILE A 1 86  ? 11.746  -8.313  -8.534  1.00 69.73  ? 86  ILE A CG2   1 
ATOM   713  C  CD1   . ILE A 1 86  ? 12.325  -8.612  -11.514 1.00 62.30  ? 86  ILE A CD1   1 
ATOM   714  N  N     . PHE A 1 87  ? 8.025   -7.412  -10.006 1.00 55.10  ? 87  PHE A N     1 
ATOM   715  C  CA    . PHE A 1 87  ? 6.910   -6.857  -10.716 1.00 57.06  ? 87  PHE A CA    1 
ATOM   716  C  C     . PHE A 1 87  ? 7.046   -5.359  -10.708 1.00 57.21  ? 87  PHE A C     1 
ATOM   717  O  O     . PHE A 1 87  ? 7.469   -4.764  -9.714  1.00 58.59  ? 87  PHE A O     1 
ATOM   718  C  CB    . PHE A 1 87  ? 5.624   -7.286  -10.006 1.00 63.20  ? 87  PHE A CB    1 
ATOM   719  C  CG    . PHE A 1 87  ? 4.383   -6.657  -10.539 1.00 61.54  ? 87  PHE A CG    1 
ATOM   720  C  CD1   . PHE A 1 87  ? 4.111   -6.654  -11.898 1.00 62.61  ? 87  PHE A CD1   1 
ATOM   721  C  CD2   . PHE A 1 87  ? 3.472   -6.098  -9.666  1.00 62.50  ? 87  PHE A CD2   1 
ATOM   722  C  CE1   . PHE A 1 87  ? 2.957   -6.077  -12.374 1.00 67.21  ? 87  PHE A CE1   1 
ATOM   723  C  CE2   . PHE A 1 87  ? 2.314   -5.513  -10.134 1.00 64.98  ? 87  PHE A CE2   1 
ATOM   724  C  CZ    . PHE A 1 87  ? 2.052   -5.502  -11.490 1.00 64.90  ? 87  PHE A CZ    1 
ATOM   725  N  N     . LEU A 1 88  ? 6.694   -4.756  -11.831 1.00 57.42  ? 88  LEU A N     1 
ATOM   726  C  CA    . LEU A 1 88  ? 6.690   -3.311  -11.932 1.00 58.70  ? 88  LEU A CA    1 
ATOM   727  C  C     . LEU A 1 88  ? 5.281   -2.855  -12.277 1.00 60.17  ? 88  LEU A C     1 
ATOM   728  O  O     . LEU A 1 88  ? 4.722   -3.174  -13.343 1.00 63.86  ? 88  LEU A O     1 
ATOM   729  C  CB    . LEU A 1 88  ? 7.726   -2.816  -12.949 1.00 56.88  ? 88  LEU A CB    1 
ATOM   730  C  CG    . LEU A 1 88  ? 7.876   -1.313  -13.220 1.00 54.80  ? 88  LEU A CG    1 
ATOM   731  C  CD1   . LEU A 1 88  ? 8.451   -0.536  -12.034 1.00 48.08  ? 88  LEU A CD1   1 
ATOM   732  C  CD2   . LEU A 1 88  ? 8.728   -1.125  -14.472 1.00 58.04  ? 88  LEU A CD2   1 
ATOM   733  N  N     . LEU A 1 89  ? 4.703   -2.128  -11.334 1.00 61.90  ? 89  LEU A N     1 
ATOM   734  C  CA    . LEU A 1 89  ? 3.350   -1.656  -11.468 1.00 58.72  ? 89  LEU A CA    1 
ATOM   735  C  C     . LEU A 1 89  ? 3.418   -0.330  -12.186 1.00 58.16  ? 89  LEU A C     1 
ATOM   736  O  O     . LEU A 1 89  ? 4.185   0.551   -11.778 1.00 61.17  ? 89  LEU A O     1 
ATOM   737  C  CB    . LEU A 1 89  ? 2.726   -1.480  -10.092 1.00 60.04  ? 89  LEU A CB    1 
ATOM   738  C  CG    . LEU A 1 89  ? 1.283   -0.969  -10.131 1.00 61.78  ? 89  LEU A CG    1 
ATOM   739  C  CD1   . LEU A 1 89  ? 0.318   -2.129  -9.917  1.00 48.68  ? 89  LEU A CD1   1 
ATOM   740  C  CD2   . LEU A 1 89  ? 1.048   0.204   -9.160  1.00 65.82  ? 89  LEU A CD2   1 
ATOM   741  N  N     . PRO A 1 90  ? 2.627   -0.177  -13.265 1.00 57.39  ? 90  PRO A N     1 
ATOM   742  C  CA    . PRO A 1 90  ? 2.598   1.096   -13.989 1.00 53.99  ? 90  PRO A CA    1 
ATOM   743  C  C     . PRO A 1 90  ? 1.849   2.156   -13.191 1.00 57.44  ? 90  PRO A C     1 
ATOM   744  O  O     . PRO A 1 90  ? 1.159   1.825   -12.211 1.00 64.47  ? 90  PRO A O     1 
ATOM   745  C  CB    . PRO A 1 90  ? 1.860   0.764   -15.287 1.00 50.55  ? 90  PRO A CB    1 
ATOM   746  C  CG    . PRO A 1 90  ? 1.544   -0.688  -15.244 1.00 53.88  ? 90  PRO A CG    1 
ATOM   747  C  CD    . PRO A 1 90  ? 1.699   -1.167  -13.839 1.00 55.84  ? 90  PRO A CD    1 
ATOM   748  N  N     . PRO A 1 91  ? 1.990   3.436   -13.570 1.00 59.75  ? 91  PRO A N     1 
ATOM   749  C  CA    . PRO A 1 91  ? 1.234   4.419   -12.772 1.00 62.93  ? 91  PRO A CA    1 
ATOM   750  C  C     . PRO A 1 91  ? -0.293  4.355   -12.953 1.00 67.02  ? 91  PRO A C     1 
ATOM   751  O  O     . PRO A 1 91  ? -0.793  3.792   -13.938 1.00 69.87  ? 91  PRO A O     1 
ATOM   752  C  CB    . PRO A 1 91  ? 1.803   5.774   -13.215 1.00 54.71  ? 91  PRO A CB    1 
ATOM   753  C  CG    . PRO A 1 91  ? 2.516   5.512   -14.486 1.00 50.86  ? 91  PRO A CG    1 
ATOM   754  C  CD    . PRO A 1 91  ? 2.897   4.070   -14.543 1.00 53.24  ? 91  PRO A CD    1 
ATOM   755  N  N     . HIS A 1 92  ? -1.006  4.914   -11.970 1.00 71.99  ? 92  HIS A N     1 
ATOM   756  C  CA    . HIS A 1 92  ? -2.462  5.086   -11.979 1.00 63.22  ? 92  HIS A CA    1 
ATOM   757  C  C     . HIS A 1 92  ? -3.223  3.774   -11.954 1.00 62.71  ? 92  HIS A C     1 
ATOM   758  O  O     . HIS A 1 92  ? -4.450  3.776   -11.911 1.00 67.37  ? 92  HIS A O     1 
ATOM   759  C  CB    . HIS A 1 92  ? -2.912  6.033   -13.114 1.00 64.96  ? 92  HIS A CB    1 
ATOM   760  C  CG    . HIS A 1 92  ? -2.408  7.487   -12.971 1.00 71.72  ? 92  HIS A CG    1 
ATOM   761  N  ND1   . HIS A 1 92  ? -1.619  8.092   -13.909 1.00 74.21  ? 92  HIS A ND1   1 
ATOM   762  C  CD2   . HIS A 1 92  ? -2.625  8.447   -11.976 1.00 72.31  ? 92  HIS A CD2   1 
ATOM   763  C  CE1   . HIS A 1 92  ? -1.340  9.356   -13.535 1.00 72.27  ? 92  HIS A CE1   1 
ATOM   764  N  NE2   . HIS A 1 92  ? -1.959  9.578   -12.349 1.00 79.89  ? 92  HIS A NE2   1 
ATOM   765  N  N     . VAL A 1 93  ? -2.525  2.637   -11.967 1.00 59.29  ? 93  VAL A N     1 
ATOM   766  C  CA    . VAL A 1 93  ? -3.196  1.332   -11.799 1.00 57.49  ? 93  VAL A CA    1 
ATOM   767  C  C     . VAL A 1 93  ? -3.547  1.136   -10.326 1.00 63.40  ? 93  VAL A C     1 
ATOM   768  O  O     . VAL A 1 93  ? -2.769  1.538   -9.419  1.00 75.82  ? 93  VAL A O     1 
ATOM   769  C  CB    . VAL A 1 93  ? -2.326  0.148   -12.290 1.00 58.66  ? 93  VAL A CB    1 
ATOM   770  C  CG1   . VAL A 1 93  ? -3.056  -1.190  -12.153 1.00 54.23  ? 93  VAL A CG1   1 
ATOM   771  C  CG2   . VAL A 1 93  ? -1.857  0.364   -13.720 1.00 53.95  ? 93  VAL A CG2   1 
ATOM   772  N  N     . ARG A 1 94  ? -4.717  0.535   -10.094 1.00 65.48  ? 94  ARG A N     1 
ATOM   773  C  CA    . ARG A 1 94  ? -5.338  0.490   -8.759  1.00 59.29  ? 94  ARG A CA    1 
ATOM   774  C  C     . ARG A 1 94  ? -5.066  -0.807  -8.062  1.00 56.42  ? 94  ARG A C     1 
ATOM   775  O  O     . ARG A 1 94  ? -5.450  -1.868  -8.534  1.00 57.87  ? 94  ARG A O     1 
ATOM   776  C  CB    . ARG A 1 94  ? -6.853  0.702   -8.829  1.00 62.03  ? 94  ARG A CB    1 
ATOM   777  C  CG    . ARG A 1 94  ? -7.310  1.859   -9.696  1.00 64.50  ? 94  ARG A CG    1 
ATOM   778  C  CD    . ARG A 1 94  ? -7.055  3.206   -9.056  1.00 59.13  ? 94  ARG A CD    1 
ATOM   779  N  NE    . ARG A 1 94  ? -8.016  4.186   -9.563  1.00 65.14  ? 94  ARG A NE    1 
ATOM   780  C  CZ    . ARG A 1 94  ? -7.794  5.068   -10.538 1.00 62.64  ? 94  ARG A CZ    1 
ATOM   781  N  NH1   . ARG A 1 94  ? -6.609  5.138   -11.125 1.00 69.44  ? 94  ARG A NH1   1 
ATOM   782  N  NH2   . ARG A 1 94  ? -8.755  5.908   -10.901 1.00 55.81  ? 94  ARG A NH2   1 
ATOM   783  N  N     . HIS A 1 95  ? -4.445  -0.705  -6.899  1.00 56.73  ? 95  HIS A N     1 
ATOM   784  C  CA    . HIS A 1 95  ? -3.896  -1.875  -6.234  1.00 58.68  ? 95  HIS A CA    1 
ATOM   785  C  C     . HIS A 1 95  ? -4.207  -1.903  -4.752  1.00 57.35  ? 95  HIS A C     1 
ATOM   786  O  O     . HIS A 1 95  ? -4.180  -0.861  -4.051  1.00 56.24  ? 95  HIS A O     1 
ATOM   787  C  CB    . HIS A 1 95  ? -2.380  -1.977  -6.519  1.00 57.43  ? 95  HIS A CB    1 
ATOM   788  C  CG    . HIS A 1 95  ? -1.616  -0.697  -6.218  1.00 56.23  ? 95  HIS A CG    1 
ATOM   789  N  ND1   . HIS A 1 95  ? -1.762  0.444   -6.961  1.00 54.80  ? 95  HIS A ND1   1 
ATOM   790  C  CD2   . HIS A 1 95  ? -0.708  -0.398  -5.214  1.00 50.93  ? 95  HIS A CD2   1 
ATOM   791  C  CE1   . HIS A 1 95  ? -1.000  1.413   -6.448  1.00 52.03  ? 95  HIS A CE1   1 
ATOM   792  N  NE2   . HIS A 1 95  ? -0.360  0.906   -5.371  1.00 55.84  ? 95  HIS A NE2   1 
ATOM   793  N  N     . SER A 1 96  ? -4.525  -3.106  -4.277  1.00 53.89  ? 96  SER A N     1 
ATOM   794  C  CA    . SER A 1 96  ? -4.775  -3.330  -2.876  1.00 54.03  ? 96  SER A CA    1 
ATOM   795  C  C     . SER A 1 96  ? -3.955  -4.520  -2.474  1.00 56.44  ? 96  SER A C     1 
ATOM   796  O  O     . SER A 1 96  ? -4.281  -5.655  -2.833  1.00 54.71  ? 96  SER A O     1 
ATOM   797  C  CB    . SER A 1 96  ? -6.236  -3.584  -2.612  1.00 58.53  ? 96  SER A CB    1 
ATOM   798  O  OG    . SER A 1 96  ? -6.444  -3.741  -1.224  1.00 62.49  ? 96  SER A OG    1 
ATOM   799  N  N     . PRO A 1 97  ? -2.837  -4.248  -1.774  1.00 64.87  ? 97  PRO A N     1 
ATOM   800  C  CA    . PRO A 1 97  ? -1.815  -5.263  -1.440  1.00 59.79  ? 97  PRO A CA    1 
ATOM   801  C  C     . PRO A 1 97  ? -2.171  -5.993  -0.179  1.00 56.23  ? 97  PRO A C     1 
ATOM   802  O  O     . PRO A 1 97  ? -2.345  -5.365  0.878   1.00 54.24  ? 97  PRO A O     1 
ATOM   803  C  CB    . PRO A 1 97  ? -0.527  -4.440  -1.261  1.00 55.82  ? 97  PRO A CB    1 
ATOM   804  C  CG    . PRO A 1 97  ? -0.997  -3.072  -0.904  1.00 62.25  ? 97  PRO A CG    1 
ATOM   805  C  CD    . PRO A 1 97  ? -2.368  -2.869  -1.500  1.00 62.86  ? 97  PRO A CD    1 
ATOM   806  N  N     . GLN A 1 98  ? -2.303  -7.311  -0.315  1.00 56.82  ? 98  GLN A N     1 
ATOM   807  C  CA    . GLN A 1 98  ? -2.641  -8.206  0.801   1.00 54.67  ? 98  GLN A CA    1 
ATOM   808  C  C     . GLN A 1 98  ? -1.436  -9.041  1.181   1.00 52.68  ? 98  GLN A C     1 
ATOM   809  O  O     . GLN A 1 98  ? -0.932  -9.792  0.370   1.00 55.08  ? 98  GLN A O     1 
ATOM   810  C  CB    . GLN A 1 98  ? -3.797  -9.133  0.422   1.00 50.93  ? 98  GLN A CB    1 
ATOM   811  C  CG    . GLN A 1 98  ? -4.959  -8.444  -0.261  1.00 54.52  ? 98  GLN A CG    1 
ATOM   812  C  CD    . GLN A 1 98  ? -5.478  -7.234  0.500   1.00 60.45  ? 98  GLN A CD    1 
ATOM   813  O  OE1   . GLN A 1 98  ? -5.487  -7.205  1.738   1.00 63.06  ? 98  GLN A OE1   1 
ATOM   814  N  NE2   . GLN A 1 98  ? -5.917  -6.220  -0.242  1.00 60.76  ? 98  GLN A NE2   1 
ATOM   815  N  N     . ARG A 1 99  ? -0.967  -8.904  2.408   1.00 54.52  ? 99  ARG A N     1 
ATOM   816  C  CA    . ARG A 1 99  ? 0.154   -9.697  2.885   1.00 60.17  ? 99  ARG A CA    1 
ATOM   817  C  C     . ARG A 1 99  ? -0.379  -10.575 3.985   1.00 63.90  ? 99  ARG A C     1 
ATOM   818  O  O     . ARG A 1 99  ? -0.300  -10.191 5.162   1.00 63.38  ? 99  ARG A O     1 
ATOM   819  C  CB    . ARG A 1 99  ? 1.219   -8.801  3.490   1.00 64.56  ? 99  ARG A CB    1 
ATOM   820  C  CG    . ARG A 1 99  ? 1.471   -7.527  2.711   1.00 68.94  ? 99  ARG A CG    1 
ATOM   821  C  CD    . ARG A 1 99  ? 2.884   -7.498  2.151   1.00 76.44  ? 99  ARG A CD    1 
ATOM   822  N  NE    . ARG A 1 99  ? 3.073   -6.311  1.339   1.00 70.22  ? 99  ARG A NE    1 
ATOM   823  C  CZ    . ARG A 1 99  ? 3.555   -6.323  0.109   1.00 71.97  ? 99  ARG A CZ    1 
ATOM   824  N  NH1   . ARG A 1 99  ? 3.933   -7.473  -0.439  1.00 75.52  ? 99  ARG A NH1   1 
ATOM   825  N  NH2   . ARG A 1 99  ? 3.674   -5.176  -0.557  1.00 69.80  ? 99  ARG A NH2   1 
ATOM   826  N  N     . PRO A 1 100 ? -0.966  -11.729 3.614   1.00 62.19  ? 100 PRO A N     1 
ATOM   827  C  CA    . PRO A 1 100 ? -1.415  -12.685 4.606   1.00 60.96  ? 100 PRO A CA    1 
ATOM   828  C  C     . PRO A 1 100 ? -0.300  -13.161 5.539   1.00 62.09  ? 100 PRO A C     1 
ATOM   829  O  O     . PRO A 1 100 ? -0.503  -13.246 6.751   1.00 63.98  ? 100 PRO A O     1 
ATOM   830  C  CB    . PRO A 1 100 ? -1.939  -13.858 3.755   1.00 59.59  ? 100 PRO A CB    1 
ATOM   831  C  CG    . PRO A 1 100 ? -1.453  -13.611 2.364   1.00 57.00  ? 100 PRO A CG    1 
ATOM   832  C  CD    . PRO A 1 100 ? -1.421  -12.125 2.269   1.00 58.02  ? 100 PRO A CD    1 
ATOM   833  N  N     . GLU A 1 101 ? 0.878   -13.433 4.998   1.00 68.10  ? 101 GLU A N     1 
ATOM   834  C  CA    . GLU A 1 101 ? 1.846   -14.233 5.748   1.00 70.38  ? 101 GLU A CA    1 
ATOM   835  C  C     . GLU A 1 101 ? 2.591   -13.484 6.846   1.00 66.43  ? 101 GLU A C     1 
ATOM   836  O  O     . GLU A 1 101 ? 3.047   -12.348 6.669   1.00 61.34  ? 101 GLU A O     1 
ATOM   837  C  CB    . GLU A 1 101 ? 2.811   -14.945 4.799   1.00 80.53  ? 101 GLU A CB    1 
ATOM   838  C  CG    . GLU A 1 101 ? 2.103   -15.901 3.847   1.00 86.94  ? 101 GLU A CG    1 
ATOM   839  C  CD    . GLU A 1 101 ? 3.045   -16.834 3.108   1.00 94.26  ? 101 GLU A CD    1 
ATOM   840  O  OE1   . GLU A 1 101 ? 2.571   -17.515 2.168   1.00 107.83 ? 101 GLU A OE1   1 
ATOM   841  O  OE2   . GLU A 1 101 ? 4.245   -16.894 3.466   1.00 96.19  ? 101 GLU A OE2   1 
ATOM   842  N  N     . ALA A 1 102 ? 2.690   -14.145 7.992   1.00 61.98  ? 102 ALA A N     1 
ATOM   843  C  CA    . ALA A 1 102 ? 3.423   -13.613 9.120   1.00 63.18  ? 102 ALA A CA    1 
ATOM   844  C  C     . ALA A 1 102 ? 4.928   -13.727 8.882   1.00 66.74  ? 102 ALA A C     1 
ATOM   845  O  O     . ALA A 1 102 ? 5.470   -14.839 8.700   1.00 64.89  ? 102 ALA A O     1 
ATOM   846  C  CB    . ALA A 1 102 ? 3.026   -14.343 10.383  1.00 59.82  ? 102 ALA A CB    1 
ATOM   847  N  N     . GLY A 1 103 ? 5.596   -12.576 8.883   1.00 67.38  ? 103 GLY A N     1 
ATOM   848  C  CA    . GLY A 1 103 ? 7.023   -12.533 8.609   1.00 67.87  ? 103 GLY A CA    1 
ATOM   849  C  C     . GLY A 1 103 ? 7.404   -12.654 7.141   1.00 72.84  ? 103 GLY A C     1 
ATOM   850  O  O     . GLY A 1 103 ? 8.510   -13.096 6.824   1.00 72.36  ? 103 GLY A O     1 
ATOM   851  N  N     . SER A 1 104 ? 6.487   -12.286 6.245   1.00 73.43  ? 104 SER A N     1 
ATOM   852  C  CA    . SER A 1 104 ? 6.841   -12.068 4.855   1.00 64.38  ? 104 SER A CA    1 
ATOM   853  C  C     . SER A 1 104 ? 7.592   -10.736 4.805   1.00 68.31  ? 104 SER A C     1 
ATOM   854  O  O     . SER A 1 104 ? 7.455   -9.901  5.708   1.00 68.48  ? 104 SER A O     1 
ATOM   855  C  CB    . SER A 1 104 ? 5.608   -12.098 3.925   1.00 66.33  ? 104 SER A CB    1 
ATOM   856  O  OG    . SER A 1 104 ? 4.621   -11.103 4.196   1.00 67.84  ? 104 SER A OG    1 
ATOM   857  N  N     . ALA A 1 105 ? 8.429   -10.566 3.784   1.00 67.59  ? 105 ALA A N     1 
ATOM   858  C  CA    . ALA A 1 105 ? 9.132   -9.308  3.566   1.00 58.47  ? 105 ALA A CA    1 
ATOM   859  C  C     . ALA A 1 105 ? 9.053   -9.060  2.097   1.00 54.75  ? 105 ALA A C     1 
ATOM   860  O  O     . ALA A 1 105 ? 9.238   -9.966  1.294   1.00 52.31  ? 105 ALA A O     1 
ATOM   861  C  CB    . ALA A 1 105 ? 10.579  -9.401  3.998   1.00 60.75  ? 105 ALA A CB    1 
ATOM   862  N  N     . CYS A 1 106 ? 8.734   -7.823  1.764   1.00 52.37  ? 106 CYS A N     1 
ATOM   863  C  CA    . CYS A 1 106 ? 8.694   -7.395  0.396   1.00 54.66  ? 106 CYS A CA    1 
ATOM   864  C  C     . CYS A 1 106 ? 9.351   -6.018  0.293   1.00 58.88  ? 106 CYS A C     1 
ATOM   865  O  O     . CYS A 1 106 ? 9.003   -5.091  1.033   1.00 59.40  ? 106 CYS A O     1 
ATOM   866  C  CB    . CYS A 1 106 ? 7.254   -7.388  -0.120  1.00 54.25  ? 106 CYS A CB    1 
ATOM   867  S  SG    . CYS A 1 106 ? 7.030   -6.886  -1.856  1.00 64.23  ? 106 CYS A SG    1 
ATOM   868  N  N     . LEU A 1 107 ? 10.335  -5.909  -0.595  1.00 55.49  ? 107 LEU A N     1 
ATOM   869  C  CA    . LEU A 1 107 ? 10.914  -4.623  -0.923  1.00 57.07  ? 107 LEU A CA    1 
ATOM   870  C  C     . LEU A 1 107 ? 10.027  -3.834  -1.903  1.00 61.25  ? 107 LEU A C     1 
ATOM   871  O  O     . LEU A 1 107 ? 9.692   -4.316  -2.998  1.00 68.32  ? 107 LEU A O     1 
ATOM   872  C  CB    . LEU A 1 107 ? 12.305  -4.818  -1.505  1.00 55.04  ? 107 LEU A CB    1 
ATOM   873  C  CG    . LEU A 1 107 ? 13.058  -3.562  -1.971  1.00 56.66  ? 107 LEU A CG    1 
ATOM   874  C  CD1   . LEU A 1 107 ? 13.932  -2.900  -0.906  1.00 54.97  ? 107 LEU A CD1   1 
ATOM   875  C  CD2   . LEU A 1 107 ? 13.917  -3.968  -3.142  1.00 58.44  ? 107 LEU A CD2   1 
ATOM   876  N  N     . VAL A 1 108 ? 9.661   -2.616  -1.520  1.00 56.16  ? 108 VAL A N     1 
ATOM   877  C  CA    . VAL A 1 108 ? 8.808   -1.785  -2.366  1.00 55.04  ? 108 VAL A CA    1 
ATOM   878  C  C     . VAL A 1 108 ? 9.476   -0.441  -2.656  1.00 54.47  ? 108 VAL A C     1 
ATOM   879  O  O     . VAL A 1 108 ? 9.787   0.315   -1.715  1.00 55.28  ? 108 VAL A O     1 
ATOM   880  C  CB    . VAL A 1 108 ? 7.437   -1.580  -1.690  1.00 57.12  ? 108 VAL A CB    1 
ATOM   881  C  CG1   . VAL A 1 108 ? 6.564   -0.637  -2.491  1.00 56.59  ? 108 VAL A CG1   1 
ATOM   882  C  CG2   . VAL A 1 108 ? 6.743   -2.915  -1.512  1.00 55.86  ? 108 VAL A CG2   1 
ATOM   883  N  N     . ILE A 1 109 ? 9.707   -0.140  -3.940  1.00 49.57  ? 109 ILE A N     1 
ATOM   884  C  CA    . ILE A 1 109 ? 10.326  1.149   -4.293  1.00 49.64  ? 109 ILE A CA    1 
ATOM   885  C  C     . ILE A 1 109 ? 9.396   2.089   -5.042  1.00 52.81  ? 109 ILE A C     1 
ATOM   886  O  O     . ILE A 1 109 ? 8.481   1.637   -5.763  1.00 47.79  ? 109 ILE A O     1 
ATOM   887  C  CB    . ILE A 1 109 ? 11.680  0.983   -5.014  1.00 53.55  ? 109 ILE A CB    1 
ATOM   888  C  CG1   . ILE A 1 109 ? 12.642  0.228   -4.104  1.00 52.27  ? 109 ILE A CG1   1 
ATOM   889  C  CG2   . ILE A 1 109 ? 12.342  2.329   -5.307  1.00 49.95  ? 109 ILE A CG2   1 
ATOM   890  C  CD1   . ILE A 1 109 ? 13.815  -0.346  -4.829  1.00 47.91  ? 109 ILE A CD1   1 
ATOM   891  N  N     . GLU A 1 110 ? 9.613   3.393   -4.810  1.00 55.59  ? 110 GLU A N     1 
ATOM   892  C  CA    . GLU A 1 110 ? 8.792   4.479   -5.373  1.00 59.03  ? 110 GLU A CA    1 
ATOM   893  C  C     . GLU A 1 110 ? 9.501   5.813   -5.201  1.00 56.58  ? 110 GLU A C     1 
ATOM   894  O  O     . GLU A 1 110 ? 10.456  5.901   -4.440  1.00 53.59  ? 110 GLU A O     1 
ATOM   895  C  CB    . GLU A 1 110 ? 7.386   4.521   -4.759  1.00 62.28  ? 110 GLU A CB    1 
ATOM   896  C  CG    . GLU A 1 110 ? 7.287   4.023   -3.313  1.00 75.32  ? 110 GLU A CG    1 
ATOM   897  C  CD    . GLU A 1 110 ? 5.850   3.961   -2.767  1.00 83.40  ? 110 GLU A CD    1 
ATOM   898  O  OE1   . GLU A 1 110 ? 5.592   3.083   -1.905  1.00 89.32  ? 110 GLU A OE1   1 
ATOM   899  O  OE2   . GLU A 1 110 ? 4.988   4.787   -3.171  1.00 73.96  ? 110 GLU A OE2   1 
ATOM   900  N  N     . ARG A 1 111 ? 9.040   6.831   -5.934  1.00 58.63  ? 111 ARG A N     1 
ATOM   901  C  CA    . ARG A 1 111 ? 9.635   8.174   -5.910  1.00 57.40  ? 111 ARG A CA    1 
ATOM   902  C  C     . ARG A 1 111 ? 8.835   9.156   -5.071  1.00 59.14  ? 111 ARG A C     1 
ATOM   903  O  O     . ARG A 1 111 ? 7.601   9.251   -5.209  1.00 57.96  ? 111 ARG A O     1 
ATOM   904  C  CB    . ARG A 1 111 ? 9.676   8.780   -7.313  1.00 60.49  ? 111 ARG A CB    1 
ATOM   905  C  CG    . ARG A 1 111 ? 10.573  8.135   -8.348  1.00 60.27  ? 111 ARG A CG    1 
ATOM   906  C  CD    . ARG A 1 111 ? 10.209  8.688   -9.709  1.00 61.26  ? 111 ARG A CD    1 
ATOM   907  N  NE    . ARG A 1 111 ? 10.110  10.152  -9.677  1.00 65.44  ? 111 ARG A NE    1 
ATOM   908  C  CZ    . ARG A 1 111 ? 9.651   10.906  -10.681 1.00 68.09  ? 111 ARG A CZ    1 
ATOM   909  N  NH1   . ARG A 1 111 ? 9.237   10.341  -11.828 1.00 62.70  ? 111 ARG A NH1   1 
ATOM   910  N  NH2   . ARG A 1 111 ? 9.613   12.235  -10.539 1.00 66.87  ? 111 ARG A NH2   1 
ATOM   911  N  N     . GLN A 1 112 ? 9.528   9.922   -4.234  1.00 60.83  ? 112 GLN A N     1 
ATOM   912  C  CA    . GLN A 1 112 ? 8.921   11.094  -3.624  1.00 66.94  ? 112 GLN A CA    1 
ATOM   913  C  C     . GLN A 1 112 ? 8.095   11.789  -4.702  1.00 64.66  ? 112 GLN A C     1 
ATOM   914  O  O     . GLN A 1 112 ? 8.610   12.089  -5.759  1.00 66.22  ? 112 GLN A O     1 
ATOM   915  C  CB    . GLN A 1 112 ? 10.000  12.040  -3.116  1.00 73.35  ? 112 GLN A CB    1 
ATOM   916  C  CG    . GLN A 1 112 ? 9.667   12.737  -1.803  1.00 97.70  ? 112 GLN A CG    1 
ATOM   917  C  CD    . GLN A 1 112 ? 10.904  12.976  -0.934  1.00 115.31 ? 112 GLN A CD    1 
ATOM   918  O  OE1   . GLN A 1 112 ? 11.858  13.649  -1.353  1.00 124.89 ? 112 GLN A OE1   1 
ATOM   919  N  NE2   . GLN A 1 112 ? 10.894  12.423  0.290   1.00 113.62 ? 112 GLN A NE2   1 
ATOM   920  N  N     . ARG A 1 113 ? 6.798   11.985  -4.465  1.00 79.40  ? 113 ARG A N     1 
ATOM   921  C  CA    . ARG A 1 113 ? 5.935   12.769  -5.389  1.00 75.06  ? 113 ARG A CA    1 
ATOM   922  C  C     . ARG A 1 113 ? 6.242   14.263  -5.281  1.00 74.87  ? 113 ARG A C     1 
ATOM   923  O  O     . ARG A 1 113 ? 6.330   14.817  -4.182  1.00 82.77  ? 113 ARG A O     1 
ATOM   924  C  CB    . ARG A 1 113 ? 4.432   12.527  -5.131  1.00 70.95  ? 113 ARG A CB    1 
ATOM   925  C  CG    . ARG A 1 113 ? 3.734   11.572  -6.086  1.00 61.87  ? 113 ARG A CG    1 
ATOM   926  C  CD    . ARG A 1 113 ? 4.244   10.145  -5.943  1.00 64.65  ? 113 ARG A CD    1 
ATOM   927  N  NE    . ARG A 1 113 ? 3.714   9.342   -4.830  1.00 55.18  ? 113 ARG A NE    1 
ATOM   928  C  CZ    . ARG A 1 113 ? 4.116   8.094   -4.573  1.00 55.12  ? 113 ARG A CZ    1 
ATOM   929  N  NH1   . ARG A 1 113 ? 5.044   7.496   -5.323  1.00 67.66  ? 113 ARG A NH1   1 
ATOM   930  N  NH2   . ARG A 1 113 ? 3.599   7.421   -3.578  1.00 49.75  ? 113 ARG A NH2   1 
ATOM   931  N  N     . PRO A 1 114 ? 6.423   14.922  -6.426  1.00 78.79  ? 114 PRO A N     1 
ATOM   932  C  CA    . PRO A 1 114 ? 6.682   16.364  -6.443  1.00 77.92  ? 114 PRO A CA    1 
ATOM   933  C  C     . PRO A 1 114 ? 5.391   17.173  -6.335  1.00 83.56  ? 114 PRO A C     1 
ATOM   934  O  O     . PRO A 1 114 ? 4.350   16.728  -6.850  1.00 85.31  ? 114 PRO A O     1 
ATOM   935  C  CB    . PRO A 1 114 ? 7.278   16.573  -7.822  1.00 73.22  ? 114 PRO A CB    1 
ATOM   936  C  CG    . PRO A 1 114 ? 6.612   15.530  -8.663  1.00 71.73  ? 114 PRO A CG    1 
ATOM   937  C  CD    . PRO A 1 114 ? 6.514   14.325  -7.773  1.00 75.96  ? 114 PRO A CD    1 
ATOM   938  N  N     . ALA A 1 115 ? 5.462   18.343  -5.692  1.00 77.67  ? 115 ALA A N     1 
ATOM   939  C  CA    . ALA A 1 115 ? 4.309   19.241  -5.570  1.00 74.66  ? 115 ALA A CA    1 
ATOM   940  C  C     . ALA A 1 115 ? 3.465   19.285  -6.876  1.00 79.65  ? 115 ALA A C     1 
ATOM   941  O  O     . ALA A 1 115 ? 4.026   19.346  -7.974  1.00 79.23  ? 115 ALA A O     1 
ATOM   942  C  CB    . ALA A 1 115 ? 4.789   20.627  -5.178  1.00 74.50  ? 115 ALA A CB    1 
ATOM   943  N  N     . GLY A 1 116 ? 2.130   19.238  -6.754  1.00 81.87  ? 116 GLY A N     1 
ATOM   944  C  CA    . GLY A 1 116 ? 1.217   19.133  -7.921  1.00 73.58  ? 116 GLY A CA    1 
ATOM   945  C  C     . GLY A 1 116 ? 0.697   17.714  -8.165  1.00 73.57  ? 116 GLY A C     1 
ATOM   946  O  O     . GLY A 1 116 ? -0.362  17.507  -8.766  1.00 72.98  ? 116 GLY A O     1 
ATOM   947  N  N     . MET A 1 117 ? 1.440   16.725  -7.678  1.00 72.84  ? 117 MET A N     1 
ATOM   948  C  CA    . MET A 1 117 ? 1.141   15.337  -7.938  1.00 67.21  ? 117 MET A CA    1 
ATOM   949  C  C     . MET A 1 117 ? 0.509   14.646  -6.735  1.00 68.23  ? 117 MET A C     1 
ATOM   950  O  O     . MET A 1 117 ? 1.152   14.451  -5.679  1.00 68.72  ? 117 MET A O     1 
ATOM   951  C  CB    . MET A 1 117 ? 2.420   14.632  -8.333  1.00 73.31  ? 117 MET A CB    1 
ATOM   952  C  CG    . MET A 1 117 ? 2.209   13.600  -9.418  1.00 84.59  ? 117 MET A CG    1 
ATOM   953  S  SD    . MET A 1 117 ? 3.763   13.126  -10.194 1.00 88.13  ? 117 MET A SD    1 
ATOM   954  C  CE    . MET A 1 117 ? 4.097   14.584  -11.170 1.00 77.68  ? 117 MET A CE    1 
ATOM   955  N  N     . LEU A 1 118 ? -0.753  14.261  -6.901  1.00 62.90  ? 118 LEU A N     1 
ATOM   956  C  CA    . LEU A 1 118 ? -1.494  13.650  -5.817  1.00 61.20  ? 118 LEU A CA    1 
ATOM   957  C  C     . LEU A 1 118 ? -1.805  12.190  -6.067  1.00 66.41  ? 118 LEU A C     1 
ATOM   958  O  O     . LEU A 1 118 ? -2.012  11.752  -7.200  1.00 67.56  ? 118 LEU A O     1 
ATOM   959  C  CB    . LEU A 1 118 ? -2.793  14.393  -5.574  1.00 62.70  ? 118 LEU A CB    1 
ATOM   960  C  CG    . LEU A 1 118 ? -2.843  15.905  -5.801  1.00 65.38  ? 118 LEU A CG    1 
ATOM   961  C  CD1   . LEU A 1 118 ? -4.284  16.387  -5.838  1.00 59.72  ? 118 LEU A CD1   1 
ATOM   962  C  CD2   . LEU A 1 118 ? -2.059  16.669  -4.745  1.00 69.52  ? 118 LEU A CD2   1 
ATOM   963  N  N     . ASP A 1 119 ? -1.845  11.439  -4.977  1.00 71.54  ? 119 ASP A N     1 
ATOM   964  C  CA    . ASP A 1 119 ? -2.235  10.046  -5.003  1.00 66.64  ? 119 ASP A CA    1 
ATOM   965  C  C     . ASP A 1 119 ? -3.713  10.008  -4.655  1.00 67.55  ? 119 ASP A C     1 
ATOM   966  O  O     . ASP A 1 119 ? -4.213  10.868  -3.929  1.00 66.54  ? 119 ASP A O     1 
ATOM   967  C  CB    . ASP A 1 119 ? -1.463  9.269   -3.932  1.00 68.34  ? 119 ASP A CB    1 
ATOM   968  C  CG    . ASP A 1 119 ? 0.046   9.372   -4.083  1.00 67.37  ? 119 ASP A CG    1 
ATOM   969  O  OD1   . ASP A 1 119 ? 0.654   8.284   -4.244  1.00 63.03  ? 119 ASP A OD1   1 
ATOM   970  O  OD2   . ASP A 1 119 ? 0.614   10.511  -4.018  1.00 71.29  ? 119 ASP A OD2   1 
ATOM   971  N  N     . GLY A 1 120 ? -4.412  9.008   -5.169  1.00 64.85  ? 120 GLY A N     1 
ATOM   972  C  CA    . GLY A 1 120 ? -5.794  8.794   -4.795  1.00 59.81  ? 120 GLY A CA    1 
ATOM   973  C  C     . GLY A 1 120 ? -5.902  7.562   -3.930  1.00 58.74  ? 120 GLY A C     1 
ATOM   974  O  O     . GLY A 1 120 ? -5.084  6.656   -4.038  1.00 62.22  ? 120 GLY A O     1 
ATOM   975  N  N     . PHE A 1 121 ? -6.901  7.538   -3.054  1.00 60.53  ? 121 PHE A N     1 
ATOM   976  C  CA    . PHE A 1 121 ? -7.297  6.300   -2.380  1.00 65.91  ? 121 PHE A CA    1 
ATOM   977  C  C     . PHE A 1 121 ? -8.776  6.053   -2.585  1.00 73.25  ? 121 PHE A C     1 
ATOM   978  O  O     . PHE A 1 121 ? -9.585  6.978   -2.600  1.00 75.99  ? 121 PHE A O     1 
ATOM   979  C  CB    . PHE A 1 121 ? -6.912  6.291   -0.906  1.00 61.72  ? 121 PHE A CB    1 
ATOM   980  C  CG    . PHE A 1 121 ? -5.442  6.219   -0.701  1.00 61.24  ? 121 PHE A CG    1 
ATOM   981  C  CD1   . PHE A 1 121 ? -4.828  4.994   -0.511  1.00 62.05  ? 121 PHE A CD1   1 
ATOM   982  C  CD2   . PHE A 1 121 ? -4.658  7.382   -0.763  1.00 58.52  ? 121 PHE A CD2   1 
ATOM   983  C  CE1   . PHE A 1 121 ? -3.452  4.924   -0.358  1.00 67.34  ? 121 PHE A CE1   1 
ATOM   984  C  CE2   . PHE A 1 121 ? -3.290  7.323   -0.606  1.00 59.24  ? 121 PHE A CE2   1 
ATOM   985  C  CZ    . PHE A 1 121 ? -2.682  6.089   -0.405  1.00 65.27  ? 121 PHE A CZ    1 
ATOM   986  N  N     . GLU A 1 122 ? -9.122  4.789   -2.770  1.00 74.31  ? 122 GLU A N     1 
ATOM   987  C  CA    . GLU A 1 122 ? -10.415 4.474   -3.309  1.00 68.66  ? 122 GLU A CA    1 
ATOM   988  C  C     . GLU A 1 122 ? -10.923 3.183   -2.756  1.00 70.38  ? 122 GLU A C     1 
ATOM   989  O  O     . GLU A 1 122 ? -10.177 2.184   -2.717  1.00 70.54  ? 122 GLU A O     1 
ATOM   990  C  CB    . GLU A 1 122 ? -10.296 4.342   -4.809  1.00 64.50  ? 122 GLU A CB    1 
ATOM   991  C  CG    . GLU A 1 122 ? -9.964  5.640   -5.506  1.00 62.21  ? 122 GLU A CG    1 
ATOM   992  C  CD    . GLU A 1 122 ? -10.073 5.447   -6.986  1.00 69.90  ? 122 GLU A CD    1 
ATOM   993  O  OE1   . GLU A 1 122 ? -9.964  4.260   -7.394  1.00 73.36  ? 122 GLU A OE1   1 
ATOM   994  O  OE2   . GLU A 1 122 ? -10.286 6.449   -7.720  1.00 68.16  ? 122 GLU A OE2   1 
ATOM   995  N  N     . TRP A 1 123 ? -12.193 3.209   -2.341  1.00 65.91  ? 123 TRP A N     1 
ATOM   996  C  CA    . TRP A 1 123 ? -12.888 2.004   -1.929  1.00 60.78  ? 123 TRP A CA    1 
ATOM   997  C  C     . TRP A 1 123 ? -14.048 1.763   -2.795  1.00 60.53  ? 123 TRP A C     1 
ATOM   998  O  O     . TRP A 1 123 ? -14.691 2.713   -3.217  1.00 59.11  ? 123 TRP A O     1 
ATOM   999  C  CB    . TRP A 1 123 ? -13.390 2.137   -0.548  1.00 55.13  ? 123 TRP A CB    1 
ATOM   1000 C  CG    . TRP A 1 123 ? -12.346 2.299   0.505   1.00 53.67  ? 123 TRP A CG    1 
ATOM   1001 C  CD1   . TRP A 1 123 ? -11.940 1.360   1.444   1.00 55.05  ? 123 TRP A CD1   1 
ATOM   1002 C  CD2   . TRP A 1 123 ? -11.616 3.504   0.824   1.00 52.47  ? 123 TRP A CD2   1 
ATOM   1003 N  NE1   . TRP A 1 123 ? -11.003 1.889   2.287   1.00 56.47  ? 123 TRP A NE1   1 
ATOM   1004 C  CE2   . TRP A 1 123 ? -10.763 3.176   1.971   1.00 54.79  ? 123 TRP A CE2   1 
ATOM   1005 C  CE3   . TRP A 1 123 ? -11.574 4.781   0.296   1.00 56.46  ? 123 TRP A CE3   1 
ATOM   1006 C  CZ2   . TRP A 1 123 ? -9.912  4.114   2.550   1.00 56.23  ? 123 TRP A CZ2   1 
ATOM   1007 C  CZ3   . TRP A 1 123 ? -10.708 5.723   0.884   1.00 57.72  ? 123 TRP A CZ3   1 
ATOM   1008 C  CH2   . TRP A 1 123 ? -9.896  5.394   1.987   1.00 53.08  ? 123 TRP A CH2   1 
ATOM   1009 N  N     . TYR A 1 124 ? -14.342 0.480   -3.018  1.00 66.84  ? 124 TYR A N     1 
ATOM   1010 C  CA    . TYR A 1 124 ? -15.333 0.029   -4.011  1.00 73.74  ? 124 TYR A CA    1 
ATOM   1011 C  C     . TYR A 1 124 ? -16.448 -0.815  -3.389  1.00 83.16  ? 124 TYR A C     1 
ATOM   1012 O  O     . TYR A 1 124 ? -16.191 -1.556  -2.436  1.00 91.83  ? 124 TYR A O     1 
ATOM   1013 C  CB    . TYR A 1 124 ? -14.624 -0.763  -5.119  1.00 66.85  ? 124 TYR A CB    1 
ATOM   1014 C  CG    . TYR A 1 124 ? -13.810 0.119   -6.046  1.00 70.73  ? 124 TYR A CG    1 
ATOM   1015 C  CD1   . TYR A 1 124 ? -14.376 0.636   -7.202  1.00 71.75  ? 124 TYR A CD1   1 
ATOM   1016 C  CD2   . TYR A 1 124 ? -12.479 0.465   -5.752  1.00 71.64  ? 124 TYR A CD2   1 
ATOM   1017 C  CE1   . TYR A 1 124 ? -13.654 1.466   -8.043  1.00 72.90  ? 124 TYR A CE1   1 
ATOM   1018 C  CE2   . TYR A 1 124 ? -11.748 1.296   -6.596  1.00 71.70  ? 124 TYR A CE2   1 
ATOM   1019 C  CZ    . TYR A 1 124 ? -12.352 1.794   -7.739  1.00 69.54  ? 124 TYR A CZ    1 
ATOM   1020 O  OH    . TYR A 1 124 ? -11.685 2.609   -8.610  1.00 66.33  ? 124 TYR A OH    1 
ATOM   1021 N  N     . CYS A 1 125 ? -17.676 -0.712  -3.914  1.00 84.85  ? 125 CYS A N     1 
ATOM   1022 C  CA    . CYS A 1 125 ? -18.756 -1.568  -3.412  1.00 87.75  ? 125 CYS A CA    1 
ATOM   1023 C  C     . CYS A 1 125 ? -18.528 -3.051  -3.684  1.00 86.96  ? 125 CYS A C     1 
ATOM   1024 O  O     . CYS A 1 125 ? -18.658 -3.554  -4.809  1.00 81.92  ? 125 CYS A O     1 
ATOM   1025 C  CB    . CYS A 1 125 ? -20.160 -1.150  -3.865  1.00 95.11  ? 125 CYS A CB    1 
ATOM   1026 S  SG    . CYS A 1 125 ? -21.493 -2.195  -3.170  1.00 82.74  ? 125 CYS A SG    1 
ATOM   1027 N  N     . ASP A 1 126 ? -18.163 -3.708  -2.598  1.00 90.44  ? 126 ASP A N     1 
ATOM   1028 C  CA    . ASP A 1 126 ? -18.206 -5.146  -2.406  1.00 98.66  ? 126 ASP A CA    1 
ATOM   1029 C  C     . ASP A 1 126 ? -19.293 -5.891  -3.195  1.00 96.88  ? 126 ASP A C     1 
ATOM   1030 O  O     . ASP A 1 126 ? -19.093 -7.038  -3.594  1.00 99.97  ? 126 ASP A O     1 
ATOM   1031 C  CB    . ASP A 1 126 ? -18.374 -5.417  -0.893  1.00 116.43 ? 126 ASP A CB    1 
ATOM   1032 C  CG    . ASP A 1 126 ? -18.940 -4.183  -0.082  1.00 124.91 ? 126 ASP A CG    1 
ATOM   1033 O  OD1   . ASP A 1 126 ? -18.758 -4.195  1.160   1.00 131.03 ? 126 ASP A OD1   1 
ATOM   1034 O  OD2   . ASP A 1 126 ? -19.556 -3.223  -0.637  1.00 112.22 ? 126 ASP A OD2   1 
ATOM   1035 N  N     . ALA A 1 127 ? -20.432 -5.222  -3.407  1.00 103.13 ? 127 ALA A N     1 
ATOM   1036 C  CA    . ALA A 1 127 ? -21.646 -5.814  -3.988  1.00 92.74  ? 127 ALA A CA    1 
ATOM   1037 C  C     . ALA A 1 127 ? -21.983 -5.197  -5.355  1.00 87.12  ? 127 ALA A C     1 
ATOM   1038 O  O     . ALA A 1 127 ? -21.871 -5.870  -6.376  1.00 86.86  ? 127 ALA A O     1 
ATOM   1039 C  CB    . ALA A 1 127 ? -22.818 -5.692  -3.014  1.00 88.38  ? 127 ALA A CB    1 
ATOM   1040 N  N     . CYS A 1 128 ? -22.368 -3.922  -5.399  1.00 79.06  ? 128 CYS A N     1 
ATOM   1041 C  CA    . CYS A 1 128 ? -22.726 -3.347  -6.685  1.00 79.66  ? 128 CYS A CA    1 
ATOM   1042 C  C     . CYS A 1 128 ? -21.507 -2.982  -7.516  1.00 91.52  ? 128 CYS A C     1 
ATOM   1043 O  O     . CYS A 1 128 ? -21.641 -2.653  -8.699  1.00 104.72 ? 128 CYS A O     1 
ATOM   1044 C  CB    . CYS A 1 128 ? -23.665 -2.151  -6.538  1.00 85.39  ? 128 CYS A CB    1 
ATOM   1045 S  SG    . CYS A 1 128 ? -22.901 -0.513  -6.582  1.00 80.89  ? 128 CYS A SG    1 
ATOM   1046 N  N     . GLY A 1 129 ? -20.324 -3.028  -6.894  1.00 98.46  ? 129 GLY A N     1 
ATOM   1047 C  CA    . GLY A 1 129 ? -19.044 -2.734  -7.568  1.00 90.70  ? 129 GLY A CA    1 
ATOM   1048 C  C     . GLY A 1 129 ? -18.801 -1.307  -8.061  1.00 86.73  ? 129 GLY A C     1 
ATOM   1049 O  O     . GLY A 1 129 ? -17.850 -1.052  -8.798  1.00 78.35  ? 129 GLY A O     1 
ATOM   1050 N  N     . HIS A 1 130 ? -19.664 -0.374  -7.676  1.00 88.42  ? 130 HIS A N     1 
ATOM   1051 C  CA    . HIS A 1 130 ? -19.464 1.032   -8.007  1.00 91.79  ? 130 HIS A CA    1 
ATOM   1052 C  C     . HIS A 1 130 ? -18.400 1.522   -7.054  1.00 82.33  ? 130 HIS A C     1 
ATOM   1053 O  O     . HIS A 1 130 ? -18.144 0.882   -6.023  1.00 75.17  ? 130 HIS A O     1 
ATOM   1054 C  CB    . HIS A 1 130 ? -20.785 1.802   -7.833  1.00 105.19 ? 130 HIS A CB    1 
ATOM   1055 C  CG    . HIS A 1 130 ? -20.940 3.037   -8.718  1.00 113.32 ? 130 HIS A CG    1 
ATOM   1056 N  ND1   . HIS A 1 130 ? -20.833 4.301   -8.235  1.00 115.67 ? 130 HIS A ND1   1 
ATOM   1057 C  CD2   . HIS A 1 130 ? -21.261 3.163   -10.072 1.00 120.04 ? 130 HIS A CD2   1 
ATOM   1058 C  CE1   . HIS A 1 130 ? -21.052 5.186   -9.230  1.00 121.13 ? 130 HIS A CE1   1 
ATOM   1059 N  NE2   . HIS A 1 130 ? -21.316 4.492   -10.355 1.00 128.69 ? 130 HIS A NE2   1 
ATOM   1060 N  N     . LEU A 1 131 ? -17.753 2.636   -7.397  1.00 73.74  ? 131 LEU A N     1 
ATOM   1061 C  CA    . LEU A 1 131 ? -16.842 3.294   -6.473  1.00 69.10  ? 131 LEU A CA    1 
ATOM   1062 C  C     . LEU A 1 131 ? -17.636 3.902   -5.326  1.00 78.14  ? 131 LEU A C     1 
ATOM   1063 O  O     . LEU A 1 131 ? -18.434 4.836   -5.525  1.00 84.64  ? 131 LEU A O     1 
ATOM   1064 C  CB    . LEU A 1 131 ? -16.022 4.390   -7.166  1.00 67.94  ? 131 LEU A CB    1 
ATOM   1065 C  CG    . LEU A 1 131 ? -15.119 5.264   -6.262  1.00 68.02  ? 131 LEU A CG    1 
ATOM   1066 C  CD1   . LEU A 1 131 ? -13.889 4.483   -5.824  1.00 72.50  ? 131 LEU A CD1   1 
ATOM   1067 C  CD2   . LEU A 1 131 ? -14.698 6.590   -6.886  1.00 54.41  ? 131 LEU A CD2   1 
ATOM   1068 N  N     . VAL A 1 132 ? -17.418 3.365   -4.129  1.00 78.06  ? 132 VAL A N     1 
ATOM   1069 C  CA    . VAL A 1 132 ? -17.948 3.958   -2.905  1.00 70.34  ? 132 VAL A CA    1 
ATOM   1070 C  C     . VAL A 1 132 ? -17.329 5.352   -2.631  1.00 71.30  ? 132 VAL A C     1 
ATOM   1071 O  O     . VAL A 1 132 ? -18.057 6.353   -2.596  1.00 69.55  ? 132 VAL A O     1 
ATOM   1072 C  CB    . VAL A 1 132 ? -17.817 2.972   -1.714  1.00 66.83  ? 132 VAL A CB    1 
ATOM   1073 C  CG1   . VAL A 1 132 ? -18.051 3.654   -0.379  1.00 59.83  ? 132 VAL A CG1   1 
ATOM   1074 C  CG2   . VAL A 1 132 ? -18.781 1.804   -1.896  1.00 71.78  ? 132 VAL A CG2   1 
ATOM   1075 N  N     . HIS A 1 133 ? -15.995 5.420   -2.503  1.00 70.23  ? 133 HIS A N     1 
ATOM   1076 C  CA    . HIS A 1 133 ? -15.327 6.610   -1.961  1.00 67.57  ? 133 HIS A CA    1 
ATOM   1077 C  C     . HIS A 1 133 ? -13.904 6.819   -2.472  1.00 72.08  ? 133 HIS A C     1 
ATOM   1078 O  O     . HIS A 1 133 ? -13.137 5.858   -2.635  1.00 73.97  ? 133 HIS A O     1 
ATOM   1079 C  CB    . HIS A 1 133 ? -15.395 6.552   -0.429  1.00 65.50  ? 133 HIS A CB    1 
ATOM   1080 C  CG    . HIS A 1 133 ? -15.041 7.842   0.259   1.00 71.42  ? 133 HIS A CG    1 
ATOM   1081 N  ND1   . HIS A 1 133 ? -14.183 7.895   1.296   1.00 68.15  ? 133 HIS A ND1   1 
ATOM   1082 C  CD2   . HIS A 1 133 ? -15.456 9.154   0.024   1.00 79.06  ? 133 HIS A CD2   1 
ATOM   1083 C  CE1   . HIS A 1 133 ? -14.049 9.172   1.710   1.00 73.37  ? 133 HIS A CE1   1 
ATOM   1084 N  NE2   . HIS A 1 133 ? -14.830 9.943   0.935   1.00 80.67  ? 133 HIS A NE2   1 
ATOM   1085 N  N     . ARG A 1 134 ? -13.549 8.083   -2.721  1.00 69.33  ? 134 ARG A N     1 
ATOM   1086 C  CA    . ARG A 1 134 ? -12.222 8.472   -3.229  1.00 67.92  ? 134 ARG A CA    1 
ATOM   1087 C  C     . ARG A 1 134 ? -11.681 9.759   -2.563  1.00 65.57  ? 134 ARG A C     1 
ATOM   1088 O  O     . ARG A 1 134 ? -12.383 10.757  -2.512  1.00 64.91  ? 134 ARG A O     1 
ATOM   1089 C  CB    . ARG A 1 134 ? -12.245 8.638   -4.768  1.00 64.89  ? 134 ARG A CB    1 
ATOM   1090 C  CG    . ARG A 1 134 ? -10.988 9.282   -5.366  1.00 60.63  ? 134 ARG A CG    1 
ATOM   1091 C  CD    . ARG A 1 134 ? -11.063 9.518   -6.868  1.00 59.84  ? 134 ARG A CD    1 
ATOM   1092 N  NE    . ARG A 1 134 ? -9.840  10.154  -7.394  1.00 72.89  ? 134 ARG A NE    1 
ATOM   1093 C  CZ    . ARG A 1 134 ? -8.732  9.513   -7.813  1.00 69.39  ? 134 ARG A CZ    1 
ATOM   1094 N  NH1   . ARG A 1 134 ? -8.652  8.190   -7.772  1.00 72.63  ? 134 ARG A NH1   1 
ATOM   1095 N  NH2   . ARG A 1 134 ? -7.680  10.194  -8.272  1.00 57.94  ? 134 ARG A NH2   1 
ATOM   1096 N  N     . VAL A 1 135 ? -10.436 9.721   -2.075  1.00 62.89  ? 135 VAL A N     1 
ATOM   1097 C  CA    . VAL A 1 135 ? -9.728  10.905  -1.581  1.00 62.70  ? 135 VAL A CA    1 
ATOM   1098 C  C     . VAL A 1 135 ? -8.430  11.071  -2.337  1.00 65.60  ? 135 VAL A C     1 
ATOM   1099 O  O     . VAL A 1 135 ? -7.663  10.120  -2.489  1.00 67.09  ? 135 VAL A O     1 
ATOM   1100 C  CB    . VAL A 1 135 ? -9.272  10.773  -0.112  1.00 64.05  ? 135 VAL A CB    1 
ATOM   1101 C  CG1   . VAL A 1 135 ? -8.830  12.133  0.414   1.00 60.73  ? 135 VAL A CG1   1 
ATOM   1102 C  CG2   . VAL A 1 135 ? -10.336 10.128  0.767   1.00 73.24  ? 135 VAL A CG2   1 
ATOM   1103 N  N     . GLU A 1 136 ? -8.163  12.289  -2.774  1.00 69.89  ? 136 GLU A N     1 
ATOM   1104 C  CA    . GLU A 1 136 ? -6.879  12.606  -3.360  1.00 66.34  ? 136 GLU A CA    1 
ATOM   1105 C  C     . GLU A 1 136 ? -6.076  13.386  -2.335  1.00 64.09  ? 136 GLU A C     1 
ATOM   1106 O  O     . GLU A 1 136 ? -6.628  14.170  -1.558  1.00 66.08  ? 136 GLU A O     1 
ATOM   1107 C  CB    . GLU A 1 136 ? -7.053  13.387  -4.648  1.00 65.61  ? 136 GLU A CB    1 
ATOM   1108 C  CG    . GLU A 1 136 ? -7.914  12.672  -5.667  1.00 69.50  ? 136 GLU A CG    1 
ATOM   1109 C  CD    . GLU A 1 136 ? -7.989  13.449  -6.962  1.00 86.68  ? 136 GLU A CD    1 
ATOM   1110 O  OE1   . GLU A 1 136 ? -8.091  14.691  -6.872  1.00 97.86  ? 136 GLU A OE1   1 
ATOM   1111 O  OE2   . GLU A 1 136 ? -7.941  12.841  -8.067  1.00 92.46  ? 136 GLU A OE2   1 
ATOM   1112 N  N     . VAL A 1 137 ? -4.767  13.157  -2.346  1.00 64.27  ? 137 VAL A N     1 
ATOM   1113 C  CA    . VAL A 1 137 ? -3.880  13.579  -1.269  1.00 62.97  ? 137 VAL A CA    1 
ATOM   1114 C  C     . VAL A 1 137 ? -2.433  13.798  -1.783  1.00 65.21  ? 137 VAL A C     1 
ATOM   1115 O  O     . VAL A 1 137 ? -1.869  12.935  -2.468  1.00 70.76  ? 137 VAL A O     1 
ATOM   1116 C  CB    . VAL A 1 137 ? -4.000  12.577  -0.070  1.00 62.68  ? 137 VAL A CB    1 
ATOM   1117 C  CG1   . VAL A 1 137 ? -4.007  11.131  -0.550  1.00 62.84  ? 137 VAL A CG1   1 
ATOM   1118 C  CG2   . VAL A 1 137 ? -2.944  12.798  0.998   1.00 63.64  ? 137 VAL A CG2   1 
ATOM   1119 N  N     . GLN A 1 138 ? -1.867  14.976  -1.498  1.00 64.14  ? 138 GLN A N     1 
ATOM   1120 C  CA    . GLN A 1 138 ? -0.451  15.253  -1.748  1.00 66.75  ? 138 GLN A CA    1 
ATOM   1121 C  C     . GLN A 1 138 ? 0.323   14.539  -0.664  1.00 67.60  ? 138 GLN A C     1 
ATOM   1122 O  O     . GLN A 1 138 ? 0.398   14.994  0.479   1.00 62.49  ? 138 GLN A O     1 
ATOM   1123 C  CB    . GLN A 1 138 ? -0.146  16.770  -1.759  1.00 71.70  ? 138 GLN A CB    1 
ATOM   1124 C  CG    . GLN A 1 138 ? 1.329   17.166  -1.846  1.00 75.34  ? 138 GLN A CG    1 
ATOM   1125 C  CD    . GLN A 1 138 ? 2.003   16.824  -3.184  1.00 91.36  ? 138 GLN A CD    1 
ATOM   1126 O  OE1   . GLN A 1 138 ? 1.597   17.353  -4.224  1.00 92.25  ? 138 GLN A OE1   1 
ATOM   1127 N  NE2   . GLN A 1 138 ? 3.067   15.962  -3.156  1.00 81.21  ? 138 GLN A NE2   1 
ATOM   1128 N  N     . LEU A 1 139 ? 0.885   13.396  -1.033  1.00 76.34  ? 139 LEU A N     1 
ATOM   1129 C  CA    . LEU A 1 139 ? 1.545   12.551  -0.065  1.00 77.40  ? 139 LEU A CA    1 
ATOM   1130 C  C     . LEU A 1 139 ? 2.952   13.056  0.257   1.00 83.58  ? 139 LEU A C     1 
ATOM   1131 O  O     . LEU A 1 139 ? 3.850   13.009  -0.599  1.00 97.08  ? 139 LEU A O     1 
ATOM   1132 C  CB    . LEU A 1 139 ? 1.571   11.139  -0.600  1.00 78.93  ? 139 LEU A CB    1 
ATOM   1133 C  CG    . LEU A 1 139 ? 1.728   10.034  0.429   1.00 89.58  ? 139 LEU A CG    1 
ATOM   1134 C  CD1   . LEU A 1 139 ? 0.932   10.322  1.691   1.00 94.63  ? 139 LEU A CD1   1 
ATOM   1135 C  CD2   . LEU A 1 139 ? 1.257   8.740   -0.208  1.00 97.71  ? 139 LEU A CD2   1 
ATOM   1136 N  N     . LYS A 1 140 ? 3.123   13.571  1.479   1.00 84.78  ? 140 LYS A N     1 
ATOM   1137 C  CA    . LYS A 1 140 ? 4.417   14.089  1.947   1.00 86.93  ? 140 LYS A CA    1 
ATOM   1138 C  C     . LYS A 1 140 ? 5.106   13.140  2.929   1.00 93.46  ? 140 LYS A C     1 
ATOM   1139 O  O     . LYS A 1 140 ? 6.307   12.846  2.820   1.00 94.54  ? 140 LYS A O     1 
ATOM   1140 C  CB    . LYS A 1 140 ? 4.260   15.451  2.611   1.00 81.74  ? 140 LYS A CB    1 
ATOM   1141 C  CG    . LYS A 1 140 ? 5.599   16.116  2.918   1.00 90.60  ? 140 LYS A CG    1 
ATOM   1142 C  CD    . LYS A 1 140 ? 5.535   17.145  4.044   1.00 96.38  ? 140 LYS A CD    1 
ATOM   1143 C  CE    . LYS A 1 140 ? 5.061   16.535  5.364   1.00 100.35 ? 140 LYS A CE    1 
ATOM   1144 N  NZ    . LYS A 1 140 ? 4.937   17.533  6.476   1.00 94.61  ? 140 LYS A NZ    1 
ATOM   1145 N  N     . SER A 1 141 ? 4.343   12.684  3.912   1.00 99.86  ? 141 SER A N     1 
ATOM   1146 C  CA    . SER A 1 141 ? 4.855   11.732  4.888   1.00 104.49 ? 141 SER A CA    1 
ATOM   1147 C  C     . SER A 1 141 ? 3.823   10.630  5.115   1.00 97.10  ? 141 SER A C     1 
ATOM   1148 O  O     . SER A 1 141 ? 2.742   10.878  5.645   1.00 94.11  ? 141 SER A O     1 
ATOM   1149 C  CB    . SER A 1 141 ? 5.240   12.450  6.194   1.00 108.99 ? 141 SER A CB    1 
ATOM   1150 O  OG    . SER A 1 141 ? 5.725   11.541  7.166   1.00 120.75 ? 141 SER A OG    1 
ATOM   1151 N  N     . ILE A 1 142 ? 4.161   9.423   4.673   1.00 94.96  ? 142 ILE A N     1 
ATOM   1152 C  CA    . ILE A 1 142 ? 3.328   8.233   4.862   1.00 104.04 ? 142 ILE A CA    1 
ATOM   1153 C  C     . ILE A 1 142 ? 2.733   8.174   6.290   1.00 111.93 ? 142 ILE A C     1 
ATOM   1154 O  O     . ILE A 1 142 ? 1.518   8.025   6.461   1.00 104.24 ? 142 ILE A O     1 
ATOM   1155 C  CB    . ILE A 1 142 ? 4.132   6.946   4.523   1.00 110.14 ? 142 ILE A CB    1 
ATOM   1156 C  CG1   . ILE A 1 142 ? 4.655   7.008   3.069   1.00 125.81 ? 142 ILE A CG1   1 
ATOM   1157 C  CG2   . ILE A 1 142 ? 3.307   5.687   4.779   1.00 101.42 ? 142 ILE A CG2   1 
ATOM   1158 C  CD1   . ILE A 1 142 ? 5.827   6.086   2.744   1.00 135.65 ? 142 ILE A CD1   1 
ATOM   1159 N  N     . VAL A 1 143 ? 3.590   8.329   7.300   1.00 117.60 ? 143 VAL A N     1 
ATOM   1160 C  CA    . VAL A 1 143 ? 3.193   8.282   8.717   1.00 108.16 ? 143 VAL A CA    1 
ATOM   1161 C  C     . VAL A 1 143 ? 2.061   9.264   9.078   1.00 108.23 ? 143 VAL A C     1 
ATOM   1162 O  O     . VAL A 1 143 ? 0.965   8.844   9.469   1.00 94.21  ? 143 VAL A O     1 
ATOM   1163 C  CB    . VAL A 1 143 ? 4.397   8.574   9.639   1.00 100.10 ? 143 VAL A CB    1 
ATOM   1164 C  CG1   . VAL A 1 143 ? 4.179   7.946   11.005  1.00 91.53  ? 143 VAL A CG1   1 
ATOM   1165 C  CG2   . VAL A 1 143 ? 5.690   8.075   9.010   1.00 103.21 ? 143 VAL A CG2   1 
ATOM   1166 N  N     . THR A 1 144 ? 2.340   10.563  8.945   1.00 108.44 ? 144 THR A N     1 
ATOM   1167 C  CA    . THR A 1 144 ? 1.421   11.625  9.383   1.00 105.31 ? 144 THR A CA    1 
ATOM   1168 C  C     . THR A 1 144 ? 0.220   11.775  8.446   1.00 100.76 ? 144 THR A C     1 
ATOM   1169 O  O     . THR A 1 144 ? -0.920  11.907  8.895   1.00 96.50  ? 144 THR A O     1 
ATOM   1170 C  CB    . THR A 1 144 ? 2.149   12.984  9.539   1.00 108.16 ? 144 THR A CB    1 
ATOM   1171 O  OG1   . THR A 1 144 ? 2.711   13.379  8.279   1.00 101.32 ? 144 THR A OG1   1 
ATOM   1172 C  CG2   . THR A 1 144 ? 3.284   12.892  10.586  1.00 108.90 ? 144 THR A CG2   1 
ATOM   1173 N  N     . ASP A 1 145 ? 0.495   11.719  7.146   1.00 100.73 ? 145 ASP A N     1 
ATOM   1174 C  CA    . ASP A 1 145 ? -0.501  11.975  6.114   1.00 95.05  ? 145 ASP A CA    1 
ATOM   1175 C  C     . ASP A 1 145 ? -1.556  10.891  5.930   1.00 92.11  ? 145 ASP A C     1 
ATOM   1176 O  O     . ASP A 1 145 ? -2.639  11.190  5.440   1.00 101.63 ? 145 ASP A O     1 
ATOM   1177 C  CB    . ASP A 1 145 ? 0.181   12.248  4.768   1.00 92.54  ? 145 ASP A CB    1 
ATOM   1178 C  CG    . ASP A 1 145 ? 0.926   13.572  4.740   1.00 104.59 ? 145 ASP A CG    1 
ATOM   1179 O  OD1   . ASP A 1 145 ? 0.962   14.254  5.794   1.00 108.20 ? 145 ASP A OD1   1 
ATOM   1180 O  OD2   . ASP A 1 145 ? 1.472   13.933  3.662   1.00 105.97 ? 145 ASP A OD2   1 
ATOM   1181 N  N     . LEU A 1 146 ? -1.271  9.651   6.317   1.00 92.08  ? 146 LEU A N     1 
ATOM   1182 C  CA    . LEU A 1 146 ? -2.115  8.540   5.843   1.00 96.90  ? 146 LEU A CA    1 
ATOM   1183 C  C     . LEU A 1 146 ? -3.107  7.834   6.807   1.00 101.14 ? 146 LEU A C     1 
ATOM   1184 O  O     . LEU A 1 146 ? -4.257  7.595   6.425   1.00 98.12  ? 146 LEU A O     1 
ATOM   1185 C  CB    . LEU A 1 146 ? -1.280  7.523   5.066   1.00 104.17 ? 146 LEU A CB    1 
ATOM   1186 C  CG    . LEU A 1 146 ? -2.027  6.744   3.981   1.00 111.18 ? 146 LEU A CG    1 
ATOM   1187 C  CD1   . LEU A 1 146 ? -2.819  7.701   3.101   1.00 114.52 ? 146 LEU A CD1   1 
ATOM   1188 C  CD2   . LEU A 1 146 ? -1.061  5.921   3.145   1.00 109.27 ? 146 LEU A CD2   1 
ATOM   1189 N  N     . PRO A 1 147 ? -2.677  7.474   8.038   1.00 105.08 ? 147 PRO A N     1 
ATOM   1190 C  CA    . PRO A 1 147 ? -3.667  6.914   8.968   1.00 95.56  ? 147 PRO A CA    1 
ATOM   1191 C  C     . PRO A 1 147 ? -4.964  7.750   9.090   1.00 88.60  ? 147 PRO A C     1 
ATOM   1192 O  O     . PRO A 1 147 ? -6.025  7.212   8.809   1.00 82.30  ? 147 PRO A O     1 
ATOM   1193 C  CB    . PRO A 1 147 ? -2.904  6.855   10.294  1.00 95.13  ? 147 PRO A CB    1 
ATOM   1194 C  CG    . PRO A 1 147 ? -1.479  6.697   9.898   1.00 95.62  ? 147 PRO A CG    1 
ATOM   1195 C  CD    . PRO A 1 147 ? -1.314  7.454   8.610   1.00 104.30 ? 147 PRO A CD    1 
ATOM   1196 N  N     . PRO A 1 148 ? -4.878  9.051   9.482   1.00 87.85  ? 148 PRO A N     1 
ATOM   1197 C  CA    . PRO A 1 148 ? -6.071  9.902   9.651   1.00 93.90  ? 148 PRO A CA    1 
ATOM   1198 C  C     . PRO A 1 148 ? -7.083  9.817   8.519   1.00 92.05  ? 148 PRO A C     1 
ATOM   1199 O  O     . PRO A 1 148 ? -8.286  9.844   8.767   1.00 98.91  ? 148 PRO A O     1 
ATOM   1200 C  CB    . PRO A 1 148 ? -5.493  11.324  9.699   1.00 99.01  ? 148 PRO A CB    1 
ATOM   1201 C  CG    . PRO A 1 148 ? -4.133  11.151  10.268  1.00 104.77 ? 148 PRO A CG    1 
ATOM   1202 C  CD    . PRO A 1 148 ? -3.650  9.774   9.879   1.00 96.43  ? 148 PRO A CD    1 
ATOM   1203 N  N     . LEU A 1 149 ? -6.587  9.743   7.293   1.00 89.38  ? 149 LEU A N     1 
ATOM   1204 C  CA    . LEU A 1 149 ? -7.414  9.557   6.117   1.00 88.92  ? 149 LEU A CA    1 
ATOM   1205 C  C     . LEU A 1 149 ? -8.247  8.278   6.230   1.00 93.02  ? 149 LEU A C     1 
ATOM   1206 O  O     . LEU A 1 149 ? -9.431  8.272   5.893   1.00 108.71 ? 149 LEU A O     1 
ATOM   1207 C  CB    . LEU A 1 149 ? -6.505  9.472   4.898   1.00 89.04  ? 149 LEU A CB    1 
ATOM   1208 C  CG    . LEU A 1 149 ? -6.991  9.564   3.457   1.00 86.03  ? 149 LEU A CG    1 
ATOM   1209 C  CD1   . LEU A 1 149 ? -5.762  9.408   2.592   1.00 72.64  ? 149 LEU A CD1   1 
ATOM   1210 C  CD2   . LEU A 1 149 ? -8.040  8.522   3.084   1.00 87.10  ? 149 LEU A CD2   1 
ATOM   1211 N  N     . PHE A 1 150 ? -7.621  7.201   6.703   1.00 90.21  ? 150 PHE A N     1 
ATOM   1212 C  CA    . PHE A 1 150 ? -8.269  5.897   6.828   1.00 87.90  ? 150 PHE A CA    1 
ATOM   1213 C  C     . PHE A 1 150 ? -9.323  5.891   7.922   1.00 84.91  ? 150 PHE A C     1 
ATOM   1214 O  O     . PHE A 1 150 ? -10.408 5.357   7.736   1.00 85.19  ? 150 PHE A O     1 
ATOM   1215 C  CB    . PHE A 1 150 ? -7.226  4.820   7.122   1.00 94.60  ? 150 PHE A CB    1 
ATOM   1216 C  CG    . PHE A 1 150 ? -6.455  4.357   5.908   1.00 104.25 ? 150 PHE A CG    1 
ATOM   1217 C  CD1   . PHE A 1 150 ? -6.240  2.991   5.693   1.00 108.81 ? 150 PHE A CD1   1 
ATOM   1218 C  CD2   . PHE A 1 150 ? -5.945  5.272   4.979   1.00 99.28  ? 150 PHE A CD2   1 
ATOM   1219 C  CE1   . PHE A 1 150 ? -5.529  2.553   4.588   1.00 107.13 ? 150 PHE A CE1   1 
ATOM   1220 C  CE2   . PHE A 1 150 ? -5.234  4.840   3.873   1.00 91.41  ? 150 PHE A CE2   1 
ATOM   1221 C  CZ    . PHE A 1 150 ? -5.026  3.482   3.678   1.00 104.20 ? 150 PHE A CZ    1 
ATOM   1222 N  N     . GLU A 1 151 ? -8.992  6.478   9.066   1.00 90.18  ? 151 GLU A N     1 
ATOM   1223 C  CA    . GLU A 1 151 ? -9.950  6.627   10.157  1.00 97.48  ? 151 GLU A CA    1 
ATOM   1224 C  C     . GLU A 1 151 ? -11.252 7.291   9.679   1.00 93.47  ? 151 GLU A C     1 
ATOM   1225 O  O     . GLU A 1 151 ? -12.326 6.735   9.905   1.00 92.98  ? 151 GLU A O     1 
ATOM   1226 C  CB    . GLU A 1 151 ? -9.354  7.439   11.312  1.00 105.11 ? 151 GLU A CB    1 
ATOM   1227 C  CG    . GLU A 1 151 ? -8.008  6.954   11.835  1.00 120.81 ? 151 GLU A CG    1 
ATOM   1228 C  CD    . GLU A 1 151 ? -7.386  7.926   12.836  1.00 133.16 ? 151 GLU A CD    1 
ATOM   1229 O  OE1   . GLU A 1 151 ? -8.122  8.825   13.336  1.00 152.94 ? 151 GLU A OE1   1 
ATOM   1230 O  OE2   . GLU A 1 151 ? -6.165  7.799   13.131  1.00 127.12 ? 151 GLU A OE2   1 
ATOM   1231 N  N     . SER A 1 152 ? -11.155 8.452   9.012   1.00 88.95  ? 152 SER A N     1 
ATOM   1232 C  CA    . SER A 1 152 ? -12.349 9.237   8.633   1.00 90.85  ? 152 SER A CA    1 
ATOM   1233 C  C     . SER A 1 152 ? -13.324 8.402   7.803   1.00 86.55  ? 152 SER A C     1 
ATOM   1234 O  O     . SER A 1 152 ? -14.534 8.510   7.970   1.00 95.74  ? 152 SER A O     1 
ATOM   1235 C  CB    . SER A 1 152 ? -12.006 10.584  7.955   1.00 88.81  ? 152 SER A CB    1 
ATOM   1236 O  OG    . SER A 1 152 ? -11.948 10.495  6.533   1.00 85.59  ? 152 SER A OG    1 
ATOM   1237 N  N     . PHE A 1 153 ? -12.792 7.544   6.942   1.00 80.75  ? 153 PHE A N     1 
ATOM   1238 C  CA    . PHE A 1 153 ? -13.620 6.608   6.183   1.00 75.65  ? 153 PHE A CA    1 
ATOM   1239 C  C     . PHE A 1 153 ? -14.095 5.472   7.066   1.00 76.54  ? 153 PHE A C     1 
ATOM   1240 O  O     . PHE A 1 153 ? -15.273 5.155   7.040   1.00 77.84  ? 153 PHE A O     1 
ATOM   1241 C  CB    . PHE A 1 153 ? -12.839 6.035   4.999   1.00 69.97  ? 153 PHE A CB    1 
ATOM   1242 C  CG    . PHE A 1 153 ? -13.594 4.996   4.188   1.00 69.31  ? 153 PHE A CG    1 
ATOM   1243 C  CD1   . PHE A 1 153 ? -13.425 3.618   4.432   1.00 71.06  ? 153 PHE A CD1   1 
ATOM   1244 C  CD2   . PHE A 1 153 ? -14.429 5.381   3.129   1.00 65.05  ? 153 PHE A CD2   1 
ATOM   1245 C  CE1   . PHE A 1 153 ? -14.097 2.660   3.662   1.00 63.30  ? 153 PHE A CE1   1 
ATOM   1246 C  CE2   . PHE A 1 153 ? -15.096 4.428   2.357   1.00 59.88  ? 153 PHE A CE2   1 
ATOM   1247 C  CZ    . PHE A 1 153 ? -14.938 3.072   2.629   1.00 58.67  ? 153 PHE A CZ    1 
ATOM   1248 N  N     . TYR A 1 154 ? -13.175 4.862   7.826   1.00 79.78  ? 154 TYR A N     1 
ATOM   1249 C  CA    . TYR A 1 154 ? -13.463 3.660   8.626   1.00 81.64  ? 154 TYR A CA    1 
ATOM   1250 C  C     . TYR A 1 154 ? -14.471 3.911   9.758   1.00 90.31  ? 154 TYR A C     1 
ATOM   1251 O  O     . TYR A 1 154 ? -15.258 3.025   10.109  1.00 100.10 ? 154 TYR A O     1 
ATOM   1252 C  CB    . TYR A 1 154 ? -12.174 3.027   9.184   1.00 80.70  ? 154 TYR A CB    1 
ATOM   1253 C  CG    . TYR A 1 154 ? -11.291 2.299   8.178   1.00 86.19  ? 154 TYR A CG    1 
ATOM   1254 C  CD1   . TYR A 1 154 ? -11.700 2.095   6.850   1.00 91.48  ? 154 TYR A CD1   1 
ATOM   1255 C  CD2   . TYR A 1 154 ? -10.047 1.777   8.563   1.00 94.71  ? 154 TYR A CD2   1 
ATOM   1256 C  CE1   . TYR A 1 154 ? -10.883 1.425   5.925   1.00 102.30 ? 154 TYR A CE1   1 
ATOM   1257 C  CE2   . TYR A 1 154 ? -9.220  1.095   7.651   1.00 98.54  ? 154 TYR A CE2   1 
ATOM   1258 C  CZ    . TYR A 1 154 ? -9.629  0.914   6.325   1.00 103.74 ? 154 TYR A CZ    1 
ATOM   1259 O  OH    . TYR A 1 154 ? -8.804  0.252   5.404   1.00 83.66  ? 154 TYR A OH    1 
ATOM   1260 N  N     . ALA A 1 155 ? -14.449 5.125   10.306  1.00 89.91  ? 155 ALA A N     1 
ATOM   1261 C  CA    . ALA A 1 155 ? -15.339 5.514   11.396  1.00 92.63  ? 155 ALA A CA    1 
ATOM   1262 C  C     . ALA A 1 155 ? -16.639 6.249   10.974  1.00 98.97  ? 155 ALA A C     1 
ATOM   1263 O  O     . ALA A 1 155 ? -17.267 6.916   11.802  1.00 111.52 ? 155 ALA A O     1 
ATOM   1264 C  CB    . ALA A 1 155 ? -14.561 6.343   12.408  1.00 85.63  ? 155 ALA A CB    1 
ATOM   1265 N  N     . SER A 1 156 ? -17.053 6.115   9.712   1.00 95.82  ? 156 SER A N     1 
ATOM   1266 C  CA    . SER A 1 156 ? -18.204 6.872   9.190   1.00 90.85  ? 156 SER A CA    1 
ATOM   1267 C  C     . SER A 1 156 ? -19.090 6.102   8.213   1.00 97.22  ? 156 SER A C     1 
ATOM   1268 O  O     . SER A 1 156 ? -18.801 5.994   7.011   1.00 99.03  ? 156 SER A O     1 
ATOM   1269 C  CB    . SER A 1 156 ? -17.745 8.191   8.559   1.00 92.22  ? 156 SER A CB    1 
ATOM   1270 O  OG    . SER A 1 156 ? -18.764 8.772   7.753   1.00 95.89  ? 156 SER A OG    1 
ATOM   1271 N  N     . GLU A 1 157 ? -20.206 5.615   8.741   1.00 106.30 ? 157 GLU A N     1 
ATOM   1272 C  CA    . GLU A 1 157 ? -21.170 4.820   7.981   1.00 109.39 ? 157 GLU A CA    1 
ATOM   1273 C  C     . GLU A 1 157 ? -21.609 5.578   6.739   1.00 99.06  ? 157 GLU A C     1 
ATOM   1274 O  O     . GLU A 1 157 ? -22.025 4.985   5.743   1.00 97.29  ? 157 GLU A O     1 
ATOM   1275 C  CB    . GLU A 1 157 ? -22.390 4.490   8.856   1.00 131.18 ? 157 GLU A CB    1 
ATOM   1276 C  CG    . GLU A 1 157 ? -22.106 4.368   10.361  1.00 152.54 ? 157 GLU A CG    1 
ATOM   1277 C  CD    . GLU A 1 157 ? -21.261 3.146   10.749  1.00 162.67 ? 157 GLU A CD    1 
ATOM   1278 O  OE1   . GLU A 1 157 ? -20.167 3.341   11.342  1.00 159.66 ? 157 GLU A OE1   1 
ATOM   1279 O  OE2   . GLU A 1 157 ? -21.689 1.995   10.475  1.00 151.27 ? 157 GLU A OE2   1 
ATOM   1280 N  N     . ASP A 1 158 ? -21.460 6.894   6.820   1.00 96.30  ? 158 ASP A N     1 
ATOM   1281 C  CA    . ASP A 1 158 ? -21.939 7.844   5.833   1.00 96.98  ? 158 ASP A CA    1 
ATOM   1282 C  C     . ASP A 1 158 ? -21.130 7.829   4.541   1.00 93.14  ? 158 ASP A C     1 
ATOM   1283 O  O     . ASP A 1 158 ? -21.701 7.861   3.439   1.00 94.55  ? 158 ASP A O     1 
ATOM   1284 C  CB    . ASP A 1 158 ? -21.897 9.244   6.450   1.00 110.24 ? 158 ASP A CB    1 
ATOM   1285 C  CG    . ASP A 1 158 ? -22.984 10.142  5.923   1.00 120.29 ? 158 ASP A CG    1 
ATOM   1286 O  OD1   . ASP A 1 158 ? -24.160 9.958   6.322   1.00 116.55 ? 158 ASP A OD1   1 
ATOM   1287 O  OD2   . ASP A 1 158 ? -22.652 11.044  5.121   1.00 136.94 ? 158 ASP A OD2   1 
ATOM   1288 N  N     . LYS A 1 159 ? -19.805 7.799   4.680   1.00 89.09  ? 159 LYS A N     1 
ATOM   1289 C  CA    . LYS A 1 159 ? -18.896 7.788   3.524   1.00 87.44  ? 159 LYS A CA    1 
ATOM   1290 C  C     . LYS A 1 159 ? -18.913 6.417   2.878   1.00 85.80  ? 159 LYS A C     1 
ATOM   1291 O  O     . LYS A 1 159 ? -18.878 6.294   1.655   1.00 89.66  ? 159 LYS A O     1 
ATOM   1292 C  CB    . LYS A 1 159 ? -17.473 8.134   3.953   1.00 81.49  ? 159 LYS A CB    1 
ATOM   1293 C  CG    . LYS A 1 159 ? -17.328 9.568   4.397   1.00 79.55  ? 159 LYS A CG    1 
ATOM   1294 C  CD    . LYS A 1 159 ? -16.049 9.812   5.159   1.00 75.05  ? 159 LYS A CD    1 
ATOM   1295 C  CE    . LYS A 1 159 ? -15.833 11.312  5.310   1.00 83.77  ? 159 LYS A CE    1 
ATOM   1296 N  NZ    . LYS A 1 159 ? -15.457 11.987  4.025   1.00 89.80  ? 159 LYS A NZ    1 
ATOM   1297 N  N     . ARG A 1 160 ? -18.996 5.395   3.725   1.00 80.34  ? 160 ARG A N     1 
ATOM   1298 C  CA    . ARG A 1 160 ? -19.008 4.006   3.298   1.00 78.49  ? 160 ARG A CA    1 
ATOM   1299 C  C     . ARG A 1 160 ? -20.283 3.590   2.575   1.00 81.74  ? 160 ARG A C     1 
ATOM   1300 O  O     . ARG A 1 160 ? -20.432 2.427   2.193   1.00 88.93  ? 160 ARG A O     1 
ATOM   1301 C  CB    . ARG A 1 160 ? -18.769 3.107   4.503   1.00 72.99  ? 160 ARG A CB    1 
ATOM   1302 C  CG    . ARG A 1 160 ? -17.357 3.236   5.026   1.00 72.86  ? 160 ARG A CG    1 
ATOM   1303 C  CD    . ARG A 1 160 ? -17.298 3.071   6.515   1.00 73.19  ? 160 ARG A CD    1 
ATOM   1304 N  NE    . ARG A 1 160 ? -18.058 1.909   6.898   1.00 83.43  ? 160 ARG A NE    1 
ATOM   1305 C  CZ    . ARG A 1 160 ? -18.353 1.614   8.149   1.00 94.49  ? 160 ARG A CZ    1 
ATOM   1306 N  NH1   . ARG A 1 160 ? -17.930 2.413   9.126   1.00 103.98 ? 160 ARG A NH1   1 
ATOM   1307 N  NH2   . ARG A 1 160 ? -19.071 0.529   8.418   1.00 93.24  ? 160 ARG A NH2   1 
ATOM   1308 N  N     . ARG A 1 161 ? -21.199 4.534   2.388   1.00 81.87  ? 161 ARG A N     1 
ATOM   1309 C  CA    . ARG A 1 161 ? -22.464 4.245   1.733   1.00 81.75  ? 161 ARG A CA    1 
ATOM   1310 C  C     . ARG A 1 161 ? -22.269 4.350   0.223   1.00 77.10  ? 161 ARG A C     1 
ATOM   1311 O  O     . ARG A 1 161 ? -21.844 5.402   -0.288  1.00 72.51  ? 161 ARG A O     1 
ATOM   1312 C  CB    . ARG A 1 161 ? -23.549 5.214   2.220   1.00 88.52  ? 161 ARG A CB    1 
ATOM   1313 C  CG    . ARG A 1 161 ? -24.929 4.585   2.419   1.00 100.49 ? 161 ARG A CG    1 
ATOM   1314 C  CD    . ARG A 1 161 ? -26.048 5.614   2.609   1.00 97.97  ? 161 ARG A CD    1 
ATOM   1315 N  NE    . ARG A 1 161 ? -26.062 6.217   3.947   1.00 104.50 ? 161 ARG A NE    1 
ATOM   1316 C  CZ    . ARG A 1 161 ? -25.740 7.488   4.227   1.00 109.96 ? 161 ARG A CZ    1 
ATOM   1317 N  NH1   . ARG A 1 161 ? -25.367 8.342   3.267   1.00 94.27  ? 161 ARG A NH1   1 
ATOM   1318 N  NH2   . ARG A 1 161 ? -25.799 7.912   5.487   1.00 111.30 ? 161 ARG A NH2   1 
ATOM   1319 N  N     . CYS A 1 162 ? -22.554 3.254   -0.480  1.00 70.62  ? 162 CYS A N     1 
ATOM   1320 C  CA    . CYS A 1 162 ? -22.467 3.225   -1.940  1.00 74.55  ? 162 CYS A CA    1 
ATOM   1321 C  C     . CYS A 1 162 ? -23.504 4.104   -2.683  1.00 85.13  ? 162 CYS A C     1 
ATOM   1322 O  O     . CYS A 1 162 ? -24.718 3.988   -2.443  1.00 87.19  ? 162 CYS A O     1 
ATOM   1323 C  CB    . CYS A 1 162 ? -22.600 1.799   -2.426  1.00 68.84  ? 162 CYS A CB    1 
ATOM   1324 S  SG    . CYS A 1 162 ? -22.714 1.688   -4.218  1.00 75.56  ? 162 CYS A SG    1 
ATOM   1325 N  N     . PRO A 1 163 ? -23.040 4.944   -3.634  1.00 91.11  ? 163 PRO A N     1 
ATOM   1326 C  CA    . PRO A 1 163 ? -23.942 5.857   -4.319  1.00 98.51  ? 163 PRO A CA    1 
ATOM   1327 C  C     . PRO A 1 163 ? -24.645 5.145   -5.473  1.00 104.55 ? 163 PRO A C     1 
ATOM   1328 O  O     . PRO A 1 163 ? -25.052 5.784   -6.463  1.00 106.43 ? 163 PRO A O     1 
ATOM   1329 C  CB    . PRO A 1 163 ? -22.983 6.922   -4.854  1.00 94.14  ? 163 PRO A CB    1 
ATOM   1330 C  CG    . PRO A 1 163 ? -21.762 6.146   -5.202  1.00 95.02  ? 163 PRO A CG    1 
ATOM   1331 C  CD    . PRO A 1 163 ? -21.725 4.930   -4.299  1.00 97.76  ? 163 PRO A CD    1 
ATOM   1332 N  N     . HIS A 1 164 ? -24.759 3.824   -5.344  1.00 106.55 ? 164 HIS A N     1 
ATOM   1333 C  CA    . HIS A 1 164 ? -25.502 3.022   -6.297  1.00 112.55 ? 164 HIS A CA    1 
ATOM   1334 C  C     . HIS A 1 164 ? -26.431 2.079   -5.594  1.00 113.98 ? 164 HIS A C     1 
ATOM   1335 O  O     . HIS A 1 164 ? -27.636 2.329   -5.546  1.00 134.01 ? 164 HIS A O     1 
ATOM   1336 C  CB    . HIS A 1 164 ? -24.571 2.284   -7.237  1.00 117.40 ? 164 HIS A CB    1 
ATOM   1337 C  CG    . HIS A 1 164 ? -25.251 1.771   -8.481  1.00 126.72 ? 164 HIS A CG    1 
ATOM   1338 N  ND1   . HIS A 1 164 ? -25.476 0.455   -8.695  1.00 121.69 ? 164 HIS A ND1   1 
ATOM   1339 C  CD2   . HIS A 1 164 ? -25.765 2.451   -9.591  1.00 123.65 ? 164 HIS A CD2   1 
ATOM   1340 C  CE1   . HIS A 1 164 ? -26.092 0.299   -9.883  1.00 126.94 ? 164 HIS A CE1   1 
ATOM   1341 N  NE2   . HIS A 1 164 ? -26.269 1.523   -10.431 1.00 128.94 ? 164 HIS A NE2   1 
ATOM   1342 N  N     . CYS A 1 165 ? -25.907 0.996   -5.031  1.00 106.72 ? 165 CYS A N     1 
ATOM   1343 C  CA    . CYS A 1 165 ? -26.773 0.067   -4.308  1.00 106.32 ? 165 CYS A CA    1 
ATOM   1344 C  C     . CYS A 1 165 ? -26.869 0.378   -2.803  1.00 113.32 ? 165 CYS A C     1 
ATOM   1345 O  O     . CYS A 1 165 ? -27.294 -0.481  -2.011  1.00 120.00 ? 165 CYS A O     1 
ATOM   1346 C  CB    . CYS A 1 165 ? -26.391 -1.395  -4.585  1.00 107.97 ? 165 CYS A CB    1 
ATOM   1347 S  SG    . CYS A 1 165 ? -25.116 -2.074  -3.502  1.00 112.91 ? 165 CYS A SG    1 
ATOM   1348 N  N     . GLY A 1 166 ? -26.479 1.602   -2.418  1.00 108.57 ? 166 GLY A N     1 
ATOM   1349 C  CA    . GLY A 1 166 ? -26.629 2.109   -1.035  1.00 91.63  ? 166 GLY A CA    1 
ATOM   1350 C  C     . GLY A 1 166 ? -26.174 1.176   0.077   1.00 89.42  ? 166 GLY A C     1 
ATOM   1351 O  O     . GLY A 1 166 ? -26.443 1.421   1.258   1.00 85.18  ? 166 GLY A O     1 
ATOM   1352 N  N     . GLN A 1 167 ? -25.501 0.098   -0.314  1.00 91.55  ? 167 GLN A N     1 
ATOM   1353 C  CA    . GLN A 1 167 ? -24.899 -0.854  0.604   1.00 93.16  ? 167 GLN A CA    1 
ATOM   1354 C  C     . GLN A 1 167 ? -23.662 -0.237  1.279   1.00 98.43  ? 167 GLN A C     1 
ATOM   1355 O  O     . GLN A 1 167 ? -22.867 0.477   0.640   1.00 109.46 ? 167 GLN A O     1 
ATOM   1356 C  CB    . GLN A 1 167 ? -24.609 -2.163  -0.144  1.00 90.51  ? 167 GLN A CB    1 
ATOM   1357 C  CG    . GLN A 1 167 ? -23.206 -2.724  -0.019  1.00 97.36  ? 167 GLN A CG    1 
ATOM   1358 C  CD    . GLN A 1 167 ? -23.030 -3.590  1.199   1.00 103.87 ? 167 GLN A CD    1 
ATOM   1359 O  OE1   . GLN A 1 167 ? -23.584 -3.309  2.263   1.00 113.97 ? 167 GLN A OE1   1 
ATOM   1360 N  NE2   . GLN A 1 167 ? -22.245 -4.652  1.055   1.00 109.57 ? 167 GLN A NE2   1 
ATOM   1361 N  N     . VAL A 1 168 ? -23.528 -0.483  2.584   1.00 97.35  ? 168 VAL A N     1 
ATOM   1362 C  CA    . VAL A 1 168 ? -22.481 0.168   3.393   1.00 92.01  ? 168 VAL A CA    1 
ATOM   1363 C  C     . VAL A 1 168 ? -21.218 -0.671  3.504   1.00 89.14  ? 168 VAL A C     1 
ATOM   1364 O  O     . VAL A 1 168 ? -21.202 -1.718  4.162   1.00 90.03  ? 168 VAL A O     1 
ATOM   1365 C  CB    . VAL A 1 168 ? -22.984 0.626   4.790   1.00 87.08  ? 168 VAL A CB    1 
ATOM   1366 C  CG1   . VAL A 1 168 ? -21.844 0.679   5.798   1.00 79.15  ? 168 VAL A CG1   1 
ATOM   1367 C  CG2   . VAL A 1 168 ? -23.659 1.992   4.686   1.00 82.53  ? 168 VAL A CG2   1 
ATOM   1368 N  N     . HIS A 1 169 ? -20.171 -0.192  2.838   1.00 80.73  ? 169 HIS A N     1 
ATOM   1369 C  CA    . HIS A 1 169 ? -18.873 -0.822  2.863   1.00 79.21  ? 169 HIS A CA    1 
ATOM   1370 C  C     . HIS A 1 169 ? -18.397 -0.892  4.295   1.00 81.63  ? 169 HIS A C     1 
ATOM   1371 O  O     . HIS A 1 169 ? -18.514 0.086   5.042   1.00 77.70  ? 169 HIS A O     1 
ATOM   1372 C  CB    . HIS A 1 169 ? -17.937 -0.022  1.964   1.00 83.40  ? 169 HIS A CB    1 
ATOM   1373 C  CG    . HIS A 1 169 ? -16.499 -0.514  1.929   1.00 77.16  ? 169 HIS A CG    1 
ATOM   1374 N  ND1   . HIS A 1 169 ? -15.716 -0.566  3.024   1.00 73.59  ? 169 HIS A ND1   1 
ATOM   1375 C  CD2   . HIS A 1 169 ? -15.699 -0.906  0.856   1.00 72.46  ? 169 HIS A CD2   1 
ATOM   1376 C  CE1   . HIS A 1 169 ? -14.497 -1.000  2.680   1.00 72.60  ? 169 HIS A CE1   1 
ATOM   1377 N  NE2   . HIS A 1 169 ? -14.485 -1.206  1.350   1.00 75.65  ? 169 HIS A NE2   1 
ATOM   1378 N  N     . PRO A 1 170 ? -17.902 -2.078  4.702   1.00 82.29  ? 170 PRO A N     1 
ATOM   1379 C  CA    . PRO A 1 170 ? -17.393 -2.500  6.016   1.00 83.32  ? 170 PRO A CA    1 
ATOM   1380 C  C     . PRO A 1 170 ? -16.243 -1.694  6.612   1.00 86.31  ? 170 PRO A C     1 
ATOM   1381 O  O     . PRO A 1 170 ? -16.175 -1.538  7.829   1.00 89.89  ? 170 PRO A O     1 
ATOM   1382 C  CB    . PRO A 1 170 ? -16.899 -3.930  5.754   1.00 86.56  ? 170 PRO A CB    1 
ATOM   1383 C  CG    . PRO A 1 170 ? -16.848 -4.078  4.258   1.00 85.72  ? 170 PRO A CG    1 
ATOM   1384 C  CD    . PRO A 1 170 ? -17.977 -3.225  3.783   1.00 81.03  ? 170 PRO A CD    1 
ATOM   1385 N  N     . GLY A 1 171 ? -15.319 -1.234  5.778   1.00 94.58  ? 171 GLY A N     1 
ATOM   1386 C  CA    . GLY A 1 171 ? -14.203 -0.419  6.256   1.00 112.37 ? 171 GLY A CA    1 
ATOM   1387 C  C     . GLY A 1 171 ? -13.123 -1.196  6.996   1.00 130.66 ? 171 GLY A C     1 
ATOM   1388 O  O     . GLY A 1 171 ? -11.959 -1.180  6.594   1.00 131.85 ? 171 GLY A O     1 
ATOM   1389 N  N     . ARG A 1 172 ? -13.497 -1.876  8.079   1.00 143.16 ? 172 ARG A N     1 
ATOM   1390 C  CA    . ARG A 1 172 ? -12.535 -2.652  8.869   1.00 152.91 ? 172 ARG A CA    1 
ATOM   1391 C  C     . ARG A 1 172 ? -11.804 -3.745  8.058   1.00 158.92 ? 172 ARG A C     1 
ATOM   1392 O  O     . ARG A 1 172 ? -10.632 -3.575  7.683   1.00 144.94 ? 172 ARG A O     1 
ATOM   1393 C  CB    . ARG A 1 172 ? -13.204 -3.220  10.135  1.00 152.37 ? 172 ARG A CB    1 
ATOM   1394 C  CG    . ARG A 1 172 ? -12.283 -3.954  11.119  1.00 162.94 ? 172 ARG A CG    1 
ATOM   1395 C  CD    . ARG A 1 172 ? -10.959 -3.241  11.425  1.00 165.56 ? 172 ARG A CD    1 
ATOM   1396 N  NE    . ARG A 1 172 ? -11.094 -1.813  11.750  1.00 159.26 ? 172 ARG A NE    1 
ATOM   1397 C  CZ    . ARG A 1 172 ? -10.603 -0.814  11.011  1.00 144.35 ? 172 ARG A CZ    1 
ATOM   1398 N  NH1   . ARG A 1 172 ? -9.932  -1.068  9.892   1.00 126.73 ? 172 ARG A NH1   1 
ATOM   1399 N  NH2   . ARG A 1 172 ? -10.775 0.443   11.396  1.00 136.90 ? 172 ARG A NH2   1 
ATOM   1400 N  N     . ALA A 1 173 ? -12.500 -4.849  7.789   1.00 160.34 ? 173 ALA A N     1 
ATOM   1401 C  CA    . ALA A 1 173 ? -11.921 -5.983  7.069   1.00 173.05 ? 173 ALA A CA    1 
ATOM   1402 C  C     . ALA A 1 173 ? -13.001 -6.788  6.313   1.00 185.28 ? 173 ALA A C     1 
ATOM   1403 O  O     . ALA A 1 173 ? -14.045 -6.230  5.952   1.00 171.45 ? 173 ALA A O     1 
ATOM   1404 C  CB    . ALA A 1 173 ? -11.122 -6.867  8.025   1.00 180.19 ? 173 ALA A CB    1 
ATOM   1405 N  N     . ALA A 1 174 ? -12.738 -8.080  6.067   1.00 204.62 ? 174 ALA A N     1 
ATOM   1406 C  CA    . ALA A 1 174 ? -13.665 -8.983  5.345   1.00 194.55 ? 174 ALA A CA    1 
ATOM   1407 C  C     . ALA A 1 174 ? -13.558 -10.451 5.813   1.00 181.48 ? 174 ALA A C     1 
ATOM   1408 O  O     . ALA A 1 174 ? -14.254 -11.334 5.287   1.00 155.31 ? 174 ALA A O     1 
ATOM   1409 C  CB    . ALA A 1 174 ? -13.441 -8.883  3.831   1.00 189.50 ? 174 ALA A CB    1 
HETATM 1410 FE FE    . FE  B 2 .   ? 0.680   1.868   -3.869  1.00 61.55  ? 201 FE  A FE    1 
HETATM 1411 FE FE    . FE  C 2 .   ? -22.939 -0.727  -4.395  1.00 78.34  ? 202 FE  A FE    1 
HETATM 1412 C  "C1'" . SAL D 3 .   ? 2.142   2.805   -1.826  1.00 111.73 ? 203 SAL A "C1'" 1 
HETATM 1413 O  "O1'" . SAL D 3 .   ? 2.780   3.126   -2.859  1.00 105.90 ? 203 SAL A "O1'" 1 
HETATM 1414 O  "O2'" . SAL D 3 .   ? 1.502   3.694   -1.193  1.00 114.04 ? 203 SAL A "O2'" 1 
HETATM 1415 C  C1    . SAL D 3 .   ? 2.188   1.352   -1.369  1.00 103.17 ? 203 SAL A C1    1 
HETATM 1416 C  C2    . SAL D 3 .   ? 1.104   0.365   -1.633  1.00 102.59 ? 203 SAL A C2    1 
HETATM 1417 C  C3    . SAL D 3 .   ? 1.259   -0.946  -1.166  1.00 118.22 ? 203 SAL A C3    1 
HETATM 1418 C  C4    . SAL D 3 .   ? 2.390   -1.367  -0.460  1.00 108.42 ? 203 SAL A C4    1 
HETATM 1419 C  C5    . SAL D 3 .   ? 3.399   -0.438  -0.215  1.00 112.75 ? 203 SAL A C5    1 
HETATM 1420 C  C6    . SAL D 3 .   ? 3.301   0.888   -0.660  1.00 109.01 ? 203 SAL A C6    1 
HETATM 1421 O  O2    . SAL D 3 .   ? -0.036  0.708   -2.298  1.00 96.58  ? 203 SAL A O2    1 
HETATM 1422 O  O     . HOH E 4 .   ? 19.250  2.679   7.821   1.00 71.53  ? 301 HOH A O     1 
HETATM 1423 O  O     . HOH E 4 .   ? 9.651   5.789   8.744   1.00 85.88  ? 302 HOH A O     1 
HETATM 1424 O  O     . HOH E 4 .   ? 25.791  -5.320  7.996   1.00 64.12  ? 303 HOH A O     1 
HETATM 1425 O  O     . HOH E 4 .   ? -22.141 -0.207  -1.648  1.00 90.88  ? 304 HOH A O     1 
HETATM 1426 O  O     . HOH E 4 .   ? -25.774 5.015   7.219   1.00 81.06  ? 305 HOH A O     1 
# 
